data_5HUD
#
_entry.id   5HUD
#
_cell.length_a   117.622
_cell.length_b   110.481
_cell.length_c   134.652
_cell.angle_alpha   90.00
_cell.angle_beta   101.41
_cell.angle_gamma   90.00
#
_symmetry.space_group_name_H-M   'P 1 21 1'
#
loop_
_entity.id
_entity.type
_entity.pdbx_description
1 polymer '3-Deoxy-D-arabino-heptulosonate 7-phosphate (DAHP) synthase'
2 polymer 'Chorismate mutase'
3 non-polymer GLYCEROL
4 non-polymer DI(HYDROXYETHYL)ETHER
5 non-polymer 'TRIETHYLENE GLYCOL'
6 non-polymer 'MANGANESE (II) ION'
7 non-polymer 'PHOSPHATE ION'
8 non-polymer TRYPTOPHAN
9 non-polymer 'TETRAETHYLENE GLYCOL'
10 non-polymer '8-HYDROXY-2-OXA-BICYCLO[3.3.1]NON-6-ENE-3,5-DICARBOXYLIC ACID'
11 water water
#
loop_
_entity_poly.entity_id
_entity_poly.type
_entity_poly.pdbx_seq_one_letter_code
_entity_poly.pdbx_strand_id
1 'polypeptide(L)'
;MHHHHHHSSGMSWTVDIPKEVLPDLPPLPEGMQQQFEDTISRDAKQQPTWDRAQAENVRKILESVPPIVVAPEVLELKQK
LADVANGKAFLLQGGDCAETFESNTEPHIRANVKTLLQMAVVLTYGASTPVIKMARIAGQYAKPRSSDLDGNGLPNYRGD
IVNGVEATPEARRHDPARMIRAYANASAAMNLVRALTSSGTADLYRLSEWNREFVANSPAGARYEALAREIDSGLRFMEA
CGVSDESLRAADIYCSHEALLVDYERSMLRLATDEEGNEELYDLSAHQLWIGERTRGMDDFHVNFASMISNPIGIKIGPG
ITPEEAVAYADKLDPNFEPGRLTIVARMGHDKVRSVLPGVIQAVEASGHKVIWQSDPMHGNTFTASNGYKTRHFDKVIDE
VQGFFEVHRALGTHPGGIHIEFTGEDVTECLGGAEDITDVDLPGRYESACDPRLNTQQSLELAFLVAEMLRN
;
A,B,C,D
2 'polypeptide(L)'
;MPSGTDDPLSDAEIQKYREEINRLDREILDAVKRRTKISQTIGKTRMSSGGTRLVHTREVAIINQFREEIGEEGPALAGI
LLRMGRGKLG
;
E,F,G,H
#
loop_
_chem_comp.id
_chem_comp.type
_chem_comp.name
_chem_comp.formula
GOL non-polymer GLYCEROL 'C3 H8 O3'
MN non-polymer 'MANGANESE (II) ION' 'Mn 2'
PEG non-polymer DI(HYDROXYETHYL)ETHER 'C4 H10 O3'
PG4 non-polymer 'TETRAETHYLENE GLYCOL' 'C8 H18 O5'
PGE non-polymer 'TRIETHYLENE GLYCOL' 'C6 H14 O4'
PO4 non-polymer 'PHOSPHATE ION' 'O4 P -3'
TSA non-polymer '8-HYDROXY-2-OXA-BICYCLO[3.3.1]NON-6-ENE-3,5-DICARBOXYLIC ACID' 'C10 H12 O6'
#
# COMPACT_ATOMS: atom_id res chain seq x y z
N PRO A 29 -24.06 -28.76 -21.52
CA PRO A 29 -24.53 -29.07 -22.87
C PRO A 29 -25.40 -27.96 -23.52
N GLU A 30 -24.85 -26.74 -23.63
CA GLU A 30 -25.60 -25.58 -24.15
C GLU A 30 -25.86 -25.65 -25.68
N GLY A 31 -26.64 -24.73 -26.24
CA GLY A 31 -26.76 -24.53 -27.70
C GLY A 31 -25.48 -24.29 -28.52
N MET A 32 -24.33 -24.21 -27.85
CA MET A 32 -22.99 -24.39 -28.49
C MET A 32 -22.63 -25.86 -28.83
N GLN A 33 -23.48 -26.84 -28.47
CA GLN A 33 -23.25 -28.27 -28.74
C GLN A 33 -22.94 -28.53 -30.21
N GLN A 34 -23.55 -27.74 -31.09
CA GLN A 34 -23.29 -27.83 -32.53
C GLN A 34 -21.82 -27.57 -32.89
N GLN A 35 -21.17 -26.59 -32.25
CA GLN A 35 -19.72 -26.35 -32.41
C GLN A 35 -18.86 -27.54 -31.98
N PHE A 36 -19.20 -28.09 -30.82
CA PHE A 36 -18.51 -29.27 -30.28
C PHE A 36 -18.61 -30.50 -31.19
N GLU A 37 -19.83 -30.82 -31.61
CA GLU A 37 -20.12 -31.91 -32.55
C GLU A 37 -19.25 -31.81 -33.81
N ASP A 38 -19.14 -30.59 -34.33
CA ASP A 38 -18.34 -30.30 -35.52
C ASP A 38 -16.87 -30.58 -35.21
N THR A 39 -16.38 -30.14 -34.05
CA THR A 39 -14.98 -30.35 -33.67
C THR A 39 -14.59 -31.82 -33.55
N ILE A 40 -15.28 -32.59 -32.72
CA ILE A 40 -14.92 -34.02 -32.52
C ILE A 40 -15.12 -34.91 -33.75
N SER A 41 -15.96 -34.48 -34.70
CA SER A 41 -16.10 -35.22 -35.95
C SER A 41 -14.95 -34.98 -36.93
N ARG A 42 -14.02 -34.09 -36.60
CA ARG A 42 -12.90 -33.74 -37.48
C ARG A 42 -11.77 -34.74 -37.31
N ASP A 43 -11.00 -34.91 -38.36
CA ASP A 43 -9.79 -35.70 -38.28
C ASP A 43 -8.80 -35.01 -37.35
N ALA A 44 -8.12 -35.82 -36.54
CA ALA A 44 -7.08 -35.36 -35.64
C ALA A 44 -5.81 -36.15 -35.93
N LYS A 45 -4.69 -35.49 -36.21
CA LYS A 45 -3.43 -36.23 -36.36
C LYS A 45 -2.83 -36.48 -35.00
N GLN A 46 -1.82 -37.33 -34.96
CA GLN A 46 -0.95 -37.53 -33.78
C GLN A 46 -1.62 -38.15 -32.56
N GLN A 47 -2.72 -38.87 -32.78
CA GLN A 47 -3.39 -39.53 -31.67
C GLN A 47 -2.81 -40.91 -31.40
N PRO A 48 -3.11 -41.47 -30.22
CA PRO A 48 -2.84 -42.89 -29.99
C PRO A 48 -3.82 -43.79 -30.74
N THR A 49 -3.41 -45.02 -30.99
CA THR A 49 -4.31 -46.14 -31.26
C THR A 49 -4.51 -46.95 -29.99
N TRP A 50 -5.53 -46.58 -29.19
CA TRP A 50 -5.93 -47.36 -28.01
C TRP A 50 -7.44 -47.72 -28.01
N ASP A 51 -7.83 -48.64 -27.13
CA ASP A 51 -9.24 -49.07 -26.95
C ASP A 51 -10.14 -47.89 -26.60
N ARG A 52 -10.95 -47.46 -27.58
CA ARG A 52 -11.85 -46.30 -27.42
C ARG A 52 -12.86 -46.40 -26.28
N ALA A 53 -13.31 -47.61 -25.96
CA ALA A 53 -14.31 -47.80 -24.88
C ALA A 53 -13.71 -47.48 -23.51
N GLN A 54 -12.50 -48.00 -23.32
CA GLN A 54 -11.69 -47.73 -22.15
C GLN A 54 -11.31 -46.25 -22.05
N ALA A 55 -10.97 -45.64 -23.19
CA ALA A 55 -10.66 -44.20 -23.25
C ALA A 55 -11.84 -43.36 -22.83
N GLU A 56 -13.04 -43.78 -23.25
CA GLU A 56 -14.29 -43.10 -22.94
C GLU A 56 -14.58 -43.14 -21.44
N ASN A 57 -14.29 -44.26 -20.80
CA ASN A 57 -14.46 -44.38 -19.34
C ASN A 57 -13.43 -43.57 -18.52
N VAL A 58 -12.26 -43.32 -19.10
CA VAL A 58 -11.25 -42.47 -18.48
C VAL A 58 -11.65 -41.01 -18.62
N ARG A 59 -12.25 -40.65 -19.76
CA ARG A 59 -12.85 -39.30 -19.92
C ARG A 59 -13.95 -39.00 -18.90
N LYS A 60 -14.84 -39.97 -18.67
CA LYS A 60 -15.95 -39.80 -17.73
C LYS A 60 -15.43 -39.61 -16.31
N ILE A 61 -14.37 -40.34 -15.96
CA ILE A 61 -13.69 -40.13 -14.69
C ILE A 61 -13.09 -38.72 -14.58
N LEU A 62 -12.35 -38.29 -15.59
CA LEU A 62 -11.72 -36.98 -15.58
C LEU A 62 -12.71 -35.82 -15.81
N GLU A 63 -13.95 -36.11 -16.22
CA GLU A 63 -14.96 -35.05 -16.33
C GLU A 63 -15.44 -34.54 -14.98
N SER A 64 -15.26 -35.35 -13.93
CA SER A 64 -15.68 -35.02 -12.57
C SER A 64 -14.56 -34.56 -11.63
N VAL A 65 -13.30 -34.65 -12.05
CA VAL A 65 -12.17 -34.29 -11.15
C VAL A 65 -11.99 -32.74 -11.07
N PRO A 66 -11.33 -32.26 -10.02
CA PRO A 66 -11.06 -30.84 -9.97
C PRO A 66 -10.16 -30.38 -11.13
N PRO A 67 -10.44 -29.19 -11.68
CA PRO A 67 -9.61 -28.71 -12.78
C PRO A 67 -8.20 -28.33 -12.31
N ILE A 68 -7.31 -28.13 -13.27
CA ILE A 68 -5.94 -27.74 -12.97
C ILE A 68 -5.89 -26.25 -12.61
N VAL A 69 -6.71 -25.47 -13.31
CA VAL A 69 -6.85 -24.03 -13.11
C VAL A 69 -8.34 -23.70 -13.10
N VAL A 70 -8.72 -22.57 -12.49
CA VAL A 70 -10.12 -22.15 -12.48
C VAL A 70 -10.32 -21.02 -13.47
N ALA A 71 -11.53 -20.85 -13.97
CA ALA A 71 -11.77 -19.91 -15.07
C ALA A 71 -11.39 -18.43 -14.75
N PRO A 72 -11.67 -17.94 -13.53
CA PRO A 72 -11.21 -16.55 -13.20
C PRO A 72 -9.71 -16.28 -13.41
N GLU A 73 -8.88 -17.32 -13.20
CA GLU A 73 -7.46 -17.23 -13.50
C GLU A 73 -7.24 -17.06 -14.98
N VAL A 74 -7.96 -17.83 -15.79
CA VAL A 74 -7.85 -17.71 -17.22
C VAL A 74 -8.26 -16.29 -17.69
N LEU A 75 -9.32 -15.74 -17.11
CA LEU A 75 -9.76 -14.37 -17.44
C LEU A 75 -8.70 -13.36 -17.05
N GLU A 76 -8.08 -13.56 -15.89
CA GLU A 76 -7.00 -12.67 -15.49
C GLU A 76 -5.81 -12.77 -16.48
N LEU A 77 -5.40 -13.98 -16.85
CA LEU A 77 -4.34 -14.14 -17.88
C LEU A 77 -4.72 -13.41 -19.16
N LYS A 78 -5.97 -13.54 -19.60
CA LYS A 78 -6.38 -12.87 -20.81
C LYS A 78 -6.28 -11.33 -20.79
N GLN A 79 -6.41 -10.68 -19.64
CA GLN A 79 -6.21 -9.24 -19.59
C GLN A 79 -4.70 -8.92 -19.64
N LYS A 80 -3.90 -9.76 -19.00
CA LYS A 80 -2.45 -9.64 -19.05
C LYS A 80 -1.90 -9.81 -20.48
N LEU A 81 -2.49 -10.73 -21.25
CA LEU A 81 -2.05 -11.04 -22.60
C LEU A 81 -2.50 -9.97 -23.60
N ALA A 82 -3.62 -9.32 -23.33
CA ALA A 82 -3.98 -8.10 -24.06
C ALA A 82 -2.91 -7.01 -23.82
N ASP A 83 -2.44 -6.86 -22.59
CA ASP A 83 -1.33 -5.94 -22.27
C ASP A 83 -0.07 -6.24 -23.08
N VAL A 84 0.23 -7.54 -23.24
CA VAL A 84 1.39 -7.97 -24.01
C VAL A 84 1.22 -7.57 -25.47
N ALA A 85 0.08 -7.94 -26.04
CA ALA A 85 -0.18 -7.68 -27.47
C ALA A 85 -0.29 -6.19 -27.75
N ASN A 86 -0.76 -5.39 -26.78
CA ASN A 86 -0.86 -3.94 -26.97
C ASN A 86 0.46 -3.19 -26.77
N GLY A 87 1.54 -3.90 -26.44
CA GLY A 87 2.87 -3.31 -26.36
C GLY A 87 3.25 -2.87 -24.96
N LYS A 88 2.46 -3.25 -23.97
CA LYS A 88 2.62 -2.79 -22.60
C LYS A 88 3.18 -3.86 -21.67
N ALA A 89 3.56 -5.01 -22.24
CA ALA A 89 4.06 -6.15 -21.46
C ALA A 89 4.76 -7.20 -22.35
N PHE A 90 5.40 -8.19 -21.73
CA PHE A 90 6.21 -9.18 -22.43
C PHE A 90 5.95 -10.59 -21.89
N LEU A 91 5.83 -11.56 -22.79
CA LEU A 91 5.50 -12.95 -22.42
C LEU A 91 6.74 -13.85 -22.40
N LEU A 92 7.10 -14.34 -21.21
CA LEU A 92 8.12 -15.37 -21.02
C LEU A 92 7.44 -16.72 -20.78
N GLN A 93 7.73 -17.67 -21.67
CA GLN A 93 7.17 -19.01 -21.59
C GLN A 93 8.30 -19.99 -21.75
N GLY A 94 8.27 -21.06 -20.96
CA GLY A 94 9.30 -22.09 -21.06
C GLY A 94 9.34 -23.12 -19.94
N GLY A 95 10.23 -24.09 -20.11
CA GLY A 95 10.29 -25.26 -19.25
C GLY A 95 10.67 -26.50 -20.05
N ASP A 96 10.47 -27.68 -19.47
CA ASP A 96 10.88 -28.91 -20.13
C ASP A 96 10.22 -29.04 -21.50
N CYS A 97 10.94 -29.67 -22.42
CA CYS A 97 10.34 -30.05 -23.72
C CYS A 97 9.22 -31.06 -23.47
N ALA A 98 9.52 -32.11 -22.73
CA ALA A 98 8.53 -33.09 -22.29
C ALA A 98 8.69 -33.31 -20.82
N GLU A 99 7.65 -33.03 -20.04
CA GLU A 99 7.61 -33.47 -18.65
C GLU A 99 7.46 -35.00 -18.60
N THR A 100 7.97 -35.61 -17.52
CA THR A 100 7.78 -37.04 -17.27
C THR A 100 7.36 -37.28 -15.83
N PHE A 101 6.76 -38.44 -15.58
CA PHE A 101 6.29 -38.80 -14.24
C PHE A 101 7.48 -39.00 -13.29
N GLU A 102 8.52 -39.68 -13.79
CA GLU A 102 9.80 -39.87 -13.07
C GLU A 102 10.45 -38.54 -12.64
N SER A 103 10.41 -37.53 -13.51
CA SER A 103 10.99 -36.21 -13.25
C SER A 103 10.07 -35.21 -12.54
N ASN A 104 8.79 -35.53 -12.36
CA ASN A 104 7.82 -34.66 -11.69
C ASN A 104 8.04 -34.65 -10.18
N THR A 105 9.17 -34.13 -9.75
CA THR A 105 9.57 -34.17 -8.35
C THR A 105 9.75 -32.76 -7.83
N GLU A 106 9.77 -32.62 -6.51
CA GLU A 106 9.89 -31.33 -5.88
C GLU A 106 11.18 -30.66 -6.37
N PRO A 107 12.34 -31.33 -6.25
CA PRO A 107 13.57 -30.63 -6.70
C PRO A 107 13.53 -30.15 -8.14
N HIS A 108 13.01 -30.99 -9.03
CA HIS A 108 12.99 -30.64 -10.44
C HIS A 108 12.02 -29.50 -10.77
N ILE A 109 10.84 -29.53 -10.16
CA ILE A 109 9.84 -28.49 -10.39
C ILE A 109 10.36 -27.18 -9.79
N ARG A 110 11.00 -27.25 -8.64
CA ARG A 110 11.53 -26.06 -7.97
C ARG A 110 12.61 -25.40 -8.80
N ALA A 111 13.50 -26.22 -9.37
CA ALA A 111 14.58 -25.73 -10.23
C ALA A 111 14.05 -25.00 -11.47
N ASN A 112 13.09 -25.59 -12.17
CA ASN A 112 12.49 -24.94 -13.34
C ASN A 112 11.74 -23.67 -13.00
N VAL A 113 11.03 -23.69 -11.87
CA VAL A 113 10.30 -22.52 -11.37
C VAL A 113 11.26 -21.39 -11.02
N LYS A 114 12.30 -21.70 -10.24
CA LYS A 114 13.35 -20.73 -9.93
C LYS A 114 13.96 -20.11 -11.18
N THR A 115 14.37 -20.96 -12.11
CA THR A 115 15.01 -20.52 -13.34
C THR A 115 14.10 -19.58 -14.11
N LEU A 116 12.82 -19.96 -14.25
CA LEU A 116 11.85 -19.12 -14.95
C LEU A 116 11.68 -17.74 -14.29
N LEU A 117 11.68 -17.72 -12.96
CA LEU A 117 11.51 -16.48 -12.19
C LEU A 117 12.73 -15.60 -12.27
N GLN A 118 13.91 -16.23 -12.13
CA GLN A 118 15.19 -15.53 -12.28
C GLN A 118 15.29 -14.86 -13.63
N MET A 119 14.93 -15.60 -14.68
CA MET A 119 14.92 -15.04 -16.04
C MET A 119 13.97 -13.88 -16.15
N ALA A 120 12.79 -13.99 -15.52
CA ALA A 120 11.79 -12.95 -15.58
C ALA A 120 12.24 -11.62 -14.95
N VAL A 121 13.01 -11.68 -13.88
CA VAL A 121 13.49 -10.44 -13.23
C VAL A 121 14.38 -9.64 -14.19
N VAL A 122 15.29 -10.34 -14.84
CA VAL A 122 16.23 -9.73 -15.76
C VAL A 122 15.50 -9.19 -17.00
N LEU A 123 14.53 -9.96 -17.51
CA LEU A 123 13.70 -9.52 -18.66
C LEU A 123 12.80 -8.31 -18.34
N THR A 124 12.25 -8.27 -17.13
CA THR A 124 11.47 -7.15 -16.65
C THR A 124 12.28 -5.84 -16.63
N TYR A 125 13.52 -5.91 -16.13
CA TYR A 125 14.40 -4.75 -16.11
C TYR A 125 14.74 -4.31 -17.52
N GLY A 126 14.92 -5.27 -18.45
CA GLY A 126 15.25 -4.95 -19.83
C GLY A 126 14.09 -4.42 -20.65
N ALA A 127 12.92 -4.99 -20.44
CA ALA A 127 11.72 -4.58 -21.18
C ALA A 127 11.17 -3.25 -20.69
N SER A 128 11.43 -2.93 -19.41
CA SER A 128 10.77 -1.81 -18.76
C SER A 128 9.24 -2.02 -18.75
N THR A 129 8.81 -3.29 -18.73
CA THR A 129 7.39 -3.67 -18.71
C THR A 129 7.25 -4.91 -17.89
N PRO A 130 6.03 -5.17 -17.37
CA PRO A 130 5.86 -6.44 -16.67
C PRO A 130 6.05 -7.66 -17.60
N VAL A 131 6.54 -8.74 -17.01
CA VAL A 131 6.73 -10.01 -17.72
C VAL A 131 5.68 -11.02 -17.27
N ILE A 132 4.94 -11.54 -18.22
CA ILE A 132 3.95 -12.56 -17.92
C ILE A 132 4.69 -13.91 -18.01
N LYS A 133 4.62 -14.68 -16.93
CA LYS A 133 5.45 -15.86 -16.75
C LYS A 133 4.58 -17.09 -16.95
N MET A 134 4.91 -17.88 -17.96
CA MET A 134 4.09 -19.00 -18.37
C MET A 134 4.96 -20.24 -18.46
N ALA A 135 4.63 -21.26 -17.67
CA ALA A 135 5.47 -22.43 -17.53
C ALA A 135 4.95 -23.55 -18.43
N ARG A 136 5.88 -24.26 -19.09
CA ARG A 136 5.56 -25.52 -19.79
C ARG A 136 5.58 -26.50 -18.67
N ILE A 137 4.42 -26.72 -18.05
CA ILE A 137 4.37 -27.51 -16.84
C ILE A 137 2.94 -27.97 -16.59
N ALA A 138 2.79 -29.03 -15.81
CA ALA A 138 1.49 -29.56 -15.40
C ALA A 138 0.58 -29.98 -16.57
N GLY A 139 1.13 -30.69 -17.55
CA GLY A 139 0.34 -31.09 -18.73
C GLY A 139 1.11 -31.42 -20.00
N GLN A 140 2.38 -31.03 -20.07
CA GLN A 140 3.21 -31.25 -21.25
C GLN A 140 3.74 -32.70 -21.27
N TYR A 141 2.79 -33.62 -21.41
CA TYR A 141 3.01 -35.06 -21.33
C TYR A 141 2.75 -35.77 -22.65
N ALA A 142 2.41 -35.03 -23.70
CA ALA A 142 2.18 -35.59 -25.02
C ALA A 142 3.13 -34.95 -26.02
N LYS A 143 3.68 -35.77 -26.92
CA LYS A 143 4.55 -35.28 -27.98
C LYS A 143 4.15 -35.84 -29.36
N PRO A 144 4.35 -35.04 -30.42
CA PRO A 144 4.11 -35.55 -31.77
C PRO A 144 5.32 -36.34 -32.30
N ARG A 145 5.06 -37.24 -33.25
CA ARG A 145 6.08 -38.04 -33.93
C ARG A 145 5.80 -38.18 -35.43
N SER A 146 6.83 -38.57 -36.18
CA SER A 146 6.73 -38.84 -37.63
C SER A 146 5.64 -39.87 -37.96
N SER A 147 5.77 -41.11 -37.46
CA SER A 147 4.64 -42.07 -37.44
C SER A 147 4.95 -43.39 -36.71
N ASP A 148 4.94 -43.36 -35.38
CA ASP A 148 5.21 -44.54 -34.50
C ASP A 148 6.00 -45.70 -35.17
N LEU A 149 7.17 -45.35 -35.75
CA LEU A 149 8.04 -46.30 -36.47
C LEU A 149 9.28 -46.77 -35.66
N ASP A 150 9.52 -48.08 -35.68
CA ASP A 150 10.70 -48.69 -35.07
C ASP A 150 10.85 -50.11 -35.64
N GLY A 151 11.96 -50.77 -35.32
CA GLY A 151 12.21 -52.14 -35.77
C GLY A 151 11.49 -53.22 -34.95
N ASN A 152 11.96 -53.42 -33.72
CA ASN A 152 11.49 -54.49 -32.79
C ASN A 152 10.34 -54.00 -31.88
N GLY A 153 10.64 -52.95 -31.10
CA GLY A 153 9.65 -52.23 -30.29
C GLY A 153 9.03 -51.15 -31.16
N LEU A 154 8.23 -51.60 -32.14
CA LEU A 154 7.66 -50.77 -33.21
C LEU A 154 7.10 -49.42 -32.70
N PRO A 155 6.28 -49.43 -31.62
CA PRO A 155 5.65 -48.15 -31.26
C PRO A 155 6.65 -47.20 -30.57
N ASN A 156 6.83 -46.02 -31.17
CA ASN A 156 7.64 -44.97 -30.57
C ASN A 156 6.97 -44.38 -29.35
N TYR A 157 7.82 -43.88 -28.45
CA TYR A 157 7.39 -43.12 -27.28
C TYR A 157 6.64 -41.85 -27.74
N ARG A 158 5.42 -41.66 -27.24
CA ARG A 158 4.58 -40.50 -27.62
C ARG A 158 4.36 -39.52 -26.46
N GLY A 159 5.17 -39.67 -25.41
CA GLY A 159 4.99 -38.96 -24.13
C GLY A 159 4.32 -39.84 -23.08
N ASP A 160 4.52 -39.48 -21.81
CA ASP A 160 4.03 -40.28 -20.68
C ASP A 160 2.50 -40.34 -20.53
N ILE A 161 1.76 -39.47 -21.20
CA ILE A 161 0.31 -39.58 -21.19
C ILE A 161 -0.21 -40.69 -22.12
N VAL A 162 0.63 -41.20 -23.03
CA VAL A 162 0.26 -42.31 -23.95
C VAL A 162 1.00 -43.63 -23.65
N ASN A 163 2.33 -43.59 -23.62
CA ASN A 163 3.17 -44.77 -23.33
C ASN A 163 4.44 -44.39 -22.61
N GLY A 164 5.26 -45.40 -22.26
CA GLY A 164 6.51 -45.24 -21.52
C GLY A 164 7.78 -45.18 -22.36
N VAL A 165 8.85 -44.68 -21.73
CA VAL A 165 10.14 -44.44 -22.38
C VAL A 165 10.85 -45.74 -22.77
N GLU A 166 10.76 -46.77 -21.93
CA GLU A 166 11.43 -48.04 -22.24
C GLU A 166 11.05 -48.57 -23.61
N ALA A 167 12.05 -49.02 -24.37
CA ALA A 167 11.86 -49.60 -25.69
C ALA A 167 11.52 -51.10 -25.60
N THR A 168 10.34 -51.40 -25.06
CA THR A 168 9.77 -52.74 -25.09
C THR A 168 8.30 -52.62 -25.55
N PRO A 169 7.69 -53.73 -26.00
CA PRO A 169 6.27 -53.72 -26.41
C PRO A 169 5.28 -53.40 -25.28
N GLU A 170 5.65 -53.79 -24.06
CA GLU A 170 4.81 -53.62 -22.88
C GLU A 170 4.76 -52.14 -22.48
N ALA A 171 5.93 -51.50 -22.45
CA ALA A 171 6.03 -50.09 -22.08
C ALA A 171 5.50 -49.20 -23.18
N ARG A 172 5.71 -49.58 -24.43
CA ARG A 172 5.29 -48.73 -25.55
C ARG A 172 3.83 -48.87 -25.94
N ARG A 173 3.10 -49.82 -25.39
CA ARG A 173 1.67 -49.94 -25.64
C ARG A 173 0.95 -48.66 -25.22
N HIS A 174 0.00 -48.24 -26.05
CA HIS A 174 -0.76 -47.02 -25.80
C HIS A 174 -1.81 -47.33 -24.74
N ASP A 175 -1.71 -46.64 -23.61
CA ASP A 175 -2.51 -46.97 -22.45
C ASP A 175 -3.36 -45.78 -22.01
N PRO A 176 -4.69 -45.85 -22.21
CA PRO A 176 -5.56 -44.73 -21.80
C PRO A 176 -5.44 -44.34 -20.31
N ALA A 177 -5.11 -45.30 -19.46
CA ALA A 177 -5.03 -45.05 -18.01
C ALA A 177 -3.95 -44.03 -17.66
N ARG A 178 -3.02 -43.78 -18.58
CA ARG A 178 -2.01 -42.74 -18.39
C ARG A 178 -2.59 -41.33 -18.36
N MET A 179 -3.79 -41.14 -18.90
CA MET A 179 -4.48 -39.87 -18.77
C MET A 179 -4.85 -39.56 -17.31
N ILE A 180 -5.17 -40.59 -16.52
CA ILE A 180 -5.41 -40.41 -15.09
C ILE A 180 -4.10 -40.07 -14.38
N ARG A 181 -3.03 -40.80 -14.71
CA ARG A 181 -1.71 -40.56 -14.13
C ARG A 181 -1.19 -39.16 -14.45
N ALA A 182 -1.33 -38.76 -15.71
CA ALA A 182 -0.98 -37.42 -16.17
C ALA A 182 -1.70 -36.37 -15.35
N TYR A 183 -3.01 -36.54 -15.17
CA TYR A 183 -3.80 -35.60 -14.40
C TYR A 183 -3.32 -35.52 -12.95
N ALA A 184 -3.05 -36.68 -12.35
CA ALA A 184 -2.59 -36.73 -10.97
C ALA A 184 -1.25 -36.00 -10.84
N ASN A 185 -0.37 -36.21 -11.83
CA ASN A 185 0.95 -35.54 -11.82
C ASN A 185 0.82 -34.03 -12.10
N ALA A 186 -0.16 -33.67 -12.93
CA ALA A 186 -0.41 -32.29 -13.28
C ALA A 186 -0.94 -31.53 -12.07
N SER A 187 -1.90 -32.12 -11.38
CA SER A 187 -2.39 -31.61 -10.10
C SER A 187 -1.31 -31.33 -9.08
N ALA A 188 -0.42 -32.31 -8.91
CA ALA A 188 0.63 -32.19 -7.87
C ALA A 188 1.66 -31.12 -8.22
N ALA A 189 1.99 -31.06 -9.50
CA ALA A 189 2.93 -30.07 -10.01
C ALA A 189 2.34 -28.69 -9.86
N MET A 190 1.06 -28.53 -10.16
CA MET A 190 0.46 -27.19 -10.13
C MET A 190 0.24 -26.76 -8.68
N ASN A 191 -0.20 -27.69 -7.83
CA ASN A 191 -0.24 -27.45 -6.41
C ASN A 191 1.07 -26.82 -5.95
N LEU A 192 2.20 -27.46 -6.30
CA LEU A 192 3.53 -27.04 -5.84
C LEU A 192 3.99 -25.69 -6.44
N VAL A 193 3.75 -25.49 -7.74
CA VAL A 193 4.00 -24.20 -8.36
C VAL A 193 3.27 -23.10 -7.60
N ARG A 194 2.00 -23.34 -7.28
CA ARG A 194 1.23 -22.38 -6.51
C ARG A 194 1.85 -22.17 -5.13
N ALA A 195 2.22 -23.24 -4.44
CA ALA A 195 2.84 -23.11 -3.10
C ALA A 195 4.19 -22.37 -3.10
N LEU A 196 5.04 -22.65 -4.09
CA LEU A 196 6.33 -22.00 -4.19
C LEU A 196 6.17 -20.52 -4.42
N THR A 197 5.30 -20.16 -5.36
CA THR A 197 5.15 -18.75 -5.76
C THR A 197 4.50 -17.85 -4.70
N SER A 198 3.75 -18.43 -3.77
CA SER A 198 3.15 -17.70 -2.66
C SER A 198 3.93 -17.71 -1.35
N SER A 199 4.96 -18.55 -1.23
CA SER A 199 5.64 -18.74 0.06
C SER A 199 7.07 -18.19 0.15
N GLY A 200 7.59 -17.59 -0.92
CA GLY A 200 8.91 -16.94 -0.88
C GLY A 200 9.82 -17.23 -2.06
N THR A 201 9.57 -18.32 -2.78
CA THR A 201 10.40 -18.66 -3.95
C THR A 201 10.40 -17.57 -5.01
N ALA A 202 9.27 -16.89 -5.19
CA ALA A 202 9.16 -15.82 -6.17
C ALA A 202 9.39 -14.41 -5.60
N ASP A 203 10.00 -14.32 -4.42
CA ASP A 203 10.40 -13.01 -3.86
C ASP A 203 11.48 -12.31 -4.72
N LEU A 204 11.21 -11.09 -5.13
CA LEU A 204 12.12 -10.37 -6.02
C LEU A 204 13.57 -10.27 -5.51
N TYR A 205 13.74 -10.05 -4.22
CA TYR A 205 15.08 -9.88 -3.63
C TYR A 205 15.86 -11.18 -3.54
N ARG A 206 15.17 -12.26 -3.17
CA ARG A 206 15.77 -13.61 -3.16
C ARG A 206 16.17 -14.02 -4.57
N LEU A 207 15.32 -13.75 -5.56
CA LEU A 207 15.62 -14.08 -6.94
C LEU A 207 16.86 -13.36 -7.47
N SER A 208 17.00 -12.11 -7.09
CA SER A 208 18.15 -11.30 -7.49
C SER A 208 19.45 -11.79 -6.85
N GLU A 209 19.38 -12.26 -5.60
CA GLU A 209 20.52 -12.88 -4.94
C GLU A 209 20.99 -14.11 -5.73
N TRP A 210 20.06 -14.91 -6.23
CA TRP A 210 20.44 -16.06 -7.06
C TRP A 210 21.06 -15.63 -8.39
N ASN A 211 20.56 -14.54 -8.98
CA ASN A 211 21.17 -13.96 -10.18
C ASN A 211 22.60 -13.45 -9.94
N ARG A 212 22.82 -12.93 -8.73
CA ARG A 212 24.10 -12.41 -8.29
C ARG A 212 25.10 -13.57 -8.21
N GLU A 213 24.66 -14.71 -7.64
CA GLU A 213 25.42 -15.98 -7.63
C GLU A 213 25.70 -16.54 -9.03
N PHE A 214 24.79 -16.36 -9.97
CA PHE A 214 25.04 -16.78 -11.35
C PHE A 214 26.19 -15.94 -11.93
N VAL A 215 26.09 -14.62 -11.85
CA VAL A 215 27.09 -13.72 -12.41
C VAL A 215 28.46 -13.99 -11.78
N ALA A 216 28.46 -14.13 -10.44
CA ALA A 216 29.69 -14.35 -9.69
C ALA A 216 30.38 -15.66 -10.08
N ASN A 217 29.58 -16.66 -10.48
CA ASN A 217 30.12 -17.97 -10.79
C ASN A 217 30.27 -18.34 -12.26
N SER A 218 29.70 -17.55 -13.18
CA SER A 218 29.82 -17.83 -14.60
C SER A 218 31.26 -17.59 -15.14
N PRO A 219 31.78 -18.51 -15.97
CA PRO A 219 32.92 -18.14 -16.83
C PRO A 219 32.68 -16.92 -17.71
N ALA A 220 31.42 -16.59 -18.00
CA ALA A 220 31.07 -15.36 -18.71
C ALA A 220 30.47 -14.28 -17.85
N GLY A 221 30.59 -14.37 -16.53
CA GLY A 221 30.02 -13.39 -15.61
C GLY A 221 30.35 -11.94 -15.94
N ALA A 222 31.54 -11.70 -16.49
CA ALA A 222 31.94 -10.37 -16.90
C ALA A 222 31.13 -9.80 -18.09
N ARG A 223 30.54 -10.67 -18.90
CA ARG A 223 29.59 -10.28 -19.96
C ARG A 223 28.33 -9.63 -19.37
N TYR A 224 27.91 -10.11 -18.20
CA TYR A 224 26.62 -9.75 -17.58
C TYR A 224 26.73 -8.80 -16.39
N GLU A 225 27.91 -8.76 -15.77
CA GLU A 225 28.29 -7.87 -14.69
C GLU A 225 27.65 -6.49 -14.63
N ALA A 226 27.73 -5.76 -15.74
CA ALA A 226 27.32 -4.36 -15.79
C ALA A 226 25.81 -4.22 -15.65
N LEU A 227 25.09 -5.04 -16.42
CA LEU A 227 23.64 -5.04 -16.36
C LEU A 227 23.12 -5.57 -15.01
N ALA A 228 23.75 -6.62 -14.48
CA ALA A 228 23.43 -7.14 -13.17
C ALA A 228 23.54 -6.11 -12.05
N ARG A 229 24.62 -5.34 -12.07
CA ARG A 229 24.85 -4.25 -11.11
C ARG A 229 23.76 -3.20 -11.24
N GLU A 230 23.37 -2.92 -12.48
CA GLU A 230 22.32 -1.95 -12.78
C GLU A 230 20.96 -2.34 -12.21
N ILE A 231 20.62 -3.61 -12.37
CA ILE A 231 19.40 -4.19 -11.86
C ILE A 231 19.41 -3.98 -10.34
N ASP A 232 20.52 -4.34 -9.70
CA ASP A 232 20.66 -4.20 -8.23
C ASP A 232 20.56 -2.76 -7.71
N SER A 233 21.14 -1.81 -8.44
CA SER A 233 20.99 -0.40 -8.13
C SER A 233 19.53 0.01 -8.28
N GLY A 234 18.85 -0.56 -9.29
CA GLY A 234 17.41 -0.41 -9.48
C GLY A 234 16.57 -0.89 -8.31
N LEU A 235 16.81 -2.12 -7.86
CA LEU A 235 16.16 -2.68 -6.67
C LEU A 235 16.41 -1.89 -5.40
N ARG A 236 17.66 -1.49 -5.18
CA ARG A 236 18.03 -0.68 -4.01
C ARG A 236 17.42 0.71 -4.05
N PHE A 237 17.14 1.19 -5.25
CA PHE A 237 16.42 2.46 -5.46
C PHE A 237 14.97 2.36 -5.02
N MET A 238 14.30 1.25 -5.35
CA MET A 238 12.94 0.96 -4.89
C MET A 238 12.82 1.06 -3.37
N GLU A 239 13.70 0.33 -2.68
CA GLU A 239 13.72 0.33 -1.25
C GLU A 239 14.03 1.72 -0.67
N ALA A 240 15.05 2.39 -1.22
CA ALA A 240 15.42 3.75 -0.81
C ALA A 240 14.30 4.77 -0.97
N CYS A 241 13.43 4.54 -1.96
CA CYS A 241 12.27 5.37 -2.23
C CYS A 241 11.06 5.12 -1.34
N GLY A 242 11.17 4.23 -0.36
CA GLY A 242 10.10 4.02 0.60
C GLY A 242 9.16 2.90 0.18
N VAL A 243 9.36 2.33 -1.02
CA VAL A 243 8.53 1.26 -1.51
C VAL A 243 8.87 -0.05 -0.82
N SER A 244 8.03 -0.44 0.13
CA SER A 244 7.84 -1.85 0.46
C SER A 244 6.54 -2.20 -0.25
N ASP A 245 6.37 -3.47 -0.58
CA ASP A 245 5.11 -3.88 -1.21
C ASP A 245 4.90 -5.38 -1.15
N GLU A 246 3.63 -5.76 -1.29
CA GLU A 246 3.21 -7.15 -1.37
C GLU A 246 3.50 -7.70 -2.78
N SER A 247 3.55 -6.82 -3.79
CA SER A 247 3.90 -7.23 -5.18
C SER A 247 5.31 -7.84 -5.32
N LEU A 248 6.24 -7.44 -4.45
CA LEU A 248 7.63 -7.87 -4.53
C LEU A 248 7.88 -9.23 -3.86
N ARG A 249 6.99 -9.66 -2.97
CA ARG A 249 7.12 -10.95 -2.26
C ARG A 249 6.71 -12.18 -3.09
N ALA A 250 5.88 -11.99 -4.10
CA ALA A 250 5.15 -13.08 -4.76
C ALA A 250 4.95 -12.77 -6.23
N ALA A 251 4.47 -13.76 -6.97
CA ALA A 251 4.41 -13.67 -8.42
C ALA A 251 3.50 -14.73 -8.99
N ASP A 252 2.89 -14.43 -10.12
CA ASP A 252 2.05 -15.42 -10.81
C ASP A 252 2.79 -16.23 -11.88
N ILE A 253 2.72 -17.55 -11.78
CA ILE A 253 3.15 -18.44 -12.86
C ILE A 253 1.96 -19.16 -13.43
N TYR A 254 1.70 -18.95 -14.72
CA TYR A 254 0.64 -19.67 -15.43
C TYR A 254 1.21 -20.96 -16.03
N CYS A 255 0.42 -22.02 -16.07
CA CYS A 255 0.80 -23.25 -16.77
C CYS A 255 0.29 -23.27 -18.20
N SER A 256 1.04 -24.01 -19.03
CA SER A 256 0.67 -24.21 -20.39
C SER A 256 1.22 -25.56 -20.87
N HIS A 257 0.61 -26.08 -21.94
CA HIS A 257 1.12 -27.23 -22.65
C HIS A 257 0.52 -27.29 -24.04
N GLU A 258 1.10 -28.12 -24.90
CA GLU A 258 0.51 -28.37 -26.22
C GLU A 258 -0.78 -29.19 -26.06
N ALA A 259 -1.90 -28.67 -26.54
CA ALA A 259 -3.13 -29.43 -26.56
C ALA A 259 -3.01 -30.38 -27.74
N LEU A 260 -2.52 -31.59 -27.46
CA LEU A 260 -2.32 -32.62 -28.49
C LEU A 260 -3.29 -33.81 -28.37
N LEU A 261 -3.45 -34.36 -27.17
CA LEU A 261 -4.31 -35.53 -26.96
C LEU A 261 -5.81 -35.19 -26.87
N VAL A 262 -6.60 -35.72 -27.80
CA VAL A 262 -8.03 -35.39 -27.92
C VAL A 262 -8.81 -35.80 -26.67
N ASP A 263 -8.62 -37.04 -26.21
CA ASP A 263 -9.39 -37.53 -25.07
C ASP A 263 -9.14 -36.73 -23.78
N TYR A 264 -7.90 -36.36 -23.49
CA TYR A 264 -7.57 -35.63 -22.25
C TYR A 264 -8.09 -34.20 -22.32
N GLU A 265 -7.83 -33.51 -23.43
CA GLU A 265 -8.22 -32.11 -23.54
C GLU A 265 -9.72 -31.94 -23.50
N ARG A 266 -10.45 -32.81 -24.21
CA ARG A 266 -11.92 -32.71 -24.20
C ARG A 266 -12.51 -33.06 -22.85
N SER A 267 -11.90 -33.99 -22.12
CA SER A 267 -12.36 -34.34 -20.78
C SER A 267 -12.12 -33.25 -19.71
N MET A 268 -11.20 -32.34 -19.96
CA MET A 268 -10.95 -31.22 -19.04
C MET A 268 -11.73 -29.97 -19.39
N LEU A 269 -12.69 -30.09 -20.32
CA LEU A 269 -13.58 -28.97 -20.61
C LEU A 269 -14.54 -28.73 -19.46
N ARG A 270 -14.82 -27.46 -19.19
CA ARG A 270 -15.76 -27.03 -18.16
C ARG A 270 -16.43 -25.74 -18.59
N LEU A 271 -17.73 -25.62 -18.36
CA LEU A 271 -18.44 -24.34 -18.49
C LEU A 271 -18.18 -23.44 -17.29
N ALA A 272 -18.04 -22.15 -17.52
CA ALA A 272 -17.87 -21.21 -16.42
C ALA A 272 -18.67 -19.95 -16.68
N THR A 273 -19.37 -19.48 -15.65
CA THR A 273 -20.17 -18.27 -15.74
C THR A 273 -19.40 -17.12 -15.09
N ASP A 274 -19.39 -15.96 -15.75
CA ASP A 274 -18.71 -14.75 -15.27
C ASP A 274 -19.52 -14.04 -14.19
N GLU A 275 -18.95 -12.91 -13.71
CA GLU A 275 -19.69 -11.90 -12.93
C GLU A 275 -20.80 -11.20 -13.74
N GLU A 276 -20.62 -11.11 -15.06
CA GLU A 276 -21.63 -10.57 -15.97
C GLU A 276 -22.71 -11.57 -16.41
N GLY A 277 -22.54 -12.86 -16.09
CA GLY A 277 -23.52 -13.90 -16.42
C GLY A 277 -23.28 -14.64 -17.75
N ASN A 278 -22.14 -14.40 -18.38
CA ASN A 278 -21.77 -15.11 -19.62
C ASN A 278 -21.35 -16.54 -19.35
N GLU A 279 -21.98 -17.51 -20.01
CA GLU A 279 -21.55 -18.91 -19.94
C GLU A 279 -20.48 -19.09 -21.03
N GLU A 280 -19.32 -19.64 -20.66
CA GLU A 280 -18.19 -19.83 -21.59
C GLU A 280 -17.57 -21.19 -21.43
N LEU A 281 -17.04 -21.74 -22.51
CA LEU A 281 -16.41 -23.04 -22.49
C LEU A 281 -14.90 -22.87 -22.40
N TYR A 282 -14.31 -23.47 -21.36
CA TYR A 282 -12.85 -23.49 -21.15
C TYR A 282 -12.35 -24.91 -21.15
N ASP A 283 -11.11 -25.09 -21.62
CA ASP A 283 -10.36 -26.32 -21.37
C ASP A 283 -9.46 -25.97 -20.22
N LEU A 284 -9.85 -26.47 -19.03
CA LEU A 284 -9.17 -26.15 -17.78
C LEU A 284 -8.08 -27.12 -17.38
N SER A 285 -7.50 -27.84 -18.35
CA SER A 285 -6.27 -28.56 -18.14
C SER A 285 -5.07 -27.61 -17.99
N ALA A 286 -5.25 -26.33 -18.33
CA ALA A 286 -4.17 -25.34 -18.36
C ALA A 286 -4.67 -23.93 -18.53
N HIS A 287 -3.86 -22.95 -18.14
CA HIS A 287 -4.21 -21.56 -18.42
C HIS A 287 -4.18 -21.29 -19.92
N GLN A 288 -3.08 -21.64 -20.57
CA GLN A 288 -2.85 -21.40 -21.99
C GLN A 288 -2.59 -22.72 -22.71
N LEU A 289 -3.07 -22.82 -23.95
CA LEU A 289 -2.90 -24.05 -24.74
C LEU A 289 -2.46 -23.65 -26.13
N TRP A 290 -1.55 -24.43 -26.71
CA TRP A 290 -1.07 -24.14 -28.03
C TRP A 290 -1.20 -25.34 -28.95
N ILE A 291 -1.09 -25.04 -30.25
CA ILE A 291 -1.24 -25.99 -31.32
C ILE A 291 0.12 -26.14 -32.00
N GLY A 292 0.54 -27.39 -32.19
CA GLY A 292 1.82 -27.69 -32.80
C GLY A 292 1.87 -27.42 -34.29
N GLU A 293 3.10 -27.29 -34.78
CA GLU A 293 3.43 -27.28 -36.19
C GLU A 293 2.83 -28.49 -36.96
N ARG A 294 2.81 -29.68 -36.33
CA ARG A 294 2.35 -30.92 -36.98
C ARG A 294 0.84 -31.23 -36.88
N THR A 295 0.06 -30.37 -36.23
CA THR A 295 -1.36 -30.62 -35.98
C THR A 295 -2.22 -29.40 -36.29
N ARG A 296 -1.75 -28.49 -37.11
CA ARG A 296 -2.45 -27.21 -37.32
C ARG A 296 -3.22 -27.13 -38.64
N GLY A 297 -3.68 -28.28 -39.12
CA GLY A 297 -4.56 -28.30 -40.30
C GLY A 297 -5.85 -27.54 -40.00
N MET A 298 -6.18 -26.59 -40.88
CA MET A 298 -7.34 -25.69 -40.69
C MET A 298 -8.66 -26.48 -40.53
N ASP A 299 -8.79 -27.58 -41.29
CA ASP A 299 -9.97 -28.43 -41.27
C ASP A 299 -9.94 -29.53 -40.19
N ASP A 300 -8.90 -29.57 -39.37
CA ASP A 300 -8.69 -30.67 -38.44
C ASP A 300 -9.11 -30.30 -37.01
N PHE A 301 -8.98 -31.25 -36.09
CA PHE A 301 -9.48 -31.12 -34.72
C PHE A 301 -8.93 -29.93 -33.94
N HIS A 302 -7.60 -29.81 -33.94
CA HIS A 302 -6.90 -29.00 -32.94
C HIS A 302 -7.21 -27.51 -33.10
N VAL A 303 -7.12 -27.03 -34.33
CA VAL A 303 -7.46 -25.64 -34.69
C VAL A 303 -8.93 -25.35 -34.37
N ASN A 304 -9.81 -26.30 -34.66
CA ASN A 304 -11.24 -26.14 -34.40
C ASN A 304 -11.62 -26.17 -32.92
N PHE A 305 -10.94 -27.03 -32.17
CA PHE A 305 -11.02 -27.10 -30.71
C PHE A 305 -10.57 -25.78 -30.08
N ALA A 306 -9.41 -25.28 -30.54
CA ALA A 306 -8.85 -24.03 -30.07
C ALA A 306 -9.78 -22.88 -30.36
N SER A 307 -10.50 -22.97 -31.48
CA SER A 307 -11.51 -21.98 -31.86
C SER A 307 -12.70 -21.87 -30.96
N MET A 308 -13.09 -22.95 -30.29
CA MET A 308 -14.28 -22.90 -29.43
C MET A 308 -14.01 -22.81 -27.93
N ILE A 309 -12.76 -22.96 -27.49
CA ILE A 309 -12.43 -22.76 -26.06
C ILE A 309 -12.06 -21.29 -25.89
N SER A 310 -12.18 -20.81 -24.66
CA SER A 310 -11.95 -19.40 -24.35
C SER A 310 -10.60 -19.09 -23.71
N ASN A 311 -9.82 -20.13 -23.40
CA ASN A 311 -8.42 -19.96 -22.96
C ASN A 311 -7.67 -19.17 -24.01
N PRO A 312 -6.71 -18.32 -23.60
CA PRO A 312 -5.84 -17.80 -24.63
C PRO A 312 -5.10 -18.99 -25.28
N ILE A 313 -4.78 -18.86 -26.56
CA ILE A 313 -4.13 -19.93 -27.28
C ILE A 313 -3.00 -19.42 -28.15
N GLY A 314 -2.08 -20.32 -28.47
CA GLY A 314 -0.95 -20.03 -29.30
C GLY A 314 -0.87 -21.04 -30.40
N ILE A 315 -0.14 -20.69 -31.46
CA ILE A 315 -0.01 -21.54 -32.63
C ILE A 315 1.44 -21.48 -33.14
N LYS A 316 2.06 -22.65 -33.31
CA LYS A 316 3.41 -22.72 -33.82
C LYS A 316 3.39 -22.62 -35.35
N ILE A 317 4.18 -21.71 -35.91
CA ILE A 317 4.37 -21.61 -37.36
C ILE A 317 5.85 -21.71 -37.73
N GLY A 318 6.15 -22.58 -38.69
CA GLY A 318 7.52 -22.82 -39.14
C GLY A 318 7.81 -22.00 -40.37
N PRO A 319 8.96 -22.25 -41.03
CA PRO A 319 9.43 -21.45 -42.16
C PRO A 319 8.59 -21.55 -43.43
N GLY A 320 7.81 -22.61 -43.57
CA GLY A 320 6.93 -22.80 -44.72
C GLY A 320 5.68 -21.96 -44.74
N ILE A 321 5.29 -21.38 -43.61
CA ILE A 321 4.06 -20.55 -43.51
C ILE A 321 4.08 -19.37 -44.50
N THR A 322 2.92 -19.06 -45.09
CA THR A 322 2.74 -17.89 -45.96
C THR A 322 1.95 -16.80 -45.21
N PRO A 323 2.12 -15.52 -45.60
CA PRO A 323 1.33 -14.47 -44.94
C PRO A 323 -0.21 -14.71 -44.95
N GLU A 324 -0.72 -15.27 -46.05
CA GLU A 324 -2.15 -15.62 -46.17
C GLU A 324 -2.58 -16.74 -45.21
N GLU A 325 -1.73 -17.74 -45.00
CA GLU A 325 -2.02 -18.79 -43.99
C GLU A 325 -2.06 -18.23 -42.56
N ALA A 326 -1.21 -17.25 -42.28
CA ALA A 326 -1.19 -16.61 -40.96
C ALA A 326 -2.45 -15.80 -40.74
N VAL A 327 -2.90 -15.08 -41.77
CA VAL A 327 -4.12 -14.29 -41.66
C VAL A 327 -5.35 -15.22 -41.48
N ALA A 328 -5.38 -16.35 -42.19
CA ALA A 328 -6.46 -17.33 -42.05
C ALA A 328 -6.50 -17.93 -40.67
N TYR A 329 -5.34 -18.31 -40.12
CA TYR A 329 -5.30 -18.74 -38.71
C TYR A 329 -5.84 -17.65 -37.78
N ALA A 330 -5.45 -16.39 -38.00
CA ALA A 330 -5.91 -15.30 -37.12
C ALA A 330 -7.42 -15.07 -37.20
N ASP A 331 -7.99 -15.14 -38.40
CA ASP A 331 -9.45 -15.06 -38.60
C ASP A 331 -10.20 -16.16 -37.86
N LYS A 332 -9.74 -17.40 -37.99
CA LYS A 332 -10.38 -18.53 -37.33
C LYS A 332 -10.17 -18.53 -35.82
N LEU A 333 -8.96 -18.19 -35.36
CA LEU A 333 -8.64 -18.32 -33.93
C LEU A 333 -8.89 -17.08 -33.10
N ASP A 334 -8.94 -15.92 -33.75
CA ASP A 334 -9.34 -14.68 -33.06
C ASP A 334 -10.57 -14.05 -33.76
N PRO A 335 -11.72 -14.78 -33.79
CA PRO A 335 -12.86 -14.27 -34.56
C PRO A 335 -13.53 -13.01 -34.00
N ASN A 336 -13.29 -12.66 -32.74
CA ASN A 336 -13.84 -11.44 -32.15
C ASN A 336 -12.84 -10.28 -31.98
N PHE A 337 -11.66 -10.40 -32.60
CA PHE A 337 -10.64 -9.34 -32.57
C PHE A 337 -10.38 -8.88 -31.12
N GLU A 338 -9.99 -9.84 -30.30
CA GLU A 338 -9.67 -9.60 -28.89
C GLU A 338 -8.15 -9.61 -28.75
N PRO A 339 -7.53 -8.43 -28.57
CA PRO A 339 -6.07 -8.42 -28.48
C PRO A 339 -5.55 -9.37 -27.38
N GLY A 340 -4.51 -10.14 -27.71
CA GLY A 340 -3.93 -11.11 -26.78
C GLY A 340 -4.49 -12.51 -26.84
N ARG A 341 -5.64 -12.68 -27.49
CA ARG A 341 -6.31 -13.98 -27.60
C ARG A 341 -5.43 -14.97 -28.32
N LEU A 342 -4.89 -14.57 -29.46
CA LEU A 342 -3.95 -15.41 -30.21
C LEU A 342 -2.47 -14.99 -30.00
N THR A 343 -1.63 -15.99 -29.80
CA THR A 343 -0.19 -15.82 -29.82
C THR A 343 0.36 -16.62 -31.02
N ILE A 344 1.00 -15.93 -31.96
CA ILE A 344 1.62 -16.58 -33.12
C ILE A 344 3.09 -16.81 -32.79
N VAL A 345 3.49 -18.09 -32.79
CA VAL A 345 4.80 -18.51 -32.31
C VAL A 345 5.71 -18.84 -33.48
N ALA A 346 6.53 -17.88 -33.90
CA ALA A 346 7.45 -18.13 -35.01
C ALA A 346 8.59 -19.06 -34.58
N ARG A 347 8.67 -20.25 -35.20
CA ARG A 347 9.79 -21.20 -35.03
C ARG A 347 10.41 -21.50 -36.39
N MET A 348 11.13 -20.53 -36.92
CA MET A 348 11.48 -20.49 -38.33
C MET A 348 12.90 -20.90 -38.66
N GLY A 349 13.77 -21.03 -37.66
CA GLY A 349 15.21 -21.19 -37.89
C GLY A 349 15.88 -19.84 -38.00
N HIS A 350 17.06 -19.72 -37.39
CA HIS A 350 17.79 -18.44 -37.35
C HIS A 350 18.02 -17.88 -38.75
N ASP A 351 18.20 -18.78 -39.72
CA ASP A 351 18.56 -18.44 -41.09
C ASP A 351 17.40 -18.06 -41.98
N LYS A 352 16.16 -18.20 -41.51
CA LYS A 352 14.95 -17.86 -42.30
C LYS A 352 14.00 -16.84 -41.63
N VAL A 353 14.09 -16.68 -40.31
CA VAL A 353 13.28 -15.70 -39.56
C VAL A 353 13.30 -14.31 -40.18
N ARG A 354 14.47 -13.83 -40.62
CA ARG A 354 14.62 -12.47 -41.18
C ARG A 354 13.91 -12.26 -42.52
N SER A 355 13.82 -13.33 -43.33
CA SER A 355 13.18 -13.25 -44.65
C SER A 355 11.70 -13.65 -44.66
N VAL A 356 11.31 -14.62 -43.84
CA VAL A 356 9.92 -15.12 -43.80
C VAL A 356 9.00 -14.31 -42.89
N LEU A 357 9.47 -13.97 -41.70
CA LEU A 357 8.61 -13.31 -40.71
C LEU A 357 8.05 -11.93 -41.10
N PRO A 358 8.82 -11.07 -41.79
CA PRO A 358 8.30 -9.72 -42.04
C PRO A 358 6.95 -9.69 -42.74
N GLY A 359 6.80 -10.50 -43.78
CA GLY A 359 5.54 -10.58 -44.50
C GLY A 359 4.38 -11.10 -43.68
N VAL A 360 4.63 -12.16 -42.90
CA VAL A 360 3.62 -12.72 -41.98
C VAL A 360 3.09 -11.63 -41.05
N ILE A 361 4.02 -10.94 -40.36
CA ILE A 361 3.71 -9.85 -39.44
C ILE A 361 2.92 -8.75 -40.10
N GLN A 362 3.40 -8.29 -41.25
CA GLN A 362 2.73 -7.23 -42.01
C GLN A 362 1.29 -7.57 -42.35
N ALA A 363 1.07 -8.79 -42.85
CA ALA A 363 -0.27 -9.24 -43.23
C ALA A 363 -1.23 -9.33 -42.05
N VAL A 364 -0.78 -9.93 -40.93
CA VAL A 364 -1.66 -10.10 -39.77
C VAL A 364 -1.98 -8.76 -39.14
N GLU A 365 -0.98 -7.89 -39.03
CA GLU A 365 -1.22 -6.53 -38.53
C GLU A 365 -2.30 -5.82 -39.37
N ALA A 366 -2.18 -5.90 -40.70
CA ALA A 366 -3.12 -5.21 -41.62
C ALA A 366 -4.53 -5.79 -41.56
N SER A 367 -4.67 -7.10 -41.34
CA SER A 367 -5.99 -7.72 -41.22
C SER A 367 -6.76 -7.26 -39.98
N GLY A 368 -6.09 -6.54 -39.07
CA GLY A 368 -6.76 -5.91 -37.91
C GLY A 368 -6.68 -6.65 -36.59
N HIS A 369 -6.10 -7.86 -36.59
CA HIS A 369 -5.92 -8.66 -35.38
C HIS A 369 -4.71 -8.15 -34.61
N LYS A 370 -4.79 -8.15 -33.28
CA LYS A 370 -3.64 -7.83 -32.41
C LYS A 370 -3.19 -9.09 -31.67
N VAL A 371 -2.29 -9.83 -32.30
CA VAL A 371 -1.68 -11.00 -31.69
C VAL A 371 -0.44 -10.64 -30.87
N ILE A 372 -0.01 -11.59 -30.04
CA ILE A 372 1.30 -11.56 -29.40
C ILE A 372 2.25 -12.24 -30.37
N TRP A 373 3.27 -11.52 -30.80
CA TRP A 373 4.35 -12.11 -31.59
C TRP A 373 5.39 -12.74 -30.64
N GLN A 374 5.56 -14.05 -30.72
CA GLN A 374 6.45 -14.76 -29.84
C GLN A 374 7.43 -15.54 -30.67
N SER A 375 8.69 -15.52 -30.26
CA SER A 375 9.75 -16.28 -30.91
C SER A 375 9.97 -17.57 -30.14
N ASP A 376 9.95 -18.69 -30.84
CA ASP A 376 10.38 -19.98 -30.30
C ASP A 376 11.67 -20.24 -31.06
N PRO A 377 12.82 -19.89 -30.46
CA PRO A 377 14.09 -20.07 -31.18
C PRO A 377 14.67 -21.49 -31.06
N MET A 378 13.89 -22.47 -30.61
CA MET A 378 14.44 -23.81 -30.38
C MET A 378 14.14 -24.75 -31.57
N HIS A 379 12.87 -24.86 -31.97
CA HIS A 379 12.44 -25.99 -32.83
C HIS A 379 12.87 -25.89 -34.28
N GLY A 380 13.24 -24.69 -34.72
CA GLY A 380 13.81 -24.48 -36.04
C GLY A 380 15.32 -24.62 -36.16
N ASN A 381 16.00 -24.86 -35.04
CA ASN A 381 17.47 -24.90 -35.01
C ASN A 381 18.00 -26.21 -34.44
N THR A 382 17.22 -27.29 -34.56
CA THR A 382 17.67 -28.57 -34.06
C THR A 382 18.37 -29.32 -35.21
N PHE A 383 19.42 -30.06 -34.86
CA PHE A 383 20.07 -31.01 -35.76
C PHE A 383 20.64 -32.16 -34.94
N THR A 384 21.12 -33.21 -35.62
CA THR A 384 21.76 -34.33 -34.93
C THR A 384 23.29 -34.20 -35.12
N ALA A 385 24.04 -34.30 -34.02
CA ALA A 385 25.52 -34.24 -34.05
C ALA A 385 26.12 -35.56 -34.58
N SER A 386 27.44 -35.58 -34.77
CA SER A 386 28.12 -36.77 -35.30
C SER A 386 28.06 -37.98 -34.36
N ASN A 387 27.91 -37.71 -33.06
CA ASN A 387 27.69 -38.75 -32.05
C ASN A 387 26.22 -39.14 -31.85
N GLY A 388 25.32 -38.66 -32.72
CA GLY A 388 23.89 -39.09 -32.72
C GLY A 388 22.94 -38.38 -31.75
N TYR A 389 23.46 -37.46 -30.93
CA TYR A 389 22.64 -36.74 -29.97
C TYR A 389 22.02 -35.54 -30.70
N LYS A 390 20.69 -35.39 -30.63
CA LYS A 390 20.05 -34.16 -31.10
C LYS A 390 20.57 -32.97 -30.27
N THR A 391 20.98 -31.90 -30.95
CA THR A 391 21.46 -30.70 -30.24
C THR A 391 21.00 -29.41 -30.92
N ARG A 392 21.31 -28.28 -30.27
CA ARG A 392 21.02 -26.95 -30.75
C ARG A 392 22.19 -26.08 -30.34
N HIS A 393 22.66 -25.24 -31.26
CA HIS A 393 23.74 -24.32 -30.90
C HIS A 393 23.13 -23.09 -30.26
N PHE A 394 23.69 -22.72 -29.12
CA PHE A 394 23.32 -21.51 -28.40
C PHE A 394 23.31 -20.28 -29.33
N ASP A 395 24.38 -20.08 -30.11
CA ASP A 395 24.43 -18.97 -31.10
C ASP A 395 23.27 -18.93 -32.07
N LYS A 396 22.83 -20.09 -32.57
CA LYS A 396 21.69 -20.13 -33.50
C LYS A 396 20.36 -19.83 -32.79
N VAL A 397 20.27 -20.23 -31.52
CA VAL A 397 19.11 -19.89 -30.68
C VAL A 397 19.05 -18.38 -30.44
N ILE A 398 20.16 -17.82 -29.98
CA ILE A 398 20.29 -16.38 -29.80
C ILE A 398 20.05 -15.60 -31.10
N ASP A 399 20.66 -16.05 -32.18
CA ASP A 399 20.52 -15.37 -33.47
C ASP A 399 19.08 -15.33 -33.98
N GLU A 400 18.32 -16.38 -33.72
CA GLU A 400 16.91 -16.35 -34.08
C GLU A 400 16.14 -15.30 -33.28
N VAL A 401 16.36 -15.25 -31.97
CA VAL A 401 15.66 -14.25 -31.16
C VAL A 401 16.17 -12.86 -31.58
N GLN A 402 17.47 -12.71 -31.76
CA GLN A 402 18.09 -11.47 -32.32
C GLN A 402 17.41 -11.04 -33.62
N GLY A 403 17.29 -11.98 -34.55
CA GLY A 403 16.68 -11.66 -35.84
C GLY A 403 15.22 -11.26 -35.74
N PHE A 404 14.52 -11.90 -34.82
CA PHE A 404 13.12 -11.61 -34.52
C PHE A 404 12.97 -10.16 -34.00
N PHE A 405 13.85 -9.75 -33.08
CA PHE A 405 13.87 -8.34 -32.65
C PHE A 405 14.19 -7.39 -33.83
N GLU A 406 15.12 -7.80 -34.70
CA GLU A 406 15.44 -7.00 -35.90
C GLU A 406 14.21 -6.79 -36.79
N VAL A 407 13.43 -7.83 -37.03
CA VAL A 407 12.23 -7.73 -37.86
C VAL A 407 11.23 -6.76 -37.22
N HIS A 408 11.01 -6.92 -35.92
CA HIS A 408 10.10 -6.07 -35.19
C HIS A 408 10.48 -4.59 -35.18
N ARG A 409 11.78 -4.28 -35.01
N ARG A 409 11.77 -4.28 -35.02
CA ARG A 409 12.25 -2.89 -35.00
CA ARG A 409 12.21 -2.89 -34.98
C ARG A 409 12.13 -2.24 -36.36
C ARG A 409 12.20 -2.23 -36.35
N ALA A 410 12.28 -3.05 -37.40
CA ALA A 410 12.18 -2.59 -38.80
C ALA A 410 10.73 -2.21 -39.12
N LEU A 411 9.78 -3.05 -38.72
CA LEU A 411 8.34 -2.82 -38.92
C LEU A 411 7.64 -1.98 -37.84
N GLY A 412 8.32 -1.72 -36.72
CA GLY A 412 7.75 -0.90 -35.62
C GLY A 412 6.63 -1.63 -34.88
N THR A 413 6.71 -2.95 -34.83
CA THR A 413 5.74 -3.79 -34.16
C THR A 413 6.40 -4.33 -32.88
N HIS A 414 5.59 -4.96 -32.03
CA HIS A 414 6.00 -5.29 -30.68
C HIS A 414 6.57 -6.70 -30.58
N PRO A 415 7.88 -6.83 -30.28
CA PRO A 415 8.36 -8.17 -29.94
C PRO A 415 7.71 -8.60 -28.62
N GLY A 416 6.77 -9.53 -28.73
CA GLY A 416 5.83 -9.86 -27.66
C GLY A 416 6.35 -10.84 -26.65
N GLY A 417 7.15 -11.81 -27.07
CA GLY A 417 7.62 -12.81 -26.13
C GLY A 417 8.62 -13.81 -26.67
N ILE A 418 9.04 -14.69 -25.78
CA ILE A 418 9.79 -15.85 -26.17
C ILE A 418 9.18 -17.11 -25.58
N HIS A 419 9.52 -18.22 -26.24
CA HIS A 419 9.15 -19.56 -25.84
C HIS A 419 10.40 -20.43 -25.95
N ILE A 420 10.98 -20.80 -24.82
CA ILE A 420 12.24 -21.51 -24.81
C ILE A 420 12.11 -22.79 -23.98
N GLU A 421 12.89 -23.78 -24.33
CA GLU A 421 12.88 -25.03 -23.60
C GLU A 421 14.16 -25.08 -22.79
N PHE A 422 14.00 -25.22 -21.48
CA PHE A 422 15.11 -25.13 -20.54
C PHE A 422 14.84 -25.98 -19.33
N THR A 423 15.86 -26.10 -18.50
CA THR A 423 15.69 -26.68 -17.17
C THR A 423 16.73 -26.08 -16.23
N GLY A 424 16.37 -26.03 -14.94
CA GLY A 424 17.29 -25.61 -13.87
C GLY A 424 18.19 -26.73 -13.35
N GLU A 425 18.64 -27.59 -14.27
CA GLU A 425 19.58 -28.69 -14.03
C GLU A 425 20.82 -28.42 -14.88
N ASP A 426 21.98 -28.94 -14.44
CA ASP A 426 23.27 -28.74 -15.13
C ASP A 426 23.47 -29.77 -16.25
N VAL A 427 22.53 -29.78 -17.20
CA VAL A 427 22.52 -30.76 -18.29
C VAL A 427 23.42 -30.31 -19.45
N THR A 428 23.67 -31.26 -20.35
CA THR A 428 24.61 -31.10 -21.45
C THR A 428 23.92 -31.39 -22.78
N GLU A 429 22.94 -30.57 -23.09
CA GLU A 429 22.02 -30.88 -24.19
C GLU A 429 22.20 -29.94 -25.38
N CYS A 430 22.37 -28.65 -25.11
CA CYS A 430 22.60 -27.65 -26.16
C CYS A 430 24.08 -27.25 -26.18
N LEU A 431 24.62 -27.03 -27.39
CA LEU A 431 26.02 -26.62 -27.58
C LEU A 431 26.16 -25.14 -27.23
N GLY A 432 27.37 -24.70 -26.92
CA GLY A 432 27.68 -23.28 -26.69
C GLY A 432 27.36 -22.71 -25.31
N GLY A 433 27.18 -21.38 -25.28
CA GLY A 433 27.09 -20.62 -24.05
C GLY A 433 28.47 -20.49 -23.42
N ALA A 434 28.50 -19.83 -22.27
CA ALA A 434 29.74 -19.54 -21.53
C ALA A 434 30.59 -20.77 -21.26
N GLU A 435 29.94 -21.84 -20.81
CA GLU A 435 30.64 -23.10 -20.50
C GLU A 435 31.12 -23.87 -21.75
N ASP A 436 30.76 -23.39 -22.96
CA ASP A 436 31.37 -23.82 -24.21
C ASP A 436 31.13 -25.32 -24.42
N ILE A 437 29.86 -25.71 -24.38
CA ILE A 437 29.46 -27.10 -24.53
C ILE A 437 29.74 -27.47 -26.00
N THR A 438 30.45 -28.59 -26.20
CA THR A 438 30.78 -29.11 -27.53
C THR A 438 30.17 -30.49 -27.67
N ASP A 439 30.22 -31.05 -28.88
CA ASP A 439 29.63 -32.39 -29.14
C ASP A 439 30.13 -33.48 -28.17
N VAL A 440 31.42 -33.47 -27.83
CA VAL A 440 31.98 -34.47 -26.89
C VAL A 440 31.35 -34.38 -25.48
N ASP A 441 30.89 -33.18 -25.11
CA ASP A 441 30.28 -32.98 -23.80
C ASP A 441 28.86 -33.56 -23.70
N LEU A 442 28.16 -33.63 -24.83
CA LEU A 442 26.74 -33.98 -24.89
C LEU A 442 26.37 -35.25 -24.13
N PRO A 443 27.08 -36.38 -24.37
CA PRO A 443 26.66 -37.62 -23.69
C PRO A 443 26.86 -37.65 -22.16
N GLY A 444 27.64 -36.73 -21.59
CA GLY A 444 27.84 -36.67 -20.14
C GLY A 444 26.59 -36.60 -19.27
N ARG A 445 25.72 -35.64 -19.58
CA ARG A 445 24.49 -35.46 -18.80
C ARG A 445 23.32 -34.99 -19.68
N TYR A 446 22.90 -35.88 -20.59
CA TYR A 446 21.79 -35.60 -21.50
C TYR A 446 20.61 -36.29 -20.84
N GLU A 447 19.63 -35.51 -20.40
CA GLU A 447 18.51 -36.03 -19.59
C GLU A 447 17.11 -35.72 -20.13
N SER A 448 17.00 -35.12 -21.31
CA SER A 448 15.71 -34.81 -21.88
C SER A 448 15.02 -36.10 -22.35
N ALA A 449 13.72 -36.20 -22.07
CA ALA A 449 12.90 -37.25 -22.69
C ALA A 449 12.52 -36.88 -24.13
N CYS A 450 12.85 -35.66 -24.57
CA CYS A 450 12.66 -35.27 -25.98
C CYS A 450 13.75 -34.29 -26.47
N ASP A 451 13.40 -33.04 -26.81
CA ASP A 451 14.35 -32.12 -27.45
C ASP A 451 15.44 -31.64 -26.47
N PRO A 452 16.61 -31.24 -27.00
CA PRO A 452 17.66 -30.70 -26.13
C PRO A 452 17.27 -29.33 -25.56
N ARG A 453 17.49 -29.18 -24.26
CA ARG A 453 17.14 -27.98 -23.51
C ARG A 453 18.36 -27.16 -23.16
N LEU A 454 18.18 -25.84 -23.07
CA LEU A 454 19.15 -25.01 -22.41
C LEU A 454 19.26 -25.45 -20.95
N ASN A 455 20.48 -25.50 -20.43
CA ASN A 455 20.68 -25.70 -19.00
C ASN A 455 20.47 -24.38 -18.21
N THR A 456 20.63 -24.44 -16.89
CA THR A 456 20.38 -23.29 -16.01
C THR A 456 21.18 -22.07 -16.44
N GLN A 457 22.48 -22.29 -16.65
CA GLN A 457 23.41 -21.21 -16.99
C GLN A 457 23.04 -20.61 -18.36
N GLN A 458 22.80 -21.47 -19.36
CA GLN A 458 22.51 -20.98 -20.71
C GLN A 458 21.20 -20.21 -20.72
N SER A 459 20.28 -20.67 -19.89
CA SER A 459 18.99 -20.03 -19.70
C SER A 459 19.11 -18.60 -19.15
N LEU A 460 19.88 -18.46 -18.08
CA LEU A 460 20.12 -17.16 -17.44
C LEU A 460 20.96 -16.25 -18.35
N GLU A 461 21.94 -16.82 -19.05
CA GLU A 461 22.68 -16.10 -20.07
C GLU A 461 21.76 -15.51 -21.14
N LEU A 462 20.92 -16.36 -21.72
CA LEU A 462 19.94 -15.92 -22.73
C LEU A 462 19.00 -14.83 -22.18
N ALA A 463 18.62 -14.94 -20.91
CA ALA A 463 17.78 -13.92 -20.29
C ALA A 463 18.48 -12.58 -20.35
N PHE A 464 19.75 -12.54 -19.97
CA PHE A 464 20.54 -11.28 -20.05
C PHE A 464 20.63 -10.75 -21.49
N LEU A 465 20.88 -11.65 -22.44
CA LEU A 465 21.06 -11.24 -23.84
C LEU A 465 19.74 -10.71 -24.42
N VAL A 466 18.63 -11.29 -24.00
CA VAL A 466 17.32 -10.81 -24.47
C VAL A 466 16.98 -9.51 -23.79
N ALA A 467 17.40 -9.33 -22.55
CA ALA A 467 17.28 -8.02 -21.88
C ALA A 467 17.94 -6.90 -22.69
N GLU A 468 19.13 -7.20 -23.23
CA GLU A 468 19.84 -6.26 -24.09
C GLU A 468 19.11 -6.04 -25.38
N MET A 469 18.55 -7.12 -25.94
CA MET A 469 17.72 -6.98 -27.14
C MET A 469 16.54 -6.05 -26.86
N LEU A 470 15.89 -6.24 -25.70
CA LEU A 470 14.76 -5.42 -25.27
C LEU A 470 15.17 -3.97 -25.04
N ARG A 471 16.34 -3.75 -24.47
CA ARG A 471 16.86 -2.41 -24.27
C ARG A 471 17.33 -1.78 -25.57
N ASN A 472 17.91 -2.57 -26.46
CA ASN A 472 18.50 -2.07 -27.69
C ASN A 472 19.38 -0.85 -27.47
N PRO B 29 19.62 -36.29 9.94
CA PRO B 29 19.36 -37.65 10.40
C PRO B 29 20.46 -38.21 11.33
N GLU B 30 20.72 -37.49 12.43
CA GLU B 30 21.67 -37.94 13.47
C GLU B 30 21.00 -37.93 14.86
N GLY B 31 20.68 -36.76 15.39
CA GLY B 31 19.80 -36.68 16.57
C GLY B 31 18.41 -37.25 16.28
N MET B 32 17.88 -36.90 15.10
CA MET B 32 16.58 -37.40 14.61
C MET B 32 16.44 -38.92 14.52
N GLN B 33 17.49 -39.59 14.04
CA GLN B 33 17.41 -41.02 13.74
C GLN B 33 17.08 -41.83 15.00
N GLN B 34 17.72 -41.46 16.10
CA GLN B 34 17.44 -42.05 17.41
C GLN B 34 15.93 -41.96 17.72
N GLN B 35 15.38 -40.77 17.54
CA GLN B 35 13.99 -40.46 17.87
C GLN B 35 12.97 -41.10 16.90
N PHE B 36 13.32 -41.21 15.63
CA PHE B 36 12.47 -41.87 14.63
C PHE B 36 12.32 -43.37 14.84
N GLU B 37 13.42 -44.04 15.20
CA GLU B 37 13.39 -45.48 15.47
C GLU B 37 12.52 -45.77 16.68
N ASP B 38 12.60 -44.89 17.69
CA ASP B 38 11.77 -44.94 18.90
C ASP B 38 10.29 -44.79 18.56
N THR B 39 9.97 -43.85 17.65
CA THR B 39 8.57 -43.60 17.22
C THR B 39 7.98 -44.79 16.47
N ILE B 40 8.70 -45.28 15.49
CA ILE B 40 8.18 -46.37 14.68
C ILE B 40 8.25 -47.76 15.37
N SER B 41 9.02 -47.84 16.46
CA SER B 41 9.08 -49.00 17.34
C SER B 41 7.95 -49.08 18.38
N ARG B 42 6.89 -48.29 18.22
CA ARG B 42 5.81 -48.25 19.21
C ARG B 42 4.48 -48.71 18.62
N ASP B 43 3.58 -49.17 19.47
CA ASP B 43 2.26 -49.57 18.99
C ASP B 43 1.55 -48.34 18.40
N ALA B 44 0.84 -48.57 17.29
CA ALA B 44 -0.10 -47.61 16.70
C ALA B 44 -1.48 -48.27 16.63
N LYS B 45 -2.47 -47.72 17.33
CA LYS B 45 -3.85 -48.24 17.21
C LYS B 45 -4.48 -47.76 15.89
N GLN B 46 -5.60 -48.37 15.54
CA GLN B 46 -6.43 -47.92 14.42
C GLN B 46 -5.80 -48.04 13.04
N GLN B 47 -4.86 -48.95 12.91
CA GLN B 47 -4.23 -49.21 11.62
C GLN B 47 -5.00 -50.26 10.85
N PRO B 48 -4.83 -50.26 9.51
CA PRO B 48 -5.33 -51.36 8.69
C PRO B 48 -4.36 -52.53 8.75
N THR B 49 -4.88 -53.75 8.69
CA THR B 49 -4.10 -54.96 8.44
C THR B 49 -4.03 -55.18 6.93
N TRP B 50 -2.91 -54.80 6.32
CA TRP B 50 -2.65 -55.11 4.91
C TRP B 50 -1.23 -55.66 4.73
N ASP B 51 -0.97 -56.27 3.58
CA ASP B 51 0.37 -56.77 3.25
C ASP B 51 1.40 -55.64 3.42
N ARG B 52 2.37 -55.86 4.30
CA ARG B 52 3.33 -54.81 4.69
C ARG B 52 4.35 -54.50 3.61
N ALA B 53 4.72 -55.53 2.83
CA ALA B 53 5.64 -55.36 1.70
C ALA B 53 5.03 -54.45 0.64
N GLN B 54 3.73 -54.60 0.40
CA GLN B 54 2.96 -53.71 -0.46
C GLN B 54 2.98 -52.27 0.08
N ALA B 55 2.65 -52.14 1.36
CA ALA B 55 2.61 -50.83 2.00
C ALA B 55 3.95 -50.11 1.84
N GLU B 56 5.03 -50.89 1.91
CA GLU B 56 6.39 -50.38 1.82
C GLU B 56 6.75 -49.93 0.40
N ASN B 57 6.24 -50.64 -0.61
CA ASN B 57 6.35 -50.20 -2.02
C ASN B 57 5.61 -48.88 -2.24
N VAL B 58 4.44 -48.78 -1.61
CA VAL B 58 3.61 -47.60 -1.73
C VAL B 58 4.28 -46.41 -1.04
N ARG B 59 4.90 -46.66 0.12
CA ARG B 59 5.67 -45.62 0.79
C ARG B 59 6.88 -45.13 -0.03
N LYS B 60 7.53 -46.01 -0.77
CA LYS B 60 8.70 -45.60 -1.58
C LYS B 60 8.27 -44.72 -2.75
N ILE B 61 7.12 -45.02 -3.33
CA ILE B 61 6.51 -44.17 -4.36
C ILE B 61 6.18 -42.77 -3.81
N LEU B 62 5.49 -42.74 -2.66
CA LEU B 62 5.06 -41.48 -2.06
C LEU B 62 6.20 -40.65 -1.49
N GLU B 63 7.34 -41.28 -1.20
CA GLU B 63 8.50 -40.55 -0.72
C GLU B 63 9.19 -39.68 -1.77
N SER B 64 8.93 -39.96 -3.04
CA SER B 64 9.45 -39.15 -4.14
C SER B 64 8.50 -38.07 -4.67
N VAL B 65 7.22 -38.09 -4.28
CA VAL B 65 6.22 -37.20 -4.92
C VAL B 65 6.28 -35.81 -4.34
N PRO B 66 5.82 -34.78 -5.08
CA PRO B 66 5.75 -33.43 -4.51
C PRO B 66 4.84 -33.37 -3.26
N PRO B 67 5.28 -32.68 -2.20
CA PRO B 67 4.45 -32.65 -1.02
C PRO B 67 3.17 -31.82 -1.23
N ILE B 68 2.20 -31.97 -0.33
CA ILE B 68 0.93 -31.23 -0.41
C ILE B 68 1.17 -29.75 -0.04
N VAL B 69 2.12 -29.51 0.86
CA VAL B 69 2.52 -28.18 1.29
C VAL B 69 4.05 -28.12 1.40
N VAL B 70 4.60 -26.91 1.39
CA VAL B 70 6.05 -26.73 1.50
C VAL B 70 6.37 -26.16 2.87
N ALA B 71 7.60 -26.37 3.32
CA ALA B 71 7.99 -25.98 4.67
C ALA B 71 7.88 -24.47 5.01
N PRO B 72 8.25 -23.57 4.07
CA PRO B 72 8.05 -22.14 4.39
C PRO B 72 6.61 -21.78 4.80
N GLU B 73 5.62 -22.47 4.23
CA GLU B 73 4.22 -22.27 4.57
C GLU B 73 3.95 -22.65 6.01
N VAL B 74 4.43 -23.83 6.39
CA VAL B 74 4.25 -24.32 7.76
C VAL B 74 4.91 -23.37 8.76
N LEU B 75 6.06 -22.80 8.39
CA LEU B 75 6.77 -21.81 9.24
C LEU B 75 5.92 -20.57 9.38
N GLU B 76 5.31 -20.13 8.28
CA GLU B 76 4.38 -18.99 8.34
C GLU B 76 3.18 -19.30 9.22
N LEU B 77 2.63 -20.51 9.12
CA LEU B 77 1.47 -20.90 9.93
C LEU B 77 1.78 -20.83 11.40
N LYS B 78 2.98 -21.31 11.76
CA LYS B 78 3.42 -21.30 13.15
C LYS B 78 3.57 -19.92 13.78
N GLN B 79 3.99 -18.94 13.00
CA GLN B 79 4.00 -17.54 13.46
C GLN B 79 2.58 -17.06 13.76
N LYS B 80 1.65 -17.45 12.90
CA LYS B 80 0.26 -17.07 13.01
C LYS B 80 -0.39 -17.78 14.21
N LEU B 81 -0.03 -19.05 14.41
CA LEU B 81 -0.55 -19.79 15.54
C LEU B 81 0.04 -19.32 16.85
N ALA B 82 1.24 -18.78 16.80
CA ALA B 82 1.83 -18.13 17.98
C ALA B 82 1.00 -16.91 18.40
N ASP B 83 0.52 -16.18 17.41
CA ASP B 83 -0.36 -15.04 17.63
C ASP B 83 -1.69 -15.46 18.26
N VAL B 84 -2.21 -16.62 17.86
CA VAL B 84 -3.46 -17.15 18.45
C VAL B 84 -3.31 -17.43 19.96
N ALA B 85 -2.30 -18.20 20.31
CA ALA B 85 -2.05 -18.61 21.68
C ALA B 85 -1.70 -17.41 22.56
N ASN B 86 -1.00 -16.41 22.02
CA ASN B 86 -0.73 -15.15 22.76
C ASN B 86 -1.91 -14.16 22.78
N GLY B 87 -3.07 -14.57 22.31
CA GLY B 87 -4.29 -13.79 22.46
C GLY B 87 -4.49 -12.68 21.47
N LYS B 88 -3.81 -12.75 20.33
CA LYS B 88 -3.89 -11.72 19.28
C LYS B 88 -4.55 -12.23 17.99
N ALA B 89 -5.12 -13.44 18.02
CA ALA B 89 -5.73 -14.08 16.84
C ALA B 89 -6.64 -15.24 17.21
N PHE B 90 -7.44 -15.71 16.25
CA PHE B 90 -8.43 -16.76 16.48
C PHE B 90 -8.31 -17.83 15.42
N LEU B 91 -8.31 -19.10 15.84
CA LEU B 91 -8.25 -20.23 14.88
C LEU B 91 -9.63 -20.78 14.52
N LEU B 92 -9.96 -20.76 13.22
CA LEU B 92 -11.18 -21.36 12.72
C LEU B 92 -10.79 -22.57 11.91
N GLN B 93 -11.16 -23.74 12.38
CA GLN B 93 -10.84 -24.97 11.69
C GLN B 93 -12.13 -25.70 11.40
N GLY B 94 -12.29 -26.21 10.19
CA GLY B 94 -13.45 -27.03 9.89
C GLY B 94 -13.58 -27.53 8.49
N GLY B 95 -14.57 -28.38 8.27
CA GLY B 95 -14.80 -29.03 6.98
C GLY B 95 -15.46 -30.39 7.17
N ASP B 96 -15.45 -31.21 6.11
CA ASP B 96 -16.03 -32.54 6.19
C ASP B 96 -15.50 -33.29 7.39
N CYS B 97 -16.37 -34.06 8.03
CA CYS B 97 -15.90 -35.09 8.95
C CYS B 97 -14.96 -36.02 8.19
N ALA B 98 -15.37 -36.42 6.98
CA ALA B 98 -14.62 -37.40 6.18
C ALA B 98 -14.69 -37.08 4.69
N GLU B 99 -13.54 -36.82 4.07
CA GLU B 99 -13.53 -36.63 2.63
C GLU B 99 -13.63 -37.99 1.95
N THR B 100 -14.25 -38.01 0.77
CA THR B 100 -14.29 -39.19 -0.06
C THR B 100 -13.81 -38.76 -1.41
N PHE B 101 -13.30 -39.74 -2.16
CA PHE B 101 -12.89 -39.54 -3.53
C PHE B 101 -14.09 -39.15 -4.37
N GLU B 102 -15.20 -39.84 -4.14
CA GLU B 102 -16.47 -39.55 -4.81
C GLU B 102 -16.85 -38.05 -4.69
N SER B 103 -16.71 -37.50 -3.48
CA SER B 103 -17.08 -36.12 -3.18
C SER B 103 -16.00 -35.06 -3.39
N ASN B 104 -14.80 -35.46 -3.83
CA ASN B 104 -13.67 -34.54 -4.02
C ASN B 104 -13.79 -33.84 -5.38
N THR B 105 -14.79 -32.97 -5.51
CA THR B 105 -15.12 -32.33 -6.79
C THR B 105 -15.06 -30.80 -6.66
N GLU B 106 -14.94 -30.10 -7.80
CA GLU B 106 -14.81 -28.65 -7.74
C GLU B 106 -15.96 -28.04 -6.95
N PRO B 107 -17.22 -28.40 -7.28
CA PRO B 107 -18.36 -27.81 -6.55
C PRO B 107 -18.30 -28.04 -5.04
N HIS B 108 -18.00 -29.28 -4.63
CA HIS B 108 -17.99 -29.60 -3.22
C HIS B 108 -16.85 -28.86 -2.48
N ILE B 109 -15.68 -28.80 -3.08
CA ILE B 109 -14.53 -28.12 -2.48
C ILE B 109 -14.77 -26.60 -2.44
N ARG B 110 -15.33 -26.05 -3.50
CA ARG B 110 -15.62 -24.62 -3.54
C ARG B 110 -16.63 -24.28 -2.45
N ALA B 111 -17.64 -25.14 -2.31
CA ALA B 111 -18.70 -24.98 -1.33
C ALA B 111 -18.17 -24.88 0.11
N ASN B 112 -17.34 -25.83 0.51
CA ASN B 112 -16.73 -25.80 1.84
C ASN B 112 -15.79 -24.60 2.01
N VAL B 113 -15.00 -24.31 0.97
CA VAL B 113 -14.06 -23.16 0.99
C VAL B 113 -14.81 -21.86 1.21
N LYS B 114 -15.84 -21.63 0.38
CA LYS B 114 -16.74 -20.49 0.51
C LYS B 114 -17.29 -20.35 1.93
N THR B 115 -17.86 -21.43 2.44
CA THR B 115 -18.43 -21.42 3.80
C THR B 115 -17.38 -21.11 4.89
N LEU B 116 -16.26 -21.80 4.88
CA LEU B 116 -15.15 -21.47 5.77
C LEU B 116 -14.74 -19.96 5.76
N LEU B 117 -14.65 -19.38 4.55
CA LEU B 117 -14.23 -17.97 4.38
C LEU B 117 -15.31 -16.98 4.87
N GLN B 118 -16.57 -17.27 4.51
CA GLN B 118 -17.75 -16.52 4.97
C GLN B 118 -17.84 -16.51 6.48
N MET B 119 -17.65 -17.67 7.10
CA MET B 119 -17.61 -17.78 8.56
C MET B 119 -16.50 -16.91 9.10
N ALA B 120 -15.32 -17.01 8.47
CA ALA B 120 -14.12 -16.28 8.94
C ALA B 120 -14.27 -14.76 8.95
N VAL B 121 -15.02 -14.20 7.99
CA VAL B 121 -15.23 -12.74 7.95
C VAL B 121 -16.10 -12.28 9.10
N VAL B 122 -17.15 -13.04 9.40
CA VAL B 122 -18.02 -12.74 10.54
C VAL B 122 -17.25 -12.86 11.87
N LEU B 123 -16.45 -13.92 11.98
CA LEU B 123 -15.64 -14.14 13.19
C LEU B 123 -14.53 -13.11 13.35
N THR B 124 -13.97 -12.67 12.22
CA THR B 124 -12.99 -11.59 12.27
C THR B 124 -13.63 -10.31 12.86
N TYR B 125 -14.84 -9.97 12.42
CA TYR B 125 -15.50 -8.78 12.94
C TYR B 125 -15.78 -8.91 14.44
N GLY B 126 -16.21 -10.09 14.89
CA GLY B 126 -16.49 -10.30 16.32
C GLY B 126 -15.25 -10.31 17.18
N ALA B 127 -14.20 -10.94 16.68
CA ALA B 127 -12.96 -11.10 17.44
C ALA B 127 -12.17 -9.80 17.55
N SER B 128 -12.28 -8.93 16.53
CA SER B 128 -11.42 -7.77 16.40
C SER B 128 -9.94 -8.22 16.25
N THR B 129 -9.76 -9.44 15.75
CA THR B 129 -8.44 -10.00 15.51
C THR B 129 -8.53 -10.73 14.21
N PRO B 130 -7.38 -10.95 13.55
CA PRO B 130 -7.34 -11.89 12.42
C PRO B 130 -7.85 -13.28 12.81
N VAL B 131 -8.42 -13.96 11.82
CA VAL B 131 -8.77 -15.35 11.96
C VAL B 131 -7.84 -16.19 11.06
N ILE B 132 -7.17 -17.18 11.64
CA ILE B 132 -6.41 -18.12 10.87
C ILE B 132 -7.41 -19.21 10.44
N LYS B 133 -7.40 -19.51 9.14
CA LYS B 133 -8.42 -20.32 8.50
C LYS B 133 -7.79 -21.63 8.14
N MET B 134 -8.35 -22.71 8.67
CA MET B 134 -7.73 -24.01 8.54
C MET B 134 -8.77 -25.04 8.17
N ALA B 135 -8.69 -25.53 6.94
CA ALA B 135 -9.66 -26.47 6.43
C ALA B 135 -9.31 -27.91 6.78
N ARG B 136 -10.30 -28.69 7.21
CA ARG B 136 -10.18 -30.16 7.24
C ARG B 136 -10.32 -30.57 5.80
N ILE B 137 -9.21 -30.83 5.12
CA ILE B 137 -9.26 -31.07 3.69
C ILE B 137 -7.92 -31.59 3.19
N ALA B 138 -7.94 -32.18 1.99
CA ALA B 138 -6.74 -32.66 1.33
C ALA B 138 -6.00 -33.67 2.21
N GLY B 139 -6.75 -34.65 2.71
CA GLY B 139 -6.19 -35.72 3.52
C GLY B 139 -6.99 -36.29 4.66
N GLN B 140 -8.22 -35.81 4.87
CA GLN B 140 -9.09 -36.36 5.92
C GLN B 140 -9.83 -37.57 5.36
N TYR B 141 -9.06 -38.61 5.09
CA TYR B 141 -9.53 -39.81 4.36
C TYR B 141 -9.44 -41.08 5.23
N ALA B 142 -9.06 -40.93 6.50
CA ALA B 142 -8.93 -42.06 7.44
C ALA B 142 -9.75 -41.75 8.67
N LYS B 143 -10.45 -42.76 9.18
CA LYS B 143 -11.30 -42.64 10.36
C LYS B 143 -11.08 -43.81 11.32
N PRO B 144 -11.11 -43.55 12.64
CA PRO B 144 -10.98 -44.64 13.62
C PRO B 144 -12.28 -45.41 13.81
N ARG B 145 -12.21 -46.74 13.82
CA ARG B 145 -13.38 -47.58 14.09
C ARG B 145 -13.24 -48.33 15.41
N SER B 146 -14.39 -48.56 16.06
CA SER B 146 -14.44 -49.24 17.35
C SER B 146 -14.18 -50.74 17.20
N SER B 147 -14.97 -51.40 16.36
CA SER B 147 -14.74 -52.80 16.01
C SER B 147 -14.15 -52.86 14.61
N ASP B 148 -13.08 -53.63 14.43
CA ASP B 148 -12.50 -53.84 13.11
C ASP B 148 -13.53 -54.48 12.16
N LEU B 149 -14.16 -55.56 12.65
CA LEU B 149 -15.21 -56.30 11.93
C LEU B 149 -16.60 -55.91 12.48
N ASP B 150 -17.65 -56.28 11.76
CA ASP B 150 -19.04 -56.20 12.25
C ASP B 150 -19.55 -57.60 12.66
N GLY B 151 -20.73 -57.65 13.30
CA GLY B 151 -21.33 -58.88 13.85
C GLY B 151 -21.60 -60.01 12.86
N ASN B 152 -21.72 -59.65 11.57
CA ASN B 152 -21.76 -60.62 10.46
C ASN B 152 -20.40 -60.84 9.76
N GLY B 153 -19.31 -60.54 10.46
CA GLY B 153 -17.96 -60.83 9.98
C GLY B 153 -17.45 -59.99 8.81
N LEU B 154 -18.06 -58.84 8.54
CA LEU B 154 -17.61 -57.93 7.46
C LEU B 154 -16.71 -56.83 8.04
N PRO B 155 -15.54 -56.54 7.41
CA PRO B 155 -14.71 -55.43 7.91
C PRO B 155 -15.37 -54.05 7.74
N ASN B 156 -15.27 -53.21 8.77
CA ASN B 156 -15.84 -51.86 8.70
C ASN B 156 -15.08 -50.94 7.76
N TYR B 157 -15.81 -49.96 7.20
CA TYR B 157 -15.23 -48.86 6.43
C TYR B 157 -14.32 -48.07 7.34
N ARG B 158 -13.02 -48.01 7.02
CA ARG B 158 -12.04 -47.22 7.81
C ARG B 158 -11.63 -45.89 7.16
N GLY B 159 -12.25 -45.56 6.02
CA GLY B 159 -11.94 -44.35 5.25
C GLY B 159 -11.43 -44.70 3.85
N ASP B 160 -11.59 -43.78 2.90
CA ASP B 160 -11.23 -44.03 1.49
C ASP B 160 -9.73 -44.27 1.25
N ILE B 161 -8.87 -43.91 2.21
CA ILE B 161 -7.45 -44.26 2.15
C ILE B 161 -7.15 -45.73 2.52
N VAL B 162 -8.11 -46.42 3.16
CA VAL B 162 -7.98 -47.84 3.53
C VAL B 162 -8.87 -48.76 2.66
N ASN B 163 -10.17 -48.49 2.64
CA ASN B 163 -11.15 -49.30 1.89
C ASN B 163 -12.39 -48.50 1.41
N GLY B 164 -13.35 -49.17 0.76
CA GLY B 164 -14.55 -48.53 0.19
C GLY B 164 -15.74 -48.48 1.13
N VAL B 165 -16.70 -47.60 0.82
CA VAL B 165 -17.95 -47.47 1.58
C VAL B 165 -18.84 -48.71 1.32
N GLU B 166 -18.88 -49.15 0.06
CA GLU B 166 -19.64 -50.32 -0.36
C GLU B 166 -19.35 -51.52 0.56
N ALA B 167 -20.41 -52.04 1.19
CA ALA B 167 -20.29 -53.12 2.18
C ALA B 167 -20.26 -54.52 1.55
N THR B 168 -19.14 -54.84 0.88
CA THR B 168 -18.86 -56.18 0.33
C THR B 168 -17.46 -56.63 0.75
N PRO B 169 -17.16 -57.94 0.68
CA PRO B 169 -15.80 -58.45 0.94
C PRO B 169 -14.67 -57.80 0.14
N GLU B 170 -14.94 -57.47 -1.12
CA GLU B 170 -13.93 -56.96 -2.04
C GLU B 170 -13.65 -55.49 -1.75
N ALA B 171 -14.74 -54.72 -1.64
CA ALA B 171 -14.69 -53.26 -1.38
C ALA B 171 -14.18 -52.90 0.01
N ARG B 172 -14.38 -53.78 0.98
CA ARG B 172 -13.89 -53.57 2.34
C ARG B 172 -12.47 -54.07 2.58
N ARG B 173 -11.88 -54.81 1.65
CA ARG B 173 -10.47 -55.21 1.79
C ARG B 173 -9.59 -53.97 1.94
N HIS B 174 -8.57 -54.11 2.76
CA HIS B 174 -7.67 -53.01 3.05
C HIS B 174 -6.66 -52.97 1.95
N ASP B 175 -6.68 -51.88 1.19
CA ASP B 175 -5.94 -51.77 -0.05
C ASP B 175 -4.90 -50.66 0.14
N PRO B 176 -3.59 -51.02 0.20
CA PRO B 176 -2.58 -49.96 0.39
C PRO B 176 -2.41 -49.04 -0.83
N ALA B 177 -2.81 -49.49 -2.02
CA ALA B 177 -2.78 -48.62 -3.20
C ALA B 177 -3.66 -47.37 -3.04
N ARG B 178 -4.66 -47.44 -2.15
CA ARG B 178 -5.49 -46.29 -1.85
C ARG B 178 -4.71 -45.11 -1.27
N MET B 179 -3.55 -45.36 -0.65
CA MET B 179 -2.63 -44.29 -0.26
C MET B 179 -2.22 -43.38 -1.43
N ILE B 180 -2.00 -43.96 -2.60
CA ILE B 180 -1.64 -43.18 -3.80
C ILE B 180 -2.86 -42.37 -4.27
N ARG B 181 -4.03 -43.01 -4.23
CA ARG B 181 -5.28 -42.33 -4.61
C ARG B 181 -5.59 -41.16 -3.67
N ALA B 182 -5.32 -41.34 -2.38
CA ALA B 182 -5.50 -40.31 -1.42
C ALA B 182 -4.55 -39.12 -1.71
N TYR B 183 -3.29 -39.44 -1.99
CA TYR B 183 -2.29 -38.42 -2.39
C TYR B 183 -2.71 -37.65 -3.65
N ALA B 184 -3.20 -38.38 -4.66
CA ALA B 184 -3.61 -37.73 -5.90
C ALA B 184 -4.82 -36.82 -5.66
N ASN B 185 -5.78 -37.32 -4.89
CA ASN B 185 -6.96 -36.52 -4.54
C ASN B 185 -6.59 -35.32 -3.68
N ALA B 186 -5.67 -35.49 -2.72
CA ALA B 186 -5.27 -34.39 -1.85
C ALA B 186 -4.55 -33.27 -2.61
N SER B 187 -3.66 -33.68 -3.53
CA SER B 187 -2.98 -32.77 -4.43
C SER B 187 -3.97 -31.92 -5.18
N ALA B 188 -4.97 -32.58 -5.77
CA ALA B 188 -5.98 -31.89 -6.56
C ALA B 188 -6.83 -30.94 -5.73
N ALA B 189 -7.25 -31.39 -4.56
CA ALA B 189 -8.02 -30.55 -3.66
C ALA B 189 -7.21 -29.33 -3.24
N MET B 190 -5.95 -29.55 -2.86
CA MET B 190 -5.15 -28.45 -2.34
C MET B 190 -4.74 -27.49 -3.47
N ASN B 191 -4.47 -28.04 -4.66
CA ASN B 191 -4.28 -27.22 -5.84
C ASN B 191 -5.46 -26.26 -6.07
N LEU B 192 -6.68 -26.81 -6.00
CA LEU B 192 -7.90 -26.03 -6.18
C LEU B 192 -8.11 -24.99 -5.07
N VAL B 193 -7.86 -25.40 -3.83
CA VAL B 193 -7.99 -24.49 -2.68
C VAL B 193 -7.09 -23.27 -2.88
N ARG B 194 -5.85 -23.50 -3.30
CA ARG B 194 -4.94 -22.41 -3.61
C ARG B 194 -5.46 -21.57 -4.78
N ALA B 195 -5.89 -22.21 -5.87
CA ALA B 195 -6.48 -21.45 -7.02
C ALA B 195 -7.68 -20.54 -6.63
N LEU B 196 -8.59 -21.09 -5.84
CA LEU B 196 -9.79 -20.35 -5.44
C LEU B 196 -9.42 -19.16 -4.56
N THR B 197 -8.51 -19.37 -3.62
CA THR B 197 -8.19 -18.30 -2.69
C THR B 197 -7.31 -17.19 -3.27
N SER B 198 -6.66 -17.42 -4.41
CA SER B 198 -5.87 -16.40 -5.09
C SER B 198 -6.57 -15.72 -6.25
N SER B 199 -7.76 -16.17 -6.63
CA SER B 199 -8.42 -15.72 -7.86
C SER B 199 -9.78 -15.08 -7.65
N GLY B 200 -10.15 -14.79 -6.39
CA GLY B 200 -11.36 -13.99 -6.10
C GLY B 200 -12.40 -14.60 -5.19
N THR B 201 -12.28 -15.90 -4.91
CA THR B 201 -13.22 -16.59 -4.02
C THR B 201 -13.09 -16.11 -2.58
N ALA B 202 -11.90 -15.62 -2.23
CA ALA B 202 -11.60 -15.08 -0.89
C ALA B 202 -11.65 -13.56 -0.80
N ASP B 203 -12.19 -12.89 -1.82
CA ASP B 203 -12.36 -11.43 -1.79
C ASP B 203 -13.33 -11.05 -0.66
N LEU B 204 -12.96 -10.05 0.15
CA LEU B 204 -13.74 -9.72 1.34
C LEU B 204 -15.16 -9.22 1.04
N TYR B 205 -15.31 -8.42 -0.02
CA TYR B 205 -16.60 -7.80 -0.38
C TYR B 205 -17.53 -8.81 -1.04
N ARG B 206 -16.97 -9.75 -1.80
CA ARG B 206 -17.73 -10.87 -2.38
C ARG B 206 -18.26 -11.82 -1.29
N LEU B 207 -17.40 -12.16 -0.33
CA LEU B 207 -17.82 -12.97 0.83
C LEU B 207 -18.94 -12.32 1.64
N SER B 208 -18.83 -11.01 1.88
CA SER B 208 -19.86 -10.23 2.57
C SER B 208 -21.22 -10.15 1.82
N GLU B 209 -21.21 -10.16 0.49
CA GLU B 209 -22.45 -10.25 -0.32
C GLU B 209 -23.14 -11.61 -0.18
N TRP B 210 -22.33 -12.67 -0.11
CA TRP B 210 -22.87 -14.01 0.20
C TRP B 210 -23.46 -14.08 1.61
N ASN B 211 -22.83 -13.38 2.58
CA ASN B 211 -23.36 -13.31 3.94
C ASN B 211 -24.67 -12.54 3.96
N ARG B 212 -24.74 -11.52 3.13
CA ARG B 212 -25.90 -10.67 3.03
C ARG B 212 -27.05 -11.47 2.44
N GLU B 213 -26.81 -12.30 1.43
CA GLU B 213 -27.89 -13.10 0.88
C GLU B 213 -28.24 -14.32 1.76
N PHE B 214 -27.34 -14.71 2.64
CA PHE B 214 -27.67 -15.64 3.73
C PHE B 214 -28.67 -15.02 4.72
N VAL B 215 -28.38 -13.81 5.18
CA VAL B 215 -29.20 -13.13 6.19
C VAL B 215 -30.59 -12.83 5.63
N ALA B 216 -30.62 -12.24 4.44
CA ALA B 216 -31.87 -11.96 3.71
C ALA B 216 -32.73 -13.18 3.40
N ASN B 217 -32.12 -14.36 3.32
CA ASN B 217 -32.85 -15.64 3.02
C ASN B 217 -33.10 -16.57 4.21
N SER B 218 -32.42 -16.36 5.34
CA SER B 218 -32.63 -17.24 6.49
C SER B 218 -34.02 -17.02 7.16
N PRO B 219 -34.68 -18.11 7.61
CA PRO B 219 -35.84 -17.94 8.51
C PRO B 219 -35.49 -17.26 9.83
N ALA B 220 -34.20 -17.24 10.21
CA ALA B 220 -33.72 -16.48 11.36
C ALA B 220 -32.84 -15.31 10.99
N GLY B 221 -33.02 -14.77 9.79
CA GLY B 221 -32.23 -13.61 9.37
C GLY B 221 -32.32 -12.42 10.31
N ALA B 222 -33.50 -12.21 10.91
CA ALA B 222 -33.70 -11.15 11.88
C ALA B 222 -32.85 -11.29 13.14
N ARG B 223 -32.39 -12.51 13.44
CA ARG B 223 -31.46 -12.76 14.54
C ARG B 223 -30.08 -12.18 14.25
N TYR B 224 -29.74 -12.08 12.97
CA TYR B 224 -28.41 -11.70 12.52
C TYR B 224 -28.34 -10.34 11.85
N GLU B 225 -29.50 -9.76 11.52
CA GLU B 225 -29.61 -8.44 10.82
C GLU B 225 -28.67 -7.38 11.36
N ALA B 226 -28.76 -7.12 12.66
CA ALA B 226 -28.05 -6.01 13.27
C ALA B 226 -26.56 -6.24 13.16
N LEU B 227 -26.11 -7.46 13.47
CA LEU B 227 -24.69 -7.73 13.37
C LEU B 227 -24.20 -7.66 11.93
N ALA B 228 -24.92 -8.26 10.98
CA ALA B 228 -24.58 -8.11 9.55
C ALA B 228 -24.51 -6.64 9.08
N ARG B 229 -25.42 -5.80 9.56
CA ARG B 229 -25.46 -4.38 9.19
C ARG B 229 -24.24 -3.65 9.72
N GLU B 230 -23.80 -4.05 10.91
CA GLU B 230 -22.60 -3.51 11.56
C GLU B 230 -21.32 -3.84 10.79
N ILE B 231 -21.23 -5.07 10.32
CA ILE B 231 -20.10 -5.51 9.52
C ILE B 231 -20.03 -4.70 8.24
N ASP B 232 -21.15 -4.60 7.52
CA ASP B 232 -21.23 -3.84 6.27
C ASP B 232 -20.84 -2.40 6.46
N SER B 233 -21.29 -1.78 7.55
CA SER B 233 -20.92 -0.41 7.85
C SER B 233 -19.41 -0.32 8.06
N GLY B 234 -18.85 -1.33 8.73
CA GLY B 234 -17.40 -1.50 8.91
C GLY B 234 -16.61 -1.65 7.61
N LEU B 235 -17.09 -2.50 6.70
CA LEU B 235 -16.56 -2.63 5.35
C LEU B 235 -16.56 -1.33 4.55
N ARG B 236 -17.69 -0.66 4.57
CA ARG B 236 -17.85 0.62 3.85
C ARG B 236 -17.06 1.75 4.48
N PHE B 237 -16.84 1.67 5.79
CA PHE B 237 -15.91 2.56 6.49
C PHE B 237 -14.45 2.44 6.00
N MET B 238 -13.99 1.23 5.68
CA MET B 238 -12.61 1.03 5.22
C MET B 238 -12.44 1.69 3.85
N GLU B 239 -13.36 1.37 2.96
CA GLU B 239 -13.47 2.01 1.65
C GLU B 239 -13.53 3.53 1.71
N ALA B 240 -14.24 4.09 2.68
CA ALA B 240 -14.39 5.54 2.83
C ALA B 240 -13.13 6.20 3.38
N CYS B 241 -12.41 5.48 4.23
CA CYS B 241 -11.08 5.87 4.69
C CYS B 241 -9.97 5.75 3.63
N GLY B 242 -10.26 5.27 2.43
CA GLY B 242 -9.28 5.25 1.35
C GLY B 242 -8.30 4.10 1.41
N VAL B 243 -8.70 3.03 2.08
CA VAL B 243 -7.97 1.78 2.13
C VAL B 243 -8.17 1.04 0.80
N SER B 244 -7.18 1.17 -0.07
CA SER B 244 -7.09 0.37 -1.28
C SER B 244 -6.00 -0.66 -0.98
N ASP B 245 -6.38 -1.93 -0.92
CA ASP B 245 -5.45 -2.98 -0.50
C ASP B 245 -5.73 -4.30 -1.22
N GLU B 246 -4.65 -4.91 -1.71
CA GLU B 246 -4.68 -6.31 -2.19
C GLU B 246 -4.86 -7.33 -1.03
N SER B 247 -4.56 -6.93 0.21
CA SER B 247 -4.93 -7.71 1.41
C SER B 247 -6.38 -8.24 1.39
N LEU B 248 -7.30 -7.40 0.91
CA LEU B 248 -8.74 -7.69 0.96
C LEU B 248 -9.25 -8.60 -0.19
N ARG B 249 -8.42 -8.88 -1.18
CA ARG B 249 -8.81 -9.66 -2.36
C ARG B 249 -8.60 -11.17 -2.21
N ALA B 250 -7.76 -11.57 -1.26
CA ALA B 250 -7.28 -12.94 -1.17
C ALA B 250 -7.07 -13.30 0.29
N ALA B 251 -6.86 -14.58 0.54
CA ALA B 251 -6.69 -15.07 1.89
C ALA B 251 -6.01 -16.41 1.86
N ASP B 252 -5.31 -16.73 2.93
CA ASP B 252 -4.67 -18.04 3.09
C ASP B 252 -5.54 -19.05 3.81
N ILE B 253 -5.77 -20.20 3.17
CA ILE B 253 -6.39 -21.35 3.82
C ILE B 253 -5.34 -22.44 3.96
N TYR B 254 -5.11 -22.87 5.20
CA TYR B 254 -4.19 -23.95 5.51
C TYR B 254 -4.97 -25.25 5.57
N CYS B 255 -4.41 -26.34 5.05
CA CYS B 255 -5.01 -27.66 5.24
C CYS B 255 -4.57 -28.36 6.52
N SER B 256 -5.47 -29.21 7.00
CA SER B 256 -5.23 -30.10 8.12
C SER B 256 -5.94 -31.42 7.94
N HIS B 257 -5.49 -32.44 8.71
CA HIS B 257 -6.23 -33.69 8.88
C HIS B 257 -5.71 -34.47 10.08
N GLU B 258 -6.50 -35.44 10.53
CA GLU B 258 -6.06 -36.33 11.60
C GLU B 258 -4.93 -37.22 11.07
N ALA B 259 -3.77 -37.13 11.71
CA ALA B 259 -2.63 -37.96 11.36
C ALA B 259 -2.87 -39.30 12.00
N LEU B 260 -3.43 -40.22 11.22
CA LEU B 260 -3.87 -41.51 11.74
C LEU B 260 -3.10 -42.67 11.12
N LEU B 261 -3.13 -42.77 9.80
CA LEU B 261 -2.49 -43.86 9.07
C LEU B 261 -0.94 -43.78 9.03
N VAL B 262 -0.26 -44.70 9.73
CA VAL B 262 1.20 -44.63 9.90
C VAL B 262 1.95 -44.52 8.56
N ASP B 263 1.55 -45.35 7.60
CA ASP B 263 2.33 -45.52 6.38
C ASP B 263 2.26 -44.26 5.49
N TYR B 264 1.07 -43.72 5.29
CA TYR B 264 0.89 -42.46 4.55
C TYR B 264 1.62 -41.30 5.23
N GLU B 265 1.48 -41.18 6.53
CA GLU B 265 2.09 -40.07 7.24
C GLU B 265 3.62 -40.09 7.23
N ARG B 266 4.22 -41.26 7.41
CA ARG B 266 5.70 -41.36 7.42
C ARG B 266 6.30 -41.22 6.02
N SER B 267 5.56 -41.65 5.00
CA SER B 267 5.99 -41.44 3.63
C SER B 267 5.91 -39.99 3.12
N MET B 268 5.27 -39.11 3.88
CA MET B 268 5.19 -37.68 3.57
C MET B 268 6.11 -36.85 4.46
N LEU B 269 7.00 -37.50 5.21
CA LEU B 269 8.02 -36.79 5.97
C LEU B 269 9.06 -36.23 4.99
N ARG B 270 9.50 -35.00 5.27
CA ARG B 270 10.51 -34.33 4.45
C ARG B 270 11.38 -33.49 5.36
N LEU B 271 12.69 -33.46 5.06
CA LEU B 271 13.63 -32.55 5.71
C LEU B 271 13.58 -31.23 5.00
N ALA B 272 13.46 -30.16 5.76
CA ALA B 272 13.49 -28.81 5.21
C ALA B 272 14.59 -28.04 5.92
N THR B 273 15.44 -27.37 5.13
CA THR B 273 16.50 -26.53 5.64
C THR B 273 16.08 -25.05 5.61
N ASP B 274 16.35 -24.36 6.71
CA ASP B 274 15.83 -23.02 7.02
C ASP B 274 16.58 -21.91 6.25
N GLU B 275 16.15 -20.67 6.46
CA GLU B 275 16.86 -19.46 6.03
C GLU B 275 18.20 -19.27 6.74
N GLU B 276 18.26 -19.62 8.02
CA GLU B 276 19.49 -19.56 8.83
C GLU B 276 20.32 -20.86 8.88
N GLY B 277 19.84 -21.94 8.24
CA GLY B 277 20.62 -23.17 8.05
C GLY B 277 20.24 -24.40 8.86
N ASN B 278 19.09 -24.36 9.54
CA ASN B 278 18.61 -25.47 10.40
C ASN B 278 17.84 -26.54 9.63
N GLU B 279 18.15 -27.83 9.89
CA GLU B 279 17.37 -28.97 9.34
C GLU B 279 16.26 -29.36 10.32
N GLU B 280 15.02 -29.24 9.87
CA GLU B 280 13.85 -29.72 10.62
C GLU B 280 13.15 -30.80 9.83
N LEU B 281 12.46 -31.69 10.54
CA LEU B 281 11.68 -32.77 9.90
C LEU B 281 10.21 -32.36 9.95
N TYR B 282 9.55 -32.37 8.80
CA TYR B 282 8.12 -32.06 8.69
C TYR B 282 7.41 -33.24 8.08
N ASP B 283 6.14 -33.39 8.43
CA ASP B 283 5.21 -34.23 7.68
C ASP B 283 4.46 -33.27 6.79
N LEU B 284 4.75 -33.28 5.50
CA LEU B 284 4.19 -32.31 4.55
C LEU B 284 2.98 -32.82 3.76
N SER B 285 2.19 -33.68 4.39
CA SER B 285 0.83 -34.01 3.91
C SER B 285 -0.20 -32.93 4.29
N ALA B 286 0.18 -32.02 5.19
CA ALA B 286 -0.68 -30.93 5.63
C ALA B 286 0.12 -29.86 6.35
N HIS B 287 -0.45 -28.67 6.43
CA HIS B 287 0.12 -27.65 7.31
C HIS B 287 -0.02 -28.05 8.79
N GLN B 288 -1.21 -28.49 9.20
CA GLN B 288 -1.48 -28.89 10.57
C GLN B 288 -1.97 -30.34 10.62
N LEU B 289 -1.50 -31.10 11.60
CA LEU B 289 -1.97 -32.48 11.85
C LEU B 289 -2.43 -32.56 13.29
N TRP B 290 -3.46 -33.36 13.55
CA TRP B 290 -3.87 -33.59 14.93
C TRP B 290 -3.96 -35.07 15.29
N ILE B 291 -3.99 -35.31 16.60
CA ILE B 291 -4.07 -36.64 17.16
C ILE B 291 -5.47 -36.83 17.72
N GLY B 292 -6.11 -37.89 17.26
CA GLY B 292 -7.46 -38.20 17.66
C GLY B 292 -7.51 -38.67 19.10
N GLU B 293 -8.74 -38.69 19.61
CA GLU B 293 -9.05 -39.08 20.99
C GLU B 293 -8.75 -40.57 21.25
N ARG B 294 -8.96 -41.42 20.24
CA ARG B 294 -8.70 -42.85 20.34
C ARG B 294 -7.27 -43.31 19.95
N THR B 295 -6.30 -42.40 19.86
CA THR B 295 -4.94 -42.74 19.42
C THR B 295 -3.90 -41.90 20.15
N ARG B 296 -4.20 -41.45 21.36
CA ARG B 296 -3.34 -40.50 22.06
C ARG B 296 -2.63 -41.12 23.28
N GLY B 297 -2.43 -42.44 23.27
CA GLY B 297 -1.61 -43.06 24.27
C GLY B 297 -0.21 -42.42 24.30
N MET B 298 0.26 -42.08 25.49
CA MET B 298 1.57 -41.43 25.66
C MET B 298 2.71 -42.32 25.13
N ASP B 299 2.55 -43.63 25.30
CA ASP B 299 3.55 -44.62 24.89
C ASP B 299 3.44 -45.06 23.42
N ASP B 300 2.44 -44.54 22.69
CA ASP B 300 2.10 -45.04 21.35
C ASP B 300 2.64 -44.19 20.19
N PHE B 301 2.48 -44.69 18.97
CA PHE B 301 3.03 -44.05 17.76
C PHE B 301 2.67 -42.54 17.59
N HIS B 302 1.38 -42.25 17.60
CA HIS B 302 0.83 -40.98 17.11
C HIS B 302 1.33 -39.77 17.90
N VAL B 303 1.31 -39.85 19.22
CA VAL B 303 1.88 -38.83 20.13
C VAL B 303 3.41 -38.63 19.94
N ASN B 304 4.12 -39.73 19.71
CA ASN B 304 5.57 -39.69 19.57
C ASN B 304 6.00 -39.18 18.18
N PHE B 305 5.25 -39.54 17.15
CA PHE B 305 5.38 -38.99 15.79
C PHE B 305 5.12 -37.48 15.79
N ALA B 306 4.02 -37.06 16.41
CA ALA B 306 3.72 -35.65 16.60
C ALA B 306 4.80 -34.88 17.32
N SER B 307 5.43 -35.49 18.34
CA SER B 307 6.58 -34.88 19.03
C SER B 307 7.77 -34.65 18.11
N MET B 308 7.99 -35.60 17.21
CA MET B 308 9.08 -35.55 16.24
C MET B 308 9.00 -34.45 15.18
N ILE B 309 7.79 -34.22 14.66
CA ILE B 309 7.63 -33.32 13.52
C ILE B 309 7.53 -31.87 13.96
N SER B 310 7.84 -30.97 13.07
CA SER B 310 7.84 -29.55 13.41
C SER B 310 6.62 -28.80 12.90
N ASN B 311 5.67 -29.52 12.28
CA ASN B 311 4.36 -28.96 12.01
C ASN B 311 3.71 -28.55 13.33
N PRO B 312 2.83 -27.52 13.31
CA PRO B 312 1.97 -27.35 14.49
C PRO B 312 1.06 -28.55 14.65
N ILE B 313 0.76 -28.88 15.91
CA ILE B 313 0.07 -30.11 16.27
C ILE B 313 -1.18 -29.78 17.06
N GLY B 314 -2.23 -30.55 16.83
CA GLY B 314 -3.39 -30.58 17.71
C GLY B 314 -3.58 -31.93 18.38
N ILE B 315 -4.31 -31.93 19.47
CA ILE B 315 -4.60 -33.15 20.22
C ILE B 315 -6.03 -33.02 20.78
N LYS B 316 -6.87 -33.99 20.44
CA LYS B 316 -8.23 -34.08 20.95
C LYS B 316 -8.24 -34.61 22.37
N ILE B 317 -8.79 -33.85 23.32
CA ILE B 317 -9.07 -34.34 24.69
C ILE B 317 -10.57 -34.33 24.99
N GLY B 318 -11.02 -35.41 25.60
CA GLY B 318 -12.43 -35.67 25.90
C GLY B 318 -12.75 -35.46 27.36
N PRO B 319 -13.94 -35.90 27.82
CA PRO B 319 -14.34 -35.64 29.21
C PRO B 319 -13.50 -36.38 30.30
N GLY B 320 -12.89 -37.51 29.94
CA GLY B 320 -12.11 -38.30 30.88
C GLY B 320 -10.69 -37.81 31.15
N ILE B 321 -10.25 -36.77 30.43
CA ILE B 321 -8.91 -36.21 30.59
C ILE B 321 -8.75 -35.69 32.01
N THR B 322 -7.55 -35.76 32.55
CA THR B 322 -7.21 -35.11 33.83
C THR B 322 -6.26 -33.93 33.59
N PRO B 323 -6.28 -32.92 34.48
CA PRO B 323 -5.31 -31.82 34.36
C PRO B 323 -3.83 -32.29 34.26
N GLU B 324 -3.51 -33.35 35.01
CA GLU B 324 -2.17 -33.98 35.01
C GLU B 324 -1.87 -34.62 33.64
N GLU B 325 -2.83 -35.36 33.09
CA GLU B 325 -2.69 -35.96 31.76
C GLU B 325 -2.49 -34.87 30.71
N ALA B 326 -3.17 -33.73 30.88
CA ALA B 326 -3.06 -32.62 29.93
C ALA B 326 -1.70 -31.97 29.98
N VAL B 327 -1.17 -31.79 31.19
CA VAL B 327 0.19 -31.27 31.37
C VAL B 327 1.26 -32.23 30.82
N ALA B 328 1.05 -33.54 30.96
CA ALA B 328 1.99 -34.50 30.40
C ALA B 328 2.05 -34.40 28.86
N TYR B 329 0.90 -34.26 28.21
CA TYR B 329 0.86 -33.98 26.76
C TYR B 329 1.61 -32.70 26.40
N ALA B 330 1.38 -31.63 27.15
CA ALA B 330 2.03 -30.36 26.85
C ALA B 330 3.57 -30.44 26.93
N ASP B 331 4.07 -31.10 27.98
CA ASP B 331 5.52 -31.34 28.11
C ASP B 331 6.11 -32.10 26.91
N LYS B 332 5.42 -33.14 26.46
CA LYS B 332 5.91 -34.01 25.41
C LYS B 332 5.74 -33.43 24.00
N LEU B 333 4.55 -32.89 23.68
CA LEU B 333 4.27 -32.32 22.36
C LEU B 333 4.80 -30.90 22.18
N ASP B 334 5.09 -30.20 23.27
CA ASP B 334 5.67 -28.85 23.19
C ASP B 334 6.93 -28.75 24.06
N PRO B 335 7.94 -29.60 23.81
CA PRO B 335 9.14 -29.62 24.67
C PRO B 335 9.96 -28.33 24.75
N ASN B 336 9.93 -27.49 23.71
CA ASN B 336 10.71 -26.25 23.67
C ASN B 336 9.92 -24.98 24.04
N PHE B 337 8.69 -25.14 24.52
CA PHE B 337 7.88 -24.03 25.05
C PHE B 337 7.62 -22.92 24.02
N GLU B 338 7.11 -23.37 22.87
CA GLU B 338 6.90 -22.50 21.71
C GLU B 338 5.41 -22.16 21.60
N PRO B 339 5.04 -20.91 21.92
CA PRO B 339 3.63 -20.58 21.86
C PRO B 339 3.00 -20.90 20.49
N GLY B 340 1.83 -21.52 20.51
CA GLY B 340 1.11 -21.86 19.28
C GLY B 340 1.42 -23.23 18.71
N ARG B 341 2.60 -23.76 19.02
CA ARG B 341 3.02 -25.13 18.66
C ARG B 341 1.95 -26.18 18.94
N LEU B 342 1.41 -26.19 20.16
CA LEU B 342 0.36 -27.16 20.52
C LEU B 342 -1.01 -26.49 20.58
N THR B 343 -2.00 -27.17 19.99
CA THR B 343 -3.41 -26.81 20.13
C THR B 343 -4.07 -27.94 20.90
N ILE B 344 -4.67 -27.62 22.06
CA ILE B 344 -5.45 -28.57 22.85
C ILE B 344 -6.94 -28.42 22.48
N VAL B 345 -7.51 -29.50 21.94
CA VAL B 345 -8.84 -29.49 21.37
C VAL B 345 -9.84 -30.17 22.31
N ALA B 346 -10.56 -29.37 23.10
CA ALA B 346 -11.55 -29.88 24.06
C ALA B 346 -12.86 -30.36 23.41
N ARG B 347 -13.12 -31.67 23.44
CA ARG B 347 -14.38 -32.27 22.93
C ARG B 347 -15.02 -33.10 24.05
N MET B 348 -15.76 -32.40 24.88
CA MET B 348 -16.18 -32.91 26.18
C MET B 348 -17.68 -33.13 26.32
N GLY B 349 -18.47 -32.64 25.38
CA GLY B 349 -19.93 -32.63 25.55
C GLY B 349 -20.30 -31.38 26.29
N HIS B 350 -21.41 -30.74 25.90
CA HIS B 350 -21.86 -29.47 26.49
C HIS B 350 -22.09 -29.58 28.00
N ASP B 351 -22.56 -30.76 28.41
CA ASP B 351 -22.90 -31.02 29.80
C ASP B 351 -21.69 -31.16 30.71
N LYS B 352 -20.49 -31.35 30.14
CA LYS B 352 -19.27 -31.52 30.94
C LYS B 352 -18.20 -30.45 30.77
N VAL B 353 -18.29 -29.63 29.71
CA VAL B 353 -17.24 -28.67 29.40
C VAL B 353 -17.00 -27.68 30.55
N ARG B 354 -18.05 -27.25 31.22
CA ARG B 354 -17.92 -26.29 32.35
C ARG B 354 -17.26 -26.89 33.61
N SER B 355 -17.34 -28.20 33.79
CA SER B 355 -16.73 -28.91 34.93
C SER B 355 -15.29 -29.32 34.69
N VAL B 356 -15.02 -29.83 33.50
CA VAL B 356 -13.77 -30.54 33.24
C VAL B 356 -12.66 -29.60 32.78
N LEU B 357 -13.01 -28.65 31.93
CA LEU B 357 -12.01 -27.78 31.31
C LEU B 357 -11.33 -26.79 32.25
N PRO B 358 -12.07 -26.19 33.21
CA PRO B 358 -11.38 -25.16 33.97
C PRO B 358 -10.05 -25.63 34.56
N GLY B 359 -10.05 -26.81 35.20
CA GLY B 359 -8.86 -27.38 35.88
C GLY B 359 -7.73 -27.73 34.94
N VAL B 360 -8.09 -28.33 33.80
CA VAL B 360 -7.16 -28.57 32.67
C VAL B 360 -6.46 -27.27 32.25
N ILE B 361 -7.23 -26.19 32.09
CA ILE B 361 -6.65 -24.92 31.65
C ILE B 361 -5.66 -24.41 32.69
N GLN B 362 -6.09 -24.37 33.96
CA GLN B 362 -5.23 -23.79 35.02
C GLN B 362 -3.92 -24.56 35.12
N ALA B 363 -4.00 -25.88 35.09
CA ALA B 363 -2.82 -26.75 35.18
C ALA B 363 -1.81 -26.50 34.05
N VAL B 364 -2.30 -26.40 32.82
CA VAL B 364 -1.44 -26.23 31.65
C VAL B 364 -0.87 -24.81 31.57
N GLU B 365 -1.67 -23.80 31.91
CA GLU B 365 -1.19 -22.42 31.98
C GLU B 365 -0.12 -22.28 33.07
N ALA B 366 -0.32 -22.95 34.21
CA ALA B 366 0.62 -22.87 35.33
C ALA B 366 1.90 -23.63 35.03
N SER B 367 1.82 -24.64 34.16
CA SER B 367 3.01 -25.40 33.71
C SER B 367 3.85 -24.64 32.70
N GLY B 368 3.36 -23.50 32.22
CA GLY B 368 4.16 -22.56 31.45
C GLY B 368 4.10 -22.70 29.95
N HIS B 369 3.32 -23.66 29.45
CA HIS B 369 3.05 -23.77 28.01
C HIS B 369 1.97 -22.77 27.64
N LYS B 370 2.11 -22.15 26.47
CA LYS B 370 1.06 -21.31 25.89
C LYS B 370 0.50 -22.03 24.68
N VAL B 371 -0.50 -22.85 24.93
CA VAL B 371 -1.19 -23.59 23.87
C VAL B 371 -2.32 -22.74 23.28
N ILE B 372 -2.81 -23.14 22.12
CA ILE B 372 -4.11 -22.68 21.61
C ILE B 372 -5.17 -23.55 22.29
N TRP B 373 -6.14 -22.91 22.92
CA TRP B 373 -7.31 -23.61 23.43
C TRP B 373 -8.41 -23.54 22.37
N GLN B 374 -8.84 -24.69 21.89
CA GLN B 374 -9.82 -24.79 20.83
C GLN B 374 -10.97 -25.67 21.30
N SER B 375 -12.16 -25.33 20.87
CA SER B 375 -13.35 -26.11 21.16
C SER B 375 -13.68 -26.96 19.95
N ASP B 376 -13.90 -28.24 20.17
CA ASP B 376 -14.54 -29.09 19.17
C ASP B 376 -15.91 -29.44 19.77
N PRO B 377 -16.97 -28.67 19.39
CA PRO B 377 -18.29 -28.88 19.98
C PRO B 377 -19.11 -29.94 19.26
N MET B 378 -18.45 -30.76 18.45
CA MET B 378 -19.13 -31.73 17.63
C MET B 378 -19.06 -33.13 18.26
N HIS B 379 -17.84 -33.64 18.48
CA HIS B 379 -17.64 -35.08 18.77
C HIS B 379 -18.06 -35.52 20.17
N GLY B 380 -18.21 -34.55 21.08
CA GLY B 380 -18.72 -34.83 22.42
C GLY B 380 -20.23 -34.81 22.52
N ASN B 381 -20.93 -34.41 21.45
CA ASN B 381 -22.38 -34.23 21.47
C ASN B 381 -23.14 -35.06 20.43
N THR B 382 -22.55 -36.16 19.97
CA THR B 382 -23.24 -37.00 19.00
C THR B 382 -24.10 -38.05 19.70
N PHE B 383 -25.20 -38.44 19.06
CA PHE B 383 -26.04 -39.53 19.53
C PHE B 383 -26.81 -40.12 18.35
N THR B 384 -27.38 -41.29 18.55
CA THR B 384 -28.20 -41.96 17.53
C THR B 384 -29.67 -41.62 17.81
N ALA B 385 -30.37 -41.14 16.78
CA ALA B 385 -31.77 -40.72 16.91
C ALA B 385 -32.69 -41.96 16.86
N SER B 386 -33.98 -41.73 17.09
CA SER B 386 -35.00 -42.81 17.10
C SER B 386 -35.09 -43.59 15.78
N ASN B 387 -34.87 -42.88 14.66
CA ASN B 387 -34.86 -43.48 13.31
C ASN B 387 -33.55 -44.19 12.91
N GLY B 388 -32.53 -44.17 13.77
CA GLY B 388 -31.27 -44.90 13.51
C GLY B 388 -30.09 -44.02 13.11
N TYR B 389 -30.38 -42.89 12.45
CA TYR B 389 -29.35 -41.93 12.01
C TYR B 389 -28.61 -41.30 13.20
N LYS B 390 -27.29 -41.17 13.07
CA LYS B 390 -26.51 -40.36 14.02
C LYS B 390 -26.75 -38.90 13.72
N THR B 391 -26.86 -38.10 14.79
CA THR B 391 -27.09 -36.68 14.64
C THR B 391 -26.53 -35.90 15.85
N ARG B 392 -26.62 -34.57 15.72
CA ARG B 392 -26.20 -33.62 16.75
C ARG B 392 -27.26 -32.51 16.79
N HIS B 393 -27.63 -32.05 17.99
CA HIS B 393 -28.55 -30.93 18.13
C HIS B 393 -27.77 -29.62 18.15
N PHE B 394 -28.15 -28.69 17.28
CA PHE B 394 -27.52 -27.39 17.13
C PHE B 394 -27.32 -26.72 18.50
N ASP B 395 -28.38 -26.72 19.32
CA ASP B 395 -28.31 -26.16 20.68
C ASP B 395 -27.22 -26.74 21.58
N LYS B 396 -26.97 -28.03 21.46
CA LYS B 396 -25.92 -28.65 22.28
C LYS B 396 -24.53 -28.30 21.72
N VAL B 397 -24.43 -28.21 20.39
CA VAL B 397 -23.18 -27.77 19.74
C VAL B 397 -22.88 -26.35 20.19
N ILE B 398 -23.87 -25.47 20.09
CA ILE B 398 -23.73 -24.08 20.58
C ILE B 398 -23.41 -23.99 22.09
N ASP B 399 -24.09 -24.79 22.91
CA ASP B 399 -23.90 -24.70 24.35
C ASP B 399 -22.49 -25.08 24.79
N GLU B 400 -21.88 -26.04 24.11
CA GLU B 400 -20.49 -26.37 24.38
C GLU B 400 -19.55 -25.20 24.07
N VAL B 401 -19.70 -24.55 22.92
CA VAL B 401 -18.83 -23.41 22.60
C VAL B 401 -19.16 -22.28 23.58
N GLN B 402 -20.45 -22.03 23.82
CA GLN B 402 -20.86 -21.07 24.83
C GLN B 402 -20.15 -21.34 26.18
N GLY B 403 -20.17 -22.60 26.62
CA GLY B 403 -19.55 -22.97 27.88
C GLY B 403 -18.05 -22.80 27.91
N PHE B 404 -17.41 -23.24 26.84
CA PHE B 404 -15.98 -23.02 26.58
C PHE B 404 -15.60 -21.52 26.76
N PHE B 405 -16.36 -20.63 26.13
CA PHE B 405 -16.18 -19.19 26.33
C PHE B 405 -16.42 -18.77 27.77
N GLU B 406 -17.42 -19.32 28.44
CA GLU B 406 -17.65 -18.99 29.85
C GLU B 406 -16.45 -19.36 30.71
N VAL B 407 -15.91 -20.57 30.51
CA VAL B 407 -14.74 -21.01 31.29
C VAL B 407 -13.56 -20.05 31.05
N HIS B 408 -13.28 -19.74 29.80
CA HIS B 408 -12.20 -18.81 29.47
C HIS B 408 -12.36 -17.44 30.12
N ARG B 409 -13.58 -16.92 30.14
N ARG B 409 -13.57 -16.91 30.14
CA ARG B 409 -13.85 -15.58 30.69
CA ARG B 409 -13.80 -15.57 30.68
C ARG B 409 -13.62 -15.53 32.20
C ARG B 409 -13.65 -15.52 32.21
N ALA B 410 -14.06 -16.60 32.88
CA ALA B 410 -13.87 -16.74 34.32
C ALA B 410 -12.37 -16.77 34.66
N LEU B 411 -11.61 -17.65 33.98
CA LEU B 411 -10.17 -17.81 34.24
C LEU B 411 -9.28 -16.68 33.74
N GLY B 412 -9.80 -15.86 32.83
CA GLY B 412 -9.01 -14.76 32.22
C GLY B 412 -8.04 -15.24 31.14
N THR B 413 -8.33 -16.40 30.57
CA THR B 413 -7.50 -17.00 29.53
C THR B 413 -8.17 -16.79 28.17
N HIS B 414 -7.44 -17.11 27.11
CA HIS B 414 -7.83 -16.78 25.75
C HIS B 414 -8.57 -17.93 25.06
N PRO B 415 -9.82 -17.69 24.62
CA PRO B 415 -10.45 -18.69 23.75
C PRO B 415 -9.78 -18.62 22.36
N GLY B 416 -9.12 -19.71 21.98
CA GLY B 416 -8.19 -19.68 20.87
C GLY B 416 -8.85 -19.94 19.55
N GLY B 417 -9.89 -20.78 19.54
CA GLY B 417 -10.47 -21.18 18.28
C GLY B 417 -11.56 -22.22 18.40
N ILE B 418 -12.15 -22.58 17.27
CA ILE B 418 -13.11 -23.67 17.21
C ILE B 418 -12.79 -24.60 16.07
N HIS B 419 -13.27 -25.82 16.21
CA HIS B 419 -13.07 -26.91 15.25
C HIS B 419 -14.44 -27.51 14.97
N ILE B 420 -14.96 -27.31 13.77
CA ILE B 420 -16.33 -27.75 13.49
C ILE B 420 -16.44 -28.52 12.18
N GLU B 421 -17.30 -29.51 12.15
CA GLU B 421 -17.50 -30.29 10.96
C GLU B 421 -18.75 -29.74 10.31
N PHE B 422 -18.62 -29.41 9.03
CA PHE B 422 -19.67 -28.74 8.28
C PHE B 422 -19.46 -28.99 6.80
N THR B 423 -20.50 -28.72 6.02
CA THR B 423 -20.39 -28.65 4.58
C THR B 423 -21.21 -27.48 4.07
N GLY B 424 -20.81 -26.95 2.90
CA GLY B 424 -21.53 -25.85 2.26
C GLY B 424 -22.64 -26.34 1.33
N GLU B 425 -23.31 -27.42 1.73
CA GLU B 425 -24.37 -28.03 0.93
C GLU B 425 -25.56 -28.22 1.85
N ASP B 426 -26.76 -28.24 1.26
CA ASP B 426 -28.03 -28.20 2.02
C ASP B 426 -28.43 -29.59 2.55
N VAL B 427 -27.65 -30.06 3.52
CA VAL B 427 -27.81 -31.39 4.08
C VAL B 427 -28.72 -31.35 5.30
N THR B 428 -29.13 -32.54 5.73
CA THR B 428 -30.04 -32.72 6.86
C THR B 428 -29.42 -33.72 7.82
N GLU B 429 -28.31 -33.32 8.42
CA GLU B 429 -27.51 -34.22 9.26
C GLU B 429 -27.58 -33.84 10.72
N CYS B 430 -27.58 -32.53 11.01
CA CYS B 430 -27.71 -32.03 12.37
C CYS B 430 -29.11 -31.43 12.60
N LEU B 431 -29.64 -31.63 13.82
CA LEU B 431 -30.95 -31.12 14.22
C LEU B 431 -30.82 -29.68 14.66
N GLY B 432 -31.94 -28.97 14.65
CA GLY B 432 -32.00 -27.58 15.14
C GLY B 432 -31.67 -26.54 14.07
N GLY B 433 -31.12 -25.41 14.50
CA GLY B 433 -30.85 -24.28 13.62
C GLY B 433 -32.12 -23.54 13.29
N ALA B 434 -32.00 -22.47 12.51
CA ALA B 434 -33.15 -21.64 12.09
C ALA B 434 -34.24 -22.43 11.37
N GLU B 435 -33.83 -23.45 10.61
CA GLU B 435 -34.77 -24.28 9.85
C GLU B 435 -35.43 -25.43 10.66
N ASP B 436 -35.08 -25.54 11.94
CA ASP B 436 -35.71 -26.49 12.87
C ASP B 436 -35.76 -27.94 12.33
N ILE B 437 -34.60 -28.43 11.91
CA ILE B 437 -34.44 -29.80 11.43
C ILE B 437 -34.74 -30.74 12.61
N THR B 438 -35.65 -31.69 12.38
CA THR B 438 -36.01 -32.71 13.37
C THR B 438 -35.71 -34.10 12.81
N ASP B 439 -35.85 -35.12 13.67
CA ASP B 439 -35.69 -36.54 13.31
C ASP B 439 -36.21 -36.89 11.93
N VAL B 440 -37.45 -36.48 11.67
CA VAL B 440 -38.18 -36.79 10.42
C VAL B 440 -37.43 -36.26 9.19
N ASP B 441 -36.76 -35.12 9.37
CA ASP B 441 -36.03 -34.46 8.28
C ASP B 441 -34.70 -35.12 7.92
N LEU B 442 -34.09 -35.84 8.85
CA LEU B 442 -32.75 -36.44 8.67
C LEU B 442 -32.58 -37.33 7.42
N PRO B 443 -33.54 -38.25 7.15
CA PRO B 443 -33.41 -39.04 5.90
C PRO B 443 -33.39 -38.29 4.55
N GLY B 444 -33.85 -37.04 4.49
CA GLY B 444 -33.91 -36.26 3.23
C GLY B 444 -32.63 -36.13 2.41
N ARG B 445 -31.65 -35.40 2.96
CA ARG B 445 -30.32 -35.30 2.33
C ARG B 445 -29.24 -35.54 3.39
N TYR B 446 -29.21 -36.77 3.89
CA TYR B 446 -28.11 -37.22 4.72
C TYR B 446 -27.07 -37.79 3.77
N GLU B 447 -25.90 -37.15 3.75
CA GLU B 447 -24.85 -37.42 2.76
C GLU B 447 -23.46 -37.70 3.32
N SER B 448 -23.22 -37.51 4.62
CA SER B 448 -21.89 -37.66 5.18
C SER B 448 -21.47 -39.12 5.20
N ALA B 449 -20.23 -39.37 4.81
CA ALA B 449 -19.65 -40.71 4.88
C ALA B 449 -19.20 -41.08 6.30
N CYS B 450 -19.21 -40.12 7.24
CA CYS B 450 -19.04 -40.42 8.66
C CYS B 450 -20.00 -39.58 9.56
N ASP B 451 -19.48 -38.64 10.35
CA ASP B 451 -20.32 -37.94 11.35
C ASP B 451 -21.29 -36.92 10.73
N PRO B 452 -22.34 -36.56 11.47
CA PRO B 452 -23.26 -35.49 11.05
C PRO B 452 -22.59 -34.09 11.00
N ARG B 453 -22.73 -33.40 9.86
CA ARG B 453 -22.14 -32.09 9.63
C ARG B 453 -23.21 -31.00 9.69
N LEU B 454 -22.86 -29.81 10.17
CA LEU B 454 -23.69 -28.62 10.04
C LEU B 454 -23.80 -28.31 8.57
N ASN B 455 -25.01 -28.03 8.08
CA ASN B 455 -25.21 -27.59 6.70
C ASN B 455 -24.75 -26.14 6.58
N THR B 456 -24.85 -25.56 5.38
CA THR B 456 -24.42 -24.18 5.15
C THR B 456 -25.05 -23.22 6.12
N GLN B 457 -26.37 -23.33 6.26
CA GLN B 457 -27.15 -22.45 7.10
C GLN B 457 -26.66 -22.51 8.53
N GLN B 458 -26.53 -23.72 9.05
CA GLN B 458 -26.16 -23.89 10.44
C GLN B 458 -24.75 -23.36 10.74
N SER B 459 -23.86 -23.52 9.76
CA SER B 459 -22.48 -23.06 9.87
C SER B 459 -22.41 -21.54 9.93
N LEU B 460 -23.15 -20.90 9.01
CA LEU B 460 -23.22 -19.44 8.96
C LEU B 460 -23.89 -18.86 10.21
N GLU B 461 -24.92 -19.53 10.71
CA GLU B 461 -25.55 -19.17 11.99
C GLU B 461 -24.55 -19.29 13.13
N LEU B 462 -23.87 -20.43 13.21
CA LEU B 462 -22.88 -20.66 14.25
C LEU B 462 -21.79 -19.59 14.24
N ALA B 463 -21.38 -19.14 13.05
CA ALA B 463 -20.37 -18.08 12.95
C ALA B 463 -20.85 -16.80 13.60
N PHE B 464 -22.07 -16.40 13.29
CA PHE B 464 -22.67 -15.21 13.94
C PHE B 464 -22.76 -15.31 15.48
N LEU B 465 -23.15 -16.46 15.99
CA LEU B 465 -23.35 -16.64 17.44
C LEU B 465 -21.99 -16.64 18.14
N VAL B 466 -21.01 -17.27 17.51
CA VAL B 466 -19.66 -17.33 18.07
C VAL B 466 -19.02 -15.94 17.98
N ALA B 467 -19.34 -15.19 16.94
CA ALA B 467 -18.96 -13.77 16.89
C ALA B 467 -19.50 -12.96 18.08
N GLU B 468 -20.76 -13.20 18.47
CA GLU B 468 -21.29 -12.59 19.69
C GLU B 468 -20.59 -13.05 20.95
N MET B 469 -20.24 -14.32 21.01
CA MET B 469 -19.47 -14.87 22.13
C MET B 469 -18.13 -14.14 22.22
N LEU B 470 -17.47 -13.99 21.06
CA LEU B 470 -16.21 -13.22 20.97
C LEU B 470 -16.40 -11.78 21.37
N ARG B 471 -17.54 -11.18 21.01
CA ARG B 471 -17.86 -9.80 21.43
C ARG B 471 -18.25 -9.66 22.92
N ASN B 472 -18.92 -10.66 23.48
CA ASN B 472 -19.46 -10.59 24.85
C ASN B 472 -20.14 -9.24 25.14
N HIS C 7 3.76 15.14 -44.24
CA HIS C 7 3.82 16.45 -43.53
C HIS C 7 4.43 16.33 -42.12
N SER C 8 4.00 15.32 -41.35
CA SER C 8 4.26 15.23 -39.88
C SER C 8 5.74 15.28 -39.46
N SER C 9 6.60 14.58 -40.20
CA SER C 9 8.05 14.57 -39.92
C SER C 9 8.77 15.84 -40.40
N GLY C 10 8.27 16.47 -41.47
CA GLY C 10 8.79 17.79 -41.92
C GLY C 10 8.43 18.92 -40.97
N MET C 11 7.12 19.00 -40.65
CA MET C 11 6.52 19.99 -39.74
C MET C 11 7.10 19.98 -38.32
N SER C 12 7.53 18.80 -37.85
CA SER C 12 8.07 18.61 -36.50
C SER C 12 9.41 19.30 -36.32
N TRP C 13 10.28 19.18 -37.33
CA TRP C 13 11.57 19.87 -37.33
C TRP C 13 11.41 21.38 -37.59
N THR C 14 10.39 21.81 -38.35
CA THR C 14 10.12 23.25 -38.59
C THR C 14 9.63 23.99 -37.34
N VAL C 15 8.74 23.38 -36.57
CA VAL C 15 8.27 23.95 -35.30
C VAL C 15 9.44 24.07 -34.30
N ASP C 16 10.27 23.02 -34.20
CA ASP C 16 11.49 23.02 -33.35
C ASP C 16 12.35 24.29 -33.57
N ILE C 17 12.55 24.67 -34.84
CA ILE C 17 13.12 25.99 -35.20
C ILE C 17 12.08 27.10 -34.91
N LEU C 28 -2.89 39.90 -17.14
CA LEU C 28 -3.35 40.64 -18.32
C LEU C 28 -3.96 39.81 -19.50
N PRO C 29 -4.45 38.56 -19.29
CA PRO C 29 -5.02 37.87 -20.48
C PRO C 29 -6.29 38.55 -21.00
N GLU C 30 -6.63 38.33 -22.27
CA GLU C 30 -7.55 39.23 -23.00
C GLU C 30 -9.04 39.12 -22.65
N GLY C 31 -9.55 37.89 -22.53
CA GLY C 31 -10.90 37.66 -22.01
C GLY C 31 -11.03 38.09 -20.54
N MET C 32 -10.09 37.60 -19.73
CA MET C 32 -10.04 37.90 -18.31
C MET C 32 -10.05 39.39 -18.00
N GLN C 33 -9.30 40.17 -18.78
CA GLN C 33 -9.22 41.61 -18.56
C GLN C 33 -10.57 42.28 -18.78
N GLN C 34 -11.36 41.80 -19.75
CA GLN C 34 -12.74 42.26 -19.91
C GLN C 34 -13.53 42.03 -18.60
N GLN C 35 -13.52 40.79 -18.13
CA GLN C 35 -14.40 40.37 -17.03
C GLN C 35 -13.96 41.06 -15.75
N PHE C 36 -12.65 41.19 -15.60
CA PHE C 36 -12.07 41.83 -14.44
C PHE C 36 -12.37 43.33 -14.32
N GLU C 37 -12.45 44.02 -15.44
CA GLU C 37 -12.81 45.43 -15.42
C GLU C 37 -14.30 45.60 -15.14
N ASP C 38 -15.12 44.74 -15.72
CA ASP C 38 -16.56 44.64 -15.41
C ASP C 38 -16.79 44.47 -13.93
N THR C 39 -16.12 43.48 -13.35
CA THR C 39 -16.29 43.15 -11.97
C THR C 39 -15.83 44.23 -11.01
N ILE C 40 -14.65 44.79 -11.24
CA ILE C 40 -14.14 45.84 -10.35
C ILE C 40 -15.05 47.09 -10.37
N SER C 41 -15.69 47.39 -11.49
CA SER C 41 -16.55 48.57 -11.58
C SER C 41 -17.98 48.39 -11.02
N ARG C 42 -18.33 47.17 -10.59
CA ARG C 42 -19.62 46.90 -9.93
C ARG C 42 -19.65 47.47 -8.49
N ASP C 43 -20.82 47.82 -7.97
CA ASP C 43 -20.96 48.23 -6.57
C ASP C 43 -20.59 47.06 -5.67
N ALA C 44 -20.10 47.37 -4.47
CA ALA C 44 -19.62 46.37 -3.53
C ALA C 44 -20.14 46.71 -2.15
N LYS C 45 -21.15 45.96 -1.68
CA LYS C 45 -21.66 46.15 -0.32
C LYS C 45 -20.55 45.86 0.71
N GLN C 46 -20.75 46.38 1.93
CA GLN C 46 -19.98 45.98 3.10
C GLN C 46 -18.47 46.23 3.02
N GLN C 47 -18.07 47.26 2.29
CA GLN C 47 -16.67 47.65 2.22
C GLN C 47 -16.32 48.65 3.29
N PRO C 48 -15.03 48.71 3.63
CA PRO C 48 -14.53 49.79 4.47
C PRO C 48 -14.43 51.06 3.64
N THR C 49 -13.94 52.11 4.28
CA THR C 49 -13.91 53.44 3.75
C THR C 49 -12.54 53.91 4.18
N TRP C 50 -11.55 53.72 3.31
CA TRP C 50 -10.17 54.05 3.62
C TRP C 50 -9.48 54.64 2.41
N ASP C 51 -8.32 55.26 2.66
CA ASP C 51 -7.58 55.97 1.63
C ASP C 51 -7.24 55.05 0.42
N ARG C 52 -7.66 55.49 -0.76
CA ARG C 52 -7.47 54.74 -2.00
C ARG C 52 -5.99 54.58 -2.33
N ALA C 53 -5.18 55.60 -2.03
CA ALA C 53 -3.76 55.50 -2.25
C ALA C 53 -3.17 54.40 -1.36
N GLN C 54 -3.43 54.48 -0.06
CA GLN C 54 -2.89 53.49 0.89
C GLN C 54 -3.30 52.06 0.46
N ALA C 55 -4.60 51.92 0.15
CA ALA C 55 -5.17 50.67 -0.33
C ALA C 55 -4.38 50.11 -1.49
N GLU C 56 -4.26 50.88 -2.57
CA GLU C 56 -3.55 50.40 -3.77
C GLU C 56 -2.18 49.89 -3.39
N ASN C 57 -1.49 50.64 -2.53
CA ASN C 57 -0.11 50.31 -2.20
C ASN C 57 0.06 49.00 -1.46
N VAL C 58 -0.95 48.69 -0.63
CA VAL C 58 -1.00 47.43 0.12
C VAL C 58 -1.32 46.26 -0.80
N ARG C 59 -2.21 46.48 -1.77
CA ARG C 59 -2.46 45.48 -2.80
C ARG C 59 -1.22 45.19 -3.63
N LYS C 60 -0.41 46.22 -3.88
CA LYS C 60 0.84 46.07 -4.64
C LYS C 60 1.78 45.15 -3.89
N ILE C 61 1.87 45.35 -2.58
CA ILE C 61 2.66 44.49 -1.69
C ILE C 61 2.14 43.04 -1.75
N LEU C 62 0.84 42.88 -1.51
CA LEU C 62 0.19 41.55 -1.45
C LEU C 62 0.05 40.85 -2.82
N GLU C 63 0.26 41.57 -3.92
CA GLU C 63 0.28 40.94 -5.27
C GLU C 63 1.52 40.09 -5.53
N SER C 64 2.58 40.30 -4.72
CA SER C 64 3.89 39.66 -4.89
C SER C 64 4.26 38.53 -3.90
N VAL C 65 3.50 38.44 -2.80
CA VAL C 65 3.76 37.48 -1.70
C VAL C 65 3.37 36.03 -2.03
N PRO C 66 3.89 35.08 -1.25
CA PRO C 66 3.45 33.70 -1.49
C PRO C 66 1.96 33.54 -1.20
N PRO C 67 1.23 32.78 -2.04
CA PRO C 67 -0.20 32.66 -1.78
C PRO C 67 -0.41 31.75 -0.59
N ILE C 68 -1.65 31.68 -0.11
CA ILE C 68 -1.98 30.89 1.06
C ILE C 68 -2.13 29.42 0.63
N VAL C 69 -2.68 29.20 -0.57
CA VAL C 69 -2.78 27.84 -1.15
C VAL C 69 -2.24 27.91 -2.56
N VAL C 70 -1.83 26.75 -3.11
CA VAL C 70 -1.44 26.68 -4.53
C VAL C 70 -2.59 26.11 -5.37
N ALA C 71 -2.61 26.48 -6.66
CA ALA C 71 -3.65 26.10 -7.59
C ALA C 71 -3.86 24.59 -7.71
N PRO C 72 -2.77 23.77 -7.74
CA PRO C 72 -3.10 22.33 -7.89
C PRO C 72 -3.86 21.77 -6.69
N GLU C 73 -3.69 22.37 -5.52
CA GLU C 73 -4.51 21.99 -4.37
C GLU C 73 -5.96 22.27 -4.66
N VAL C 74 -6.23 23.46 -5.20
CA VAL C 74 -7.59 23.85 -5.58
C VAL C 74 -8.19 22.92 -6.64
N LEU C 75 -7.38 22.46 -7.59
CA LEU C 75 -7.80 21.45 -8.60
C LEU C 75 -8.13 20.09 -7.94
N GLU C 76 -7.40 19.73 -6.90
CA GLU C 76 -7.66 18.48 -6.17
C GLU C 76 -8.98 18.59 -5.39
N LEU C 77 -9.15 19.69 -4.66
CA LEU C 77 -10.40 19.97 -3.99
C LEU C 77 -11.63 19.89 -4.95
N LYS C 78 -11.52 20.50 -6.13
CA LYS C 78 -12.59 20.47 -7.17
C LYS C 78 -12.96 19.04 -7.51
N GLN C 79 -11.97 18.16 -7.62
CA GLN C 79 -12.22 16.74 -7.89
C GLN C 79 -12.98 16.13 -6.70
N LYS C 80 -12.55 16.40 -5.47
CA LYS C 80 -13.27 15.94 -4.26
C LYS C 80 -14.70 16.49 -4.14
N LEU C 81 -14.88 17.79 -4.39
CA LEU C 81 -16.21 18.41 -4.33
C LEU C 81 -17.10 17.91 -5.42
N ALA C 82 -16.53 17.48 -6.53
CA ALA C 82 -17.34 16.83 -7.53
C ALA C 82 -17.84 15.49 -7.01
N ASP C 83 -17.02 14.75 -6.26
CA ASP C 83 -17.51 13.50 -5.66
C ASP C 83 -18.64 13.75 -4.67
N VAL C 84 -18.52 14.83 -3.88
CA VAL C 84 -19.54 15.17 -2.95
C VAL C 84 -20.81 15.41 -3.72
N ALA C 85 -20.76 16.33 -4.68
CA ALA C 85 -21.93 16.69 -5.45
C ALA C 85 -22.63 15.51 -6.13
N ASN C 86 -21.86 14.48 -6.52
CA ASN C 86 -22.40 13.29 -7.17
C ASN C 86 -22.85 12.17 -6.21
N GLY C 87 -22.96 12.50 -4.93
CA GLY C 87 -23.45 11.54 -3.95
C GLY C 87 -22.43 10.57 -3.40
N LYS C 88 -21.15 10.81 -3.64
CA LYS C 88 -20.09 9.87 -3.27
C LYS C 88 -19.22 10.36 -2.12
N ALA C 89 -19.51 11.52 -1.57
CA ALA C 89 -18.75 12.09 -0.45
C ALA C 89 -19.58 13.13 0.29
N PHE C 90 -19.12 13.55 1.47
CA PHE C 90 -19.84 14.48 2.34
C PHE C 90 -18.89 15.63 2.72
N LEU C 91 -19.39 16.86 2.79
CA LEU C 91 -18.61 18.04 3.09
C LEU C 91 -18.85 18.56 4.51
N LEU C 92 -17.79 18.55 5.32
CA LEU C 92 -17.82 19.16 6.65
C LEU C 92 -17.03 20.47 6.59
N GLN C 93 -17.69 21.58 6.84
CA GLN C 93 -17.02 22.87 6.92
C GLN C 93 -17.34 23.53 8.22
N GLY C 94 -16.36 24.21 8.82
CA GLY C 94 -16.57 24.89 10.09
C GLY C 94 -15.35 25.34 10.85
N GLY C 95 -15.61 26.08 11.91
CA GLY C 95 -14.56 26.76 12.69
C GLY C 95 -15.12 28.03 13.32
N ASP C 96 -14.25 28.98 13.64
CA ASP C 96 -14.68 30.23 14.27
C ASP C 96 -15.56 31.03 13.33
N CYS C 97 -16.54 31.73 13.89
CA CYS C 97 -17.31 32.69 13.13
C CYS C 97 -16.35 33.78 12.63
N ALA C 98 -15.59 34.36 13.53
CA ALA C 98 -14.59 35.35 13.19
C ALA C 98 -13.28 34.95 13.82
N GLU C 99 -12.22 34.77 13.02
CA GLU C 99 -10.85 34.64 13.56
C GLU C 99 -10.43 36.03 13.97
N THR C 100 -9.54 36.10 14.96
CA THR C 100 -8.89 37.34 15.39
C THR C 100 -7.40 37.06 15.48
N PHE C 101 -6.61 38.11 15.33
CA PHE C 101 -5.15 38.01 15.44
C PHE C 101 -4.73 37.62 16.87
N GLU C 102 -5.39 38.19 17.90
CA GLU C 102 -5.07 37.84 19.30
C GLU C 102 -5.25 36.34 19.55
N SER C 103 -6.29 35.74 18.97
CA SER C 103 -6.60 34.32 19.16
C SER C 103 -5.96 33.37 18.13
N ASN C 104 -5.22 33.90 17.16
CA ASN C 104 -4.66 33.08 16.08
C ASN C 104 -3.36 32.49 16.56
N THR C 105 -3.49 31.57 17.51
CA THR C 105 -2.40 30.96 18.27
C THR C 105 -2.37 29.46 18.07
N GLU C 106 -1.24 28.87 18.43
CA GLU C 106 -1.04 27.43 18.25
C GLU C 106 -2.16 26.65 18.96
N PRO C 107 -2.34 26.89 20.27
CA PRO C 107 -3.31 26.07 21.01
C PRO C 107 -4.73 26.16 20.46
N HIS C 108 -5.16 27.37 20.12
CA HIS C 108 -6.50 27.59 19.58
C HIS C 108 -6.73 26.97 18.17
N ILE C 109 -5.77 27.15 17.27
CA ILE C 109 -5.84 26.54 15.92
C ILE C 109 -5.81 25.02 16.06
N ARG C 110 -5.00 24.51 16.98
CA ARG C 110 -4.93 23.10 17.24
C ARG C 110 -6.25 22.63 17.81
N ALA C 111 -6.88 23.47 18.63
CA ALA C 111 -8.13 23.08 19.29
C ALA C 111 -9.22 22.89 18.25
N ASN C 112 -9.31 23.79 17.28
CA ASN C 112 -10.30 23.70 16.22
C ASN C 112 -10.03 22.63 15.19
N VAL C 113 -8.75 22.40 14.88
CA VAL C 113 -8.39 21.44 13.87
C VAL C 113 -8.77 20.06 14.33
N LYS C 114 -8.43 19.75 15.58
CA LYS C 114 -8.78 18.51 16.23
C LYS C 114 -10.26 18.26 16.26
N THR C 115 -11.00 19.29 16.62
CA THR C 115 -12.45 19.16 16.79
C THR C 115 -13.07 18.79 15.48
N LEU C 116 -12.62 19.46 14.43
CA LEU C 116 -13.09 19.17 13.08
C LEU C 116 -12.66 17.76 12.61
N LEU C 117 -11.45 17.33 12.93
CA LEU C 117 -10.96 15.99 12.54
C LEU C 117 -11.72 14.91 13.31
N GLN C 118 -11.89 15.15 14.60
CA GLN C 118 -12.72 14.30 15.46
C GLN C 118 -14.16 14.11 14.94
N MET C 119 -14.82 15.22 14.57
CA MET C 119 -16.18 15.19 13.97
C MET C 119 -16.16 14.42 12.67
N ALA C 120 -15.14 14.67 11.87
CA ALA C 120 -15.03 14.01 10.58
C ALA C 120 -14.96 12.46 10.63
N VAL C 121 -14.31 11.90 11.66
CA VAL C 121 -14.23 10.43 11.83
C VAL C 121 -15.63 9.82 11.98
N VAL C 122 -16.46 10.45 12.82
CA VAL C 122 -17.80 10.00 13.12
C VAL C 122 -18.69 10.14 11.89
N LEU C 123 -18.57 11.27 11.21
CA LEU C 123 -19.33 11.52 9.99
C LEU C 123 -18.97 10.56 8.85
N THR C 124 -17.69 10.18 8.74
CA THR C 124 -17.26 9.23 7.74
C THR C 124 -17.91 7.88 8.02
N TYR C 125 -17.88 7.43 9.28
CA TYR C 125 -18.54 6.19 9.64
C TYR C 125 -20.02 6.25 9.32
N GLY C 126 -20.67 7.38 9.66
CA GLY C 126 -22.10 7.58 9.36
C GLY C 126 -22.48 7.72 7.88
N ALA C 127 -21.67 8.46 7.13
CA ALA C 127 -21.94 8.62 5.69
C ALA C 127 -21.59 7.33 4.93
N SER C 128 -20.72 6.49 5.46
CA SER C 128 -20.06 5.46 4.64
C SER C 128 -19.40 6.04 3.36
N THR C 129 -18.97 7.30 3.42
CA THR C 129 -18.27 7.96 2.32
C THR C 129 -17.20 8.82 2.95
N PRO C 130 -16.20 9.20 2.16
CA PRO C 130 -15.22 10.19 2.59
C PRO C 130 -15.86 11.50 3.00
N VAL C 131 -15.22 12.19 3.94
CA VAL C 131 -15.65 13.50 4.34
C VAL C 131 -14.56 14.47 3.92
N ILE C 132 -14.94 15.51 3.18
CA ILE C 132 -14.03 16.57 2.81
C ILE C 132 -14.09 17.62 3.93
N LYS C 133 -12.91 18.06 4.34
CA LYS C 133 -12.72 18.80 5.57
C LYS C 133 -12.22 20.19 5.25
N MET C 134 -13.09 21.14 5.50
CA MET C 134 -12.87 22.52 5.09
C MET C 134 -12.97 23.38 6.33
N ALA C 135 -11.90 23.98 6.75
CA ALA C 135 -11.98 24.76 7.95
C ALA C 135 -12.35 26.21 7.58
N ARG C 136 -13.17 26.85 8.40
CA ARG C 136 -13.26 28.33 8.40
C ARG C 136 -11.98 28.79 9.05
N ILE C 137 -10.98 29.12 8.25
CA ILE C 137 -9.69 29.48 8.82
C ILE C 137 -8.80 30.12 7.76
N ALA C 138 -7.79 30.83 8.25
CA ALA C 138 -6.70 31.38 7.47
C ALA C 138 -7.16 32.48 6.56
N GLY C 139 -8.02 33.35 7.10
CA GLY C 139 -8.56 34.47 6.32
C GLY C 139 -9.95 34.96 6.70
N GLN C 140 -10.65 34.29 7.62
CA GLN C 140 -11.99 34.72 8.01
C GLN C 140 -11.90 35.91 8.99
N TYR C 141 -11.55 37.09 8.48
CA TYR C 141 -11.26 38.27 9.32
C TYR C 141 -12.11 39.50 9.02
N ALA C 142 -12.98 39.43 8.02
CA ALA C 142 -13.94 40.49 7.69
C ALA C 142 -15.32 40.03 8.11
N LYS C 143 -16.15 40.96 8.58
CA LYS C 143 -17.53 40.61 8.87
C LYS C 143 -18.45 41.68 8.35
N PRO C 144 -19.66 41.28 7.93
CA PRO C 144 -20.66 42.27 7.54
C PRO C 144 -21.28 42.95 8.78
N ARG C 145 -21.64 44.22 8.65
CA ARG C 145 -22.26 45.00 9.74
C ARG C 145 -23.34 45.92 9.20
N SER C 146 -24.41 46.09 9.99
CA SER C 146 -25.67 46.69 9.52
C SER C 146 -25.51 48.14 9.08
N SER C 147 -24.82 48.93 9.88
CA SER C 147 -24.46 50.28 9.49
C SER C 147 -22.95 50.43 9.63
N ASP C 148 -22.46 51.55 9.11
CA ASP C 148 -21.04 51.95 9.23
C ASP C 148 -20.64 52.26 10.70
N LEU C 149 -21.62 52.32 11.62
CA LEU C 149 -21.45 52.80 13.00
C LEU C 149 -22.74 52.50 13.79
N ASP C 150 -23.08 53.34 14.77
CA ASP C 150 -24.47 53.59 15.29
C ASP C 150 -24.51 53.80 16.81
N GLY C 151 -23.64 53.13 17.57
CA GLY C 151 -23.51 53.40 19.01
C GLY C 151 -23.49 54.90 19.34
N ASN C 152 -22.45 55.60 18.90
CA ASN C 152 -22.29 57.06 19.11
C ASN C 152 -21.59 57.75 17.92
N GLY C 153 -21.95 57.35 16.70
CA GLY C 153 -21.22 57.80 15.49
C GLY C 153 -19.74 57.38 15.46
N LEU C 154 -19.43 56.27 16.14
CA LEU C 154 -18.09 55.70 16.20
C LEU C 154 -18.11 54.42 15.35
N PRO C 155 -17.09 54.21 14.50
CA PRO C 155 -17.18 53.10 13.56
C PRO C 155 -17.34 51.70 14.18
N ASN C 156 -18.28 50.92 13.63
CA ASN C 156 -18.47 49.52 14.02
C ASN C 156 -17.25 48.64 13.68
N TYR C 157 -17.04 47.62 14.50
CA TYR C 157 -16.01 46.62 14.28
C TYR C 157 -16.40 45.82 13.04
N ARG C 158 -15.55 45.84 12.00
CA ARG C 158 -15.81 45.07 10.77
C ARG C 158 -14.86 43.88 10.61
N GLY C 159 -14.21 43.47 11.71
CA GLY C 159 -13.23 42.38 11.73
C GLY C 159 -11.81 42.88 11.71
N ASP C 160 -10.88 42.05 12.16
CA ASP C 160 -9.47 42.48 12.34
C ASP C 160 -8.74 42.90 11.06
N ILE C 161 -9.29 42.61 9.89
CA ILE C 161 -8.73 43.07 8.63
C ILE C 161 -9.06 44.51 8.30
N VAL C 162 -10.09 45.05 8.94
CA VAL C 162 -10.53 46.44 8.74
C VAL C 162 -10.15 47.32 9.93
N ASN C 163 -10.52 46.88 11.13
CA ASN C 163 -10.24 47.64 12.35
C ASN C 163 -10.17 46.75 13.61
N GLY C 164 -9.97 47.37 14.77
CA GLY C 164 -9.90 46.67 16.05
C GLY C 164 -11.21 46.52 16.83
N VAL C 165 -11.21 45.57 17.76
CA VAL C 165 -12.35 45.25 18.64
C VAL C 165 -12.59 46.36 19.66
N GLU C 166 -11.50 46.93 20.16
CA GLU C 166 -11.52 47.96 21.20
C GLU C 166 -12.50 49.08 20.79
N ALA C 167 -13.25 49.58 21.78
CA ALA C 167 -14.38 50.48 21.53
C ALA C 167 -13.96 51.93 21.60
N THR C 168 -12.92 52.27 20.84
CA THR C 168 -12.36 53.63 20.84
C THR C 168 -12.14 54.09 19.40
N PRO C 169 -12.11 55.42 19.18
CA PRO C 169 -11.87 56.01 17.84
C PRO C 169 -10.60 55.54 17.11
N GLU C 170 -9.50 55.36 17.84
CA GLU C 170 -8.20 55.02 17.24
C GLU C 170 -8.25 53.57 16.75
N ALA C 171 -8.71 52.68 17.61
CA ALA C 171 -8.87 51.27 17.29
C ALA C 171 -9.88 51.02 16.18
N ARG C 172 -10.92 51.85 16.10
CA ARG C 172 -12.02 51.65 15.12
C ARG C 172 -11.81 52.30 13.77
N ARG C 173 -10.71 53.03 13.59
CA ARG C 173 -10.39 53.58 12.27
C ARG C 173 -10.14 52.42 11.30
N HIS C 174 -10.67 52.56 10.09
CA HIS C 174 -10.45 51.54 9.06
C HIS C 174 -9.03 51.69 8.58
N ASP C 175 -8.22 50.63 8.78
CA ASP C 175 -6.78 50.67 8.51
C ASP C 175 -6.41 49.70 7.39
N PRO C 176 -5.95 50.22 6.24
CA PRO C 176 -5.61 49.31 5.13
C PRO C 176 -4.42 48.41 5.42
N ALA C 177 -3.53 48.84 6.31
CA ALA C 177 -2.38 48.03 6.65
C ALA C 177 -2.76 46.75 7.37
N ARG C 178 -3.98 46.66 7.89
CA ARG C 178 -4.47 45.43 8.48
C ARG C 178 -4.68 44.28 7.48
N MET C 179 -4.72 44.57 6.19
CA MET C 179 -4.69 43.53 5.17
C MET C 179 -3.37 42.76 5.15
N ILE C 180 -2.27 43.41 5.54
CA ILE C 180 -0.99 42.72 5.61
C ILE C 180 -0.91 41.91 6.88
N ARG C 181 -1.38 42.48 8.00
CA ARG C 181 -1.53 41.72 9.25
C ARG C 181 -2.33 40.43 9.03
N ALA C 182 -3.41 40.56 8.25
CA ALA C 182 -4.27 39.44 7.99
C ALA C 182 -3.59 38.37 7.11
N TYR C 183 -2.88 38.81 6.07
CA TYR C 183 -2.15 37.88 5.23
C TYR C 183 -1.14 37.10 6.05
N ALA C 184 -0.40 37.83 6.87
CA ALA C 184 0.63 37.20 7.71
C ALA C 184 0.01 36.20 8.69
N ASN C 185 -1.11 36.58 9.32
CA ASN C 185 -1.77 35.67 10.22
C ASN C 185 -2.34 34.50 9.49
N ALA C 186 -2.85 34.72 8.30
CA ALA C 186 -3.39 33.64 7.48
C ALA C 186 -2.31 32.61 7.15
N SER C 187 -1.17 33.13 6.75
CA SER C 187 -0.02 32.33 6.35
C SER C 187 0.42 31.46 7.48
N ALA C 188 0.65 32.08 8.62
CA ALA C 188 0.99 31.33 9.83
C ALA C 188 -0.02 30.23 10.15
N ALA C 189 -1.31 30.59 10.08
CA ALA C 189 -2.36 29.62 10.40
C ALA C 189 -2.37 28.43 9.44
N MET C 190 -2.27 28.70 8.14
CA MET C 190 -2.25 27.62 7.16
C MET C 190 -1.00 26.78 7.33
N ASN C 191 0.13 27.42 7.63
CA ASN C 191 1.38 26.68 7.85
C ASN C 191 1.16 25.64 8.94
N LEU C 192 0.58 26.10 10.04
CA LEU C 192 0.32 25.22 11.17
C LEU C 192 -0.68 24.14 10.84
N VAL C 193 -1.82 24.50 10.27
CA VAL C 193 -2.81 23.51 9.81
C VAL C 193 -2.13 22.34 8.98
N ARG C 194 -1.43 22.74 7.94
CA ARG C 194 -0.62 21.78 7.16
C ARG C 194 0.33 20.92 8.04
N ALA C 195 1.09 21.57 8.93
CA ALA C 195 2.05 20.88 9.81
C ALA C 195 1.38 19.83 10.73
N LEU C 196 0.27 20.21 11.34
CA LEU C 196 -0.45 19.34 12.26
C LEU C 196 -1.05 18.13 11.57
N THR C 197 -1.63 18.37 10.41
CA THR C 197 -2.31 17.33 9.66
C THR C 197 -1.35 16.33 9.03
N SER C 198 -0.10 16.73 8.78
CA SER C 198 0.93 15.81 8.33
C SER C 198 1.79 15.16 9.44
N SER C 199 1.72 15.63 10.70
CA SER C 199 2.62 15.11 11.75
C SER C 199 2.02 14.28 12.89
N GLY C 200 0.71 14.01 12.82
CA GLY C 200 0.07 13.08 13.78
C GLY C 200 -1.28 13.51 14.35
N THR C 201 -1.61 14.79 14.28
CA THR C 201 -2.92 15.24 14.79
C THR C 201 -4.10 14.65 14.03
N ALA C 202 -3.93 14.40 12.75
CA ALA C 202 -4.94 13.75 11.98
C ALA C 202 -4.77 12.22 11.90
N ASP C 203 -4.04 11.62 12.84
CA ASP C 203 -4.01 10.15 12.92
C ASP C 203 -5.39 9.62 13.34
N LEU C 204 -5.94 8.67 12.58
CA LEU C 204 -7.31 8.16 12.78
C LEU C 204 -7.54 7.53 14.15
N TYR C 205 -6.54 6.78 14.61
CA TYR C 205 -6.58 6.12 15.91
C TYR C 205 -6.38 7.09 17.07
N ARG C 206 -5.54 8.09 16.90
CA ARG C 206 -5.39 9.10 17.97
C ARG C 206 -6.72 9.85 18.11
N LEU C 207 -7.34 10.23 16.99
CA LEU C 207 -8.65 10.94 16.99
C LEU C 207 -9.81 10.11 17.60
N SER C 208 -9.89 8.82 17.24
CA SER C 208 -10.83 7.89 17.87
C SER C 208 -10.60 7.74 19.39
N GLU C 209 -9.33 7.71 19.82
CA GLU C 209 -9.05 7.84 21.27
C GLU C 209 -9.74 9.09 21.81
N TRP C 210 -9.62 10.24 21.14
CA TRP C 210 -10.26 11.49 21.67
C TRP C 210 -11.80 11.42 21.67
N ASN C 211 -12.36 10.72 20.69
CA ASN C 211 -13.78 10.54 20.69
C ASN C 211 -14.29 9.62 21.81
N ARG C 212 -13.48 8.64 22.16
CA ARG C 212 -13.76 7.63 23.17
C ARG C 212 -13.81 8.31 24.54
N GLU C 213 -12.88 9.25 24.78
CA GLU C 213 -12.88 10.08 26.01
C GLU C 213 -14.05 11.00 26.09
N PHE C 214 -14.40 11.63 24.97
CA PHE C 214 -15.62 12.45 24.90
C PHE C 214 -16.86 11.67 25.39
N VAL C 215 -17.06 10.48 24.82
CA VAL C 215 -18.20 9.65 25.16
C VAL C 215 -18.11 9.32 26.68
N ALA C 216 -16.99 8.73 27.08
CA ALA C 216 -16.80 8.31 28.48
C ALA C 216 -17.08 9.41 29.51
N ASN C 217 -16.78 10.68 29.17
CA ASN C 217 -16.97 11.80 30.09
C ASN C 217 -18.20 12.64 29.90
N SER C 218 -18.97 12.41 28.83
CA SER C 218 -20.18 13.21 28.60
C SER C 218 -21.31 12.84 29.60
N PRO C 219 -22.00 13.86 30.14
CA PRO C 219 -23.20 13.52 30.86
C PRO C 219 -24.24 12.90 29.97
N ALA C 220 -24.18 13.14 28.65
CA ALA C 220 -24.97 12.37 27.69
C ALA C 220 -24.21 11.25 27.06
N GLY C 221 -23.25 10.65 27.76
CA GLY C 221 -22.52 9.51 27.19
C GLY C 221 -23.37 8.36 26.60
N ALA C 222 -24.45 8.00 27.28
CA ALA C 222 -25.25 6.87 26.83
C ALA C 222 -26.04 7.12 25.55
N ARG C 223 -26.21 8.38 25.19
CA ARG C 223 -26.82 8.72 23.89
C ARG C 223 -25.90 8.27 22.72
N TYR C 224 -24.59 8.25 22.93
CA TYR C 224 -23.60 7.94 21.90
C TYR C 224 -22.88 6.60 22.04
N GLU C 225 -22.90 5.96 23.21
CA GLU C 225 -22.29 4.63 23.49
C GLU C 225 -22.25 3.69 22.33
N ALA C 226 -23.44 3.42 21.80
CA ALA C 226 -23.68 2.31 20.88
C ALA C 226 -23.13 2.64 19.51
N LEU C 227 -23.34 3.87 19.01
CA LEU C 227 -22.63 4.28 17.77
C LEU C 227 -21.09 4.29 18.00
N ALA C 228 -20.63 4.80 19.14
CA ALA C 228 -19.21 4.84 19.43
C ALA C 228 -18.54 3.44 19.51
N ARG C 229 -19.22 2.48 20.13
CA ARG C 229 -18.75 1.08 20.14
C ARG C 229 -18.67 0.52 18.72
N GLU C 230 -19.70 0.82 17.94
CA GLU C 230 -19.84 0.28 16.59
C GLU C 230 -18.70 0.85 15.68
N ILE C 231 -18.42 2.14 15.81
CA ILE C 231 -17.29 2.76 15.15
C ILE C 231 -15.97 2.11 15.54
N ASP C 232 -15.83 1.87 16.84
CA ASP C 232 -14.67 1.22 17.43
C ASP C 232 -14.42 -0.18 16.83
N SER C 233 -15.49 -0.97 16.73
CA SER C 233 -15.39 -2.29 16.12
C SER C 233 -15.04 -2.16 14.65
N GLY C 234 -15.52 -1.11 14.00
CA GLY C 234 -15.12 -0.80 12.63
C GLY C 234 -13.61 -0.60 12.49
N LEU C 235 -13.03 0.22 13.37
CA LEU C 235 -11.57 0.46 13.39
C LEU C 235 -10.77 -0.79 13.64
N ARG C 236 -11.17 -1.55 14.66
CA ARG C 236 -10.47 -2.78 15.02
C ARG C 236 -10.59 -3.83 13.93
N PHE C 237 -11.66 -3.76 13.15
CA PHE C 237 -11.86 -4.66 12.04
C PHE C 237 -10.83 -4.44 10.92
N MET C 238 -10.49 -3.16 10.63
CA MET C 238 -9.50 -2.80 9.59
C MET C 238 -8.15 -3.41 9.88
N GLU C 239 -7.73 -3.19 11.10
CA GLU C 239 -6.50 -3.72 11.62
C GLU C 239 -6.49 -5.25 11.65
N ALA C 240 -7.62 -5.86 11.99
CA ALA C 240 -7.73 -7.30 11.91
C ALA C 240 -7.56 -7.80 10.47
N CYS C 241 -8.16 -7.10 9.50
CA CYS C 241 -8.05 -7.47 8.08
C CYS C 241 -6.68 -7.18 7.44
N GLY C 242 -5.75 -6.58 8.17
CA GLY C 242 -4.38 -6.45 7.70
C GLY C 242 -4.13 -5.19 6.91
N VAL C 243 -4.82 -4.11 7.27
CA VAL C 243 -4.69 -2.84 6.58
C VAL C 243 -3.54 -2.08 7.18
N SER C 244 -2.55 -1.77 6.33
CA SER C 244 -1.45 -0.86 6.67
C SER C 244 -1.99 0.55 6.83
N ASP C 245 -1.60 1.22 7.92
CA ASP C 245 -2.07 2.59 8.21
C ASP C 245 -1.25 3.66 7.45
N GLU C 246 -1.28 3.57 6.11
CA GLU C 246 -0.63 4.53 5.23
C GLU C 246 -1.62 5.65 4.96
N SER C 247 -2.82 5.27 4.51
CA SER C 247 -3.93 6.19 4.31
C SER C 247 -4.49 6.83 5.61
N LEU C 248 -4.19 6.23 6.76
CA LEU C 248 -4.90 6.49 8.02
C LEU C 248 -4.17 7.42 9.04
N ARG C 249 -2.93 7.82 8.74
CA ARG C 249 -2.12 8.58 9.69
C ARG C 249 -2.19 10.09 9.45
N ALA C 250 -2.80 10.51 8.34
CA ALA C 250 -2.94 11.91 8.00
C ALA C 250 -4.19 12.17 7.14
N ALA C 251 -4.50 13.45 6.96
CA ALA C 251 -5.63 13.86 6.17
C ALA C 251 -5.51 15.32 5.73
N ASP C 252 -6.25 15.66 4.69
CA ASP C 252 -6.20 16.99 4.13
C ASP C 252 -7.30 17.82 4.76
N ILE C 253 -6.89 18.96 5.33
CA ILE C 253 -7.79 20.01 5.73
C ILE C 253 -7.63 21.17 4.80
N TYR C 254 -8.76 21.62 4.24
CA TYR C 254 -8.78 22.74 3.29
C TYR C 254 -9.19 24.02 4.02
N CYS C 255 -8.62 25.18 3.67
CA CYS C 255 -9.17 26.48 4.09
C CYS C 255 -10.21 27.17 3.21
N SER C 256 -11.05 27.93 3.91
CA SER C 256 -12.10 28.71 3.35
C SER C 256 -12.44 29.95 4.20
N HIS C 257 -13.06 30.91 3.55
CA HIS C 257 -13.64 32.06 4.20
C HIS C 257 -14.57 32.79 3.23
N GLU C 258 -15.30 33.75 3.78
CA GLU C 258 -16.19 34.58 3.00
C GLU C 258 -15.36 35.55 2.20
N ALA C 259 -15.55 35.53 0.88
CA ALA C 259 -14.89 36.49 0.02
C ALA C 259 -15.69 37.74 0.24
N LEU C 260 -15.11 38.71 0.93
CA LEU C 260 -15.85 39.88 1.38
C LEU C 260 -15.14 41.16 1.04
N LEU C 261 -13.90 41.29 1.49
CA LEU C 261 -13.13 42.52 1.31
C LEU C 261 -12.53 42.61 -0.11
N VAL C 262 -13.00 43.56 -0.90
CA VAL C 262 -12.60 43.70 -2.30
C VAL C 262 -11.08 43.80 -2.43
N ASP C 263 -10.50 44.81 -1.80
CA ASP C 263 -9.06 45.05 -1.89
C ASP C 263 -8.17 43.84 -1.56
N TYR C 264 -8.58 43.02 -0.60
CA TYR C 264 -7.82 41.86 -0.20
C TYR C 264 -7.95 40.73 -1.20
N GLU C 265 -9.17 40.38 -1.61
CA GLU C 265 -9.35 39.24 -2.51
C GLU C 265 -8.72 39.47 -3.91
N ARG C 266 -8.67 40.73 -4.36
CA ARG C 266 -8.15 41.02 -5.71
C ARG C 266 -6.64 40.96 -5.68
N SER C 267 -6.05 41.46 -4.58
CA SER C 267 -4.63 41.39 -4.39
C SER C 267 -4.08 39.96 -4.28
N MET C 268 -4.93 38.96 -4.02
CA MET C 268 -4.53 37.54 -3.99
C MET C 268 -4.87 36.73 -5.24
N LEU C 269 -5.34 37.41 -6.29
CA LEU C 269 -5.57 36.80 -7.59
C LEU C 269 -4.24 36.31 -8.18
N ARG C 270 -4.22 35.06 -8.62
CA ARG C 270 -3.06 34.47 -9.27
C ARG C 270 -3.47 33.72 -10.54
N LEU C 271 -2.65 33.88 -11.58
CA LEU C 271 -2.71 33.10 -12.78
C LEU C 271 -2.09 31.75 -12.55
N ALA C 272 -2.74 30.70 -13.04
CA ALA C 272 -2.20 29.34 -12.92
C ALA C 272 -2.39 28.61 -14.23
N THR C 273 -1.31 28.01 -14.73
CA THR C 273 -1.35 27.15 -15.89
C THR C 273 -1.12 25.68 -15.49
N ASP C 274 -2.10 24.82 -15.81
CA ASP C 274 -2.10 23.39 -15.47
C ASP C 274 -1.25 22.52 -16.45
N GLU C 275 -1.33 21.19 -16.32
CA GLU C 275 -0.54 20.23 -17.13
C GLU C 275 -0.93 20.14 -18.62
N GLU C 276 -2.24 20.16 -18.91
CA GLU C 276 -2.73 20.25 -20.30
C GLU C 276 -2.67 21.69 -20.92
N GLY C 277 -1.99 22.63 -20.24
CA GLY C 277 -1.64 23.95 -20.82
C GLY C 277 -2.61 25.10 -20.54
N ASN C 278 -3.72 24.80 -19.85
CA ASN C 278 -4.88 25.68 -19.72
C ASN C 278 -4.76 26.75 -18.64
N GLU C 279 -4.88 28.02 -19.03
CA GLU C 279 -4.62 29.15 -18.12
C GLU C 279 -5.88 29.51 -17.35
N GLU C 280 -5.79 29.60 -16.02
CA GLU C 280 -6.93 29.97 -15.16
C GLU C 280 -6.60 31.03 -14.13
N LEU C 281 -7.63 31.73 -13.67
CA LEU C 281 -7.50 32.77 -12.65
C LEU C 281 -8.10 32.26 -11.34
N TYR C 282 -7.27 32.33 -10.31
CA TYR C 282 -7.59 31.82 -9.00
C TYR C 282 -7.44 32.95 -8.00
N ASP C 283 -8.30 32.97 -6.98
CA ASP C 283 -8.07 33.79 -5.78
C ASP C 283 -7.41 32.84 -4.75
N LEU C 284 -6.11 33.01 -4.50
CA LEU C 284 -5.36 32.03 -3.74
C LEU C 284 -5.15 32.44 -2.28
N SER C 285 -6.06 33.28 -1.78
CA SER C 285 -6.21 33.49 -0.34
C SER C 285 -6.83 32.29 0.37
N ALA C 286 -7.42 31.35 -0.36
CA ALA C 286 -8.04 30.15 0.23
C ALA C 286 -8.34 29.10 -0.84
N HIS C 287 -8.63 27.87 -0.43
CA HIS C 287 -9.09 26.89 -1.42
C HIS C 287 -10.50 27.23 -1.88
N GLN C 288 -11.43 27.41 -0.93
CA GLN C 288 -12.79 27.68 -1.24
C GLN C 288 -13.19 29.01 -0.66
N LEU C 289 -14.04 29.75 -1.38
CA LEU C 289 -14.56 31.03 -0.94
C LEU C 289 -16.08 31.07 -1.03
N TRP C 290 -16.72 31.82 -0.15
CA TRP C 290 -18.17 31.97 -0.28
C TRP C 290 -18.66 33.41 -0.27
N ILE C 291 -19.87 33.56 -0.75
CA ILE C 291 -20.54 34.86 -0.82
C ILE C 291 -21.60 34.85 0.28
N GLY C 292 -21.58 35.89 1.11
CA GLY C 292 -22.56 36.07 2.17
C GLY C 292 -23.98 36.38 1.74
N GLU C 293 -24.90 36.15 2.68
CA GLU C 293 -26.29 36.52 2.51
C GLU C 293 -26.44 38.00 2.17
N ARG C 294 -25.71 38.86 2.87
CA ARG C 294 -25.78 40.32 2.71
C ARG C 294 -25.03 40.88 1.50
N THR C 295 -24.36 40.04 0.71
CA THR C 295 -23.49 40.55 -0.36
C THR C 295 -23.68 39.82 -1.69
N ARG C 296 -24.83 39.16 -1.84
CA ARG C 296 -25.05 38.29 -2.96
C ARG C 296 -25.96 38.91 -4.01
N GLY C 297 -25.94 40.24 -4.10
CA GLY C 297 -26.69 40.94 -5.16
C GLY C 297 -26.16 40.50 -6.51
N MET C 298 -27.04 40.04 -7.37
CA MET C 298 -26.60 39.41 -8.64
C MET C 298 -25.84 40.33 -9.63
N ASP C 299 -25.97 41.65 -9.45
CA ASP C 299 -25.24 42.66 -10.22
C ASP C 299 -24.03 43.26 -9.48
N ASP C 300 -23.72 42.74 -8.29
CA ASP C 300 -22.74 43.36 -7.40
C ASP C 300 -21.36 42.68 -7.51
N PHE C 301 -20.36 43.25 -6.83
CA PHE C 301 -18.99 42.81 -7.01
C PHE C 301 -18.81 41.29 -6.75
N HIS C 302 -19.47 40.80 -5.69
CA HIS C 302 -19.06 39.57 -5.02
C HIS C 302 -19.47 38.35 -5.83
N VAL C 303 -20.71 38.35 -6.27
CA VAL C 303 -21.20 37.30 -7.15
C VAL C 303 -20.42 37.27 -8.48
N ASN C 304 -20.02 38.44 -9.00
CA ASN C 304 -19.34 38.48 -10.28
C ASN C 304 -17.90 38.13 -10.20
N PHE C 305 -17.30 38.45 -9.06
CA PHE C 305 -15.95 38.04 -8.73
C PHE C 305 -15.85 36.49 -8.65
N ALA C 306 -16.72 35.91 -7.85
CA ALA C 306 -16.82 34.45 -7.76
C ALA C 306 -17.10 33.74 -9.12
N SER C 307 -17.74 34.45 -10.04
CA SER C 307 -18.04 33.94 -11.37
C SER C 307 -16.81 33.94 -12.29
N MET C 308 -15.83 34.78 -12.02
CA MET C 308 -14.64 34.81 -12.82
C MET C 308 -13.38 34.18 -12.22
N ILE C 309 -13.48 33.50 -11.07
CA ILE C 309 -12.34 32.79 -10.43
C ILE C 309 -12.57 31.28 -10.46
N SER C 310 -11.50 30.50 -10.57
CA SER C 310 -11.69 29.06 -10.81
C SER C 310 -11.86 28.24 -9.53
N ASN C 311 -11.66 28.87 -8.37
CA ASN C 311 -11.86 28.26 -7.04
C ASN C 311 -13.26 27.74 -6.89
N PRO C 312 -13.44 26.64 -6.15
CA PRO C 312 -14.84 26.27 -5.85
C PRO C 312 -15.50 27.38 -5.03
N ILE C 313 -16.81 27.56 -5.16
CA ILE C 313 -17.55 28.70 -4.62
C ILE C 313 -18.72 28.22 -3.72
N GLY C 314 -18.96 28.90 -2.61
CA GLY C 314 -20.18 28.69 -1.83
C GLY C 314 -21.08 29.91 -1.95
N ILE C 315 -22.40 29.73 -1.73
CA ILE C 315 -23.33 30.89 -1.65
C ILE C 315 -24.37 30.66 -0.57
N LYS C 316 -24.56 31.65 0.29
CA LYS C 316 -25.50 31.59 1.41
C LYS C 316 -26.84 32.05 0.94
N ILE C 317 -27.84 31.21 1.07
CA ILE C 317 -29.19 31.57 0.68
C ILE C 317 -30.08 31.39 1.92
N GLY C 318 -30.84 32.45 2.22
CA GLY C 318 -31.65 32.58 3.42
C GLY C 318 -33.06 32.20 3.05
N PRO C 319 -34.02 32.40 3.96
CA PRO C 319 -35.42 31.94 3.79
C PRO C 319 -36.29 32.80 2.90
N GLY C 320 -35.79 33.90 2.36
CA GLY C 320 -36.49 34.66 1.33
C GLY C 320 -36.20 34.28 -0.10
N ILE C 321 -35.24 33.41 -0.32
CA ILE C 321 -34.82 33.00 -1.65
C ILE C 321 -35.96 32.29 -2.35
N THR C 322 -36.08 32.49 -3.64
CA THR C 322 -37.08 31.78 -4.45
C THR C 322 -36.31 30.76 -5.25
N PRO C 323 -37.00 29.74 -5.75
CA PRO C 323 -36.35 28.85 -6.71
C PRO C 323 -35.75 29.55 -7.97
N GLU C 324 -36.48 30.53 -8.51
CA GLU C 324 -36.06 31.26 -9.72
C GLU C 324 -34.70 31.88 -9.49
N GLU C 325 -34.53 32.53 -8.35
CA GLU C 325 -33.22 33.07 -7.97
C GLU C 325 -32.16 32.02 -7.77
N ALA C 326 -32.52 30.88 -7.17
CA ALA C 326 -31.59 29.76 -6.98
C ALA C 326 -30.94 29.32 -8.28
N VAL C 327 -31.77 29.15 -9.30
CA VAL C 327 -31.35 28.76 -10.67
C VAL C 327 -30.42 29.76 -11.38
N ALA C 328 -30.70 31.03 -11.14
CA ALA C 328 -30.00 32.07 -11.82
C ALA C 328 -28.60 32.21 -11.23
N TYR C 329 -28.48 32.13 -9.90
CA TYR C 329 -27.17 31.98 -9.23
C TYR C 329 -26.45 30.78 -9.84
N ALA C 330 -27.14 29.66 -9.93
CA ALA C 330 -26.53 28.45 -10.43
C ALA C 330 -26.02 28.68 -11.84
N ASP C 331 -26.79 29.37 -12.68
CA ASP C 331 -26.33 29.70 -14.03
C ASP C 331 -25.12 30.67 -13.99
N LYS C 332 -25.15 31.67 -13.11
CA LYS C 332 -24.08 32.66 -13.01
C LYS C 332 -22.78 32.06 -12.51
N LEU C 333 -22.89 31.20 -11.51
CA LEU C 333 -21.71 30.71 -10.83
C LEU C 333 -21.22 29.34 -11.31
N ASP C 334 -22.10 28.55 -11.89
CA ASP C 334 -21.74 27.25 -12.49
C ASP C 334 -22.03 27.18 -14.01
N PRO C 335 -21.55 28.15 -14.80
CA PRO C 335 -22.03 28.21 -16.19
C PRO C 335 -21.58 27.07 -17.11
N ASN C 336 -20.55 26.30 -16.71
CA ASN C 336 -20.06 25.17 -17.50
C ASN C 336 -20.43 23.80 -16.94
N PHE C 337 -21.41 23.80 -16.03
CA PHE C 337 -22.03 22.58 -15.57
C PHE C 337 -21.02 21.62 -14.96
N GLU C 338 -20.26 22.15 -14.01
CA GLU C 338 -19.21 21.35 -13.37
C GLU C 338 -19.66 20.90 -11.98
N PRO C 339 -19.92 19.58 -11.78
CA PRO C 339 -20.31 19.11 -10.46
C PRO C 339 -19.42 19.61 -9.30
N GLY C 340 -20.04 20.15 -8.26
CA GLY C 340 -19.33 20.65 -7.09
C GLY C 340 -18.59 21.98 -7.20
N ARG C 341 -18.51 22.55 -8.39
CA ARG C 341 -18.04 23.93 -8.59
C ARG C 341 -18.70 24.90 -7.60
N LEU C 342 -20.02 24.78 -7.53
CA LEU C 342 -20.86 25.64 -6.68
C LEU C 342 -21.56 24.84 -5.56
N THR C 343 -21.55 25.42 -4.35
CA THR C 343 -22.21 24.83 -3.18
C THR C 343 -23.30 25.80 -2.75
N ILE C 344 -24.53 25.31 -2.64
CA ILE C 344 -25.65 26.12 -2.19
C ILE C 344 -25.83 25.87 -0.68
N VAL C 345 -25.55 26.93 0.09
CA VAL C 345 -25.57 26.87 1.56
C VAL C 345 -26.90 27.43 2.14
N ALA C 346 -27.84 26.53 2.41
CA ALA C 346 -29.11 26.90 2.99
C ALA C 346 -28.98 27.24 4.47
N ARG C 347 -29.35 28.47 4.82
CA ARG C 347 -29.41 28.94 6.22
C ARG C 347 -30.77 29.61 6.41
N MET C 348 -31.75 28.75 6.65
CA MET C 348 -33.13 29.21 6.59
C MET C 348 -33.83 29.39 7.91
N GLY C 349 -33.27 28.85 9.00
CA GLY C 349 -34.01 28.71 10.28
C GLY C 349 -34.63 27.31 10.33
N HIS C 350 -34.79 26.76 11.54
CA HIS C 350 -35.31 25.39 11.71
C HIS C 350 -36.78 25.29 11.26
N ASP C 351 -37.50 26.39 11.45
CA ASP C 351 -38.93 26.47 11.13
C ASP C 351 -39.20 26.76 9.67
N LYS C 352 -38.20 27.20 8.91
CA LYS C 352 -38.42 27.54 7.49
C LYS C 352 -37.83 26.51 6.54
N VAL C 353 -36.85 25.72 7.01
CA VAL C 353 -36.09 24.85 6.12
C VAL C 353 -36.98 23.85 5.41
N ARG C 354 -37.96 23.27 6.10
CA ARG C 354 -38.85 22.32 5.46
C ARG C 354 -39.84 22.92 4.42
N SER C 355 -40.14 24.22 4.50
CA SER C 355 -41.00 24.90 3.54
C SER C 355 -40.25 25.36 2.28
N VAL C 356 -39.08 25.95 2.47
CA VAL C 356 -38.44 26.75 1.45
C VAL C 356 -37.53 25.89 0.56
N LEU C 357 -36.71 25.07 1.18
CA LEU C 357 -35.71 24.33 0.44
C LEU C 357 -36.27 23.39 -0.64
N PRO C 358 -37.33 22.61 -0.36
CA PRO C 358 -37.72 21.68 -1.42
C PRO C 358 -37.77 22.34 -2.81
N GLY C 359 -38.48 23.46 -2.93
CA GLY C 359 -38.69 24.15 -4.19
C GLY C 359 -37.40 24.63 -4.77
N VAL C 360 -36.50 25.07 -3.92
CA VAL C 360 -35.19 25.52 -4.37
C VAL C 360 -34.44 24.35 -5.04
N ILE C 361 -34.36 23.19 -4.34
CA ILE C 361 -33.67 21.97 -4.82
C ILE C 361 -34.25 21.44 -6.14
N GLN C 362 -35.58 21.36 -6.23
CA GLN C 362 -36.30 20.90 -7.43
C GLN C 362 -36.01 21.74 -8.70
N ALA C 363 -36.00 23.07 -8.58
CA ALA C 363 -35.71 23.91 -9.75
C ALA C 363 -34.25 23.78 -10.17
N VAL C 364 -33.37 23.77 -9.16
CA VAL C 364 -31.95 23.69 -9.42
C VAL C 364 -31.58 22.32 -9.99
N GLU C 365 -32.03 21.23 -9.39
CA GLU C 365 -31.75 19.90 -9.96
C GLU C 365 -32.24 19.82 -11.41
N ALA C 366 -33.46 20.32 -11.66
CA ALA C 366 -34.09 20.29 -12.99
C ALA C 366 -33.29 21.09 -14.07
N SER C 367 -32.64 22.17 -13.66
CA SER C 367 -31.84 22.97 -14.56
C SER C 367 -30.52 22.34 -14.98
N GLY C 368 -30.25 21.10 -14.58
CA GLY C 368 -29.05 20.35 -15.01
C GLY C 368 -27.77 20.67 -14.24
N HIS C 369 -27.85 21.63 -13.31
CA HIS C 369 -26.75 21.91 -12.40
C HIS C 369 -26.65 20.86 -11.32
N LYS C 370 -25.44 20.43 -11.00
CA LYS C 370 -25.17 19.47 -9.88
C LYS C 370 -24.29 20.13 -8.83
N VAL C 371 -24.95 20.88 -7.95
CA VAL C 371 -24.34 21.60 -6.86
C VAL C 371 -24.21 20.69 -5.65
N ILE C 372 -23.38 21.08 -4.69
CA ILE C 372 -23.39 20.53 -3.33
C ILE C 372 -24.46 21.27 -2.51
N TRP C 373 -25.38 20.52 -1.92
CA TRP C 373 -26.39 21.10 -1.03
C TRP C 373 -25.83 21.06 0.36
N GLN C 374 -25.66 22.23 0.97
CA GLN C 374 -25.08 22.31 2.28
C GLN C 374 -26.04 22.99 3.26
N SER C 375 -26.07 22.47 4.49
CA SER C 375 -26.85 23.03 5.61
C SER C 375 -25.99 23.92 6.48
N ASP C 376 -26.33 25.19 6.58
CA ASP C 376 -25.77 26.08 7.59
C ASP C 376 -26.88 26.35 8.62
N PRO C 377 -26.92 25.58 9.69
CA PRO C 377 -27.99 25.71 10.66
C PRO C 377 -27.70 26.71 11.75
N MET C 378 -26.72 27.61 11.55
CA MET C 378 -26.32 28.54 12.59
C MET C 378 -26.97 29.90 12.36
N HIS C 379 -26.84 30.42 11.15
CA HIS C 379 -27.17 31.84 10.90
C HIS C 379 -28.68 32.15 10.74
N GLY C 380 -29.52 31.13 10.54
CA GLY C 380 -30.97 31.30 10.54
C GLY C 380 -31.66 31.08 11.90
N ASN C 381 -30.87 30.77 12.94
CA ASN C 381 -31.37 30.39 14.27
C ASN C 381 -30.65 31.17 15.38
N THR C 382 -30.28 32.41 15.12
CA THR C 382 -29.54 33.24 16.11
C THR C 382 -30.57 34.13 16.82
N PHE C 383 -30.46 34.29 18.13
CA PHE C 383 -31.33 35.23 18.86
C PHE C 383 -30.65 35.89 20.06
N THR C 384 -31.29 36.92 20.59
CA THR C 384 -30.77 37.70 21.72
C THR C 384 -31.59 37.39 23.00
N ALA C 385 -30.90 36.91 24.06
CA ALA C 385 -31.56 36.38 25.26
C ALA C 385 -31.83 37.50 26.27
N SER C 386 -32.41 37.12 27.41
CA SER C 386 -32.79 38.09 28.48
C SER C 386 -31.62 38.96 28.91
N ASN C 387 -30.48 38.33 29.15
CA ASN C 387 -29.26 39.05 29.54
C ASN C 387 -28.50 39.79 28.40
N GLY C 388 -29.02 39.81 27.18
CA GLY C 388 -28.42 40.56 26.05
C GLY C 388 -27.25 39.92 25.30
N TYR C 389 -27.02 38.63 25.53
CA TYR C 389 -25.97 37.89 24.83
C TYR C 389 -26.61 37.22 23.63
N LYS C 390 -26.02 37.39 22.44
CA LYS C 390 -26.48 36.66 21.25
C LYS C 390 -26.21 35.17 21.47
N THR C 391 -27.19 34.33 21.15
CA THR C 391 -27.07 32.88 21.35
C THR C 391 -27.88 32.09 20.29
N ARG C 392 -27.74 30.76 20.34
CA ARG C 392 -28.46 29.81 19.45
C ARG C 392 -28.77 28.56 20.26
N HIS C 393 -29.98 28.02 20.14
CA HIS C 393 -30.30 26.80 20.88
C HIS C 393 -29.90 25.58 20.07
N PHE C 394 -29.19 24.68 20.75
CA PHE C 394 -28.75 23.39 20.21
C PHE C 394 -29.89 22.65 19.49
N ASP C 395 -31.04 22.49 20.12
CA ASP C 395 -32.22 21.82 19.51
C ASP C 395 -32.69 22.41 18.18
N LYS C 396 -32.58 23.72 18.02
CA LYS C 396 -32.98 24.40 16.79
C LYS C 396 -31.92 24.30 15.70
N VAL C 397 -30.67 24.30 16.11
CA VAL C 397 -29.55 24.04 15.24
C VAL C 397 -29.66 22.63 14.67
N ILE C 398 -29.95 21.66 15.54
CA ILE C 398 -30.10 20.24 15.14
C ILE C 398 -31.32 20.02 14.24
N ASP C 399 -32.42 20.65 14.60
CA ASP C 399 -33.66 20.53 13.85
C ASP C 399 -33.54 21.06 12.40
N GLU C 400 -32.78 22.12 12.18
CA GLU C 400 -32.57 22.58 10.77
C GLU C 400 -31.80 21.57 9.89
N VAL C 401 -30.74 20.96 10.42
CA VAL C 401 -30.03 19.88 9.70
C VAL C 401 -30.99 18.70 9.51
N GLN C 402 -31.77 18.39 10.54
CA GLN C 402 -32.66 17.25 10.53
C GLN C 402 -33.70 17.44 9.42
N GLY C 403 -34.30 18.64 9.37
CA GLY C 403 -35.23 19.03 8.28
C GLY C 403 -34.65 19.09 6.88
N PHE C 404 -33.42 19.57 6.81
CA PHE C 404 -32.60 19.54 5.57
C PHE C 404 -32.51 18.10 5.08
N PHE C 405 -32.13 17.18 5.96
CA PHE C 405 -32.07 15.76 5.62
C PHE C 405 -33.41 15.24 5.19
N GLU C 406 -34.48 15.60 5.91
CA GLU C 406 -35.85 15.12 5.61
C GLU C 406 -36.23 15.51 4.17
N VAL C 407 -35.97 16.76 3.81
CA VAL C 407 -36.24 17.24 2.44
C VAL C 407 -35.53 16.40 1.40
N HIS C 408 -34.22 16.22 1.58
CA HIS C 408 -33.40 15.41 0.69
C HIS C 408 -33.90 13.98 0.52
N ARG C 409 -34.34 13.33 1.60
N ARG C 409 -34.36 13.36 1.59
CA ARG C 409 -34.87 11.96 1.49
CA ARG C 409 -34.86 12.00 1.53
C ARG C 409 -36.19 11.95 0.73
C ARG C 409 -36.20 11.93 0.81
N ALA C 410 -37.02 12.97 0.95
CA ALA C 410 -38.29 13.07 0.21
C ALA C 410 -38.04 13.29 -1.29
N LEU C 411 -37.12 14.20 -1.64
CA LEU C 411 -36.81 14.45 -3.08
C LEU C 411 -35.88 13.42 -3.71
N GLY C 412 -35.21 12.59 -2.91
CA GLY C 412 -34.25 11.60 -3.42
C GLY C 412 -32.92 12.21 -3.81
N THR C 413 -32.61 13.40 -3.29
CA THR C 413 -31.39 14.13 -3.61
C THR C 413 -30.37 13.92 -2.48
N HIS C 414 -29.14 14.37 -2.70
CA HIS C 414 -28.01 14.11 -1.82
C HIS C 414 -27.81 15.23 -0.81
N PRO C 415 -27.91 14.90 0.50
CA PRO C 415 -27.55 15.89 1.51
C PRO C 415 -26.04 16.06 1.51
N GLY C 416 -25.58 17.17 0.94
CA GLY C 416 -24.18 17.31 0.61
C GLY C 416 -23.18 17.52 1.73
N GLY C 417 -23.56 18.30 2.73
CA GLY C 417 -22.62 18.70 3.77
C GLY C 417 -23.22 19.63 4.81
N ILE C 418 -22.42 20.02 5.79
CA ILE C 418 -22.86 20.98 6.80
C ILE C 418 -21.81 22.06 6.93
N HIS C 419 -22.26 23.23 7.36
CA HIS C 419 -21.39 24.38 7.66
C HIS C 419 -21.74 24.89 9.05
N ILE C 420 -20.85 24.66 10.02
CA ILE C 420 -21.14 24.99 11.40
C ILE C 420 -20.06 25.87 12.03
N GLU C 421 -20.47 26.72 12.96
CA GLU C 421 -19.55 27.59 13.64
C GLU C 421 -19.30 26.94 15.01
N PHE C 422 -18.06 26.59 15.29
CA PHE C 422 -17.69 25.88 16.49
C PHE C 422 -16.29 26.31 16.90
N THR C 423 -15.91 25.93 18.11
CA THR C 423 -14.54 26.01 18.56
C THR C 423 -14.17 24.77 19.39
N GLY C 424 -12.87 24.52 19.52
CA GLY C 424 -12.38 23.43 20.35
C GLY C 424 -12.11 23.83 21.79
N GLU C 425 -12.76 24.93 22.23
CA GLU C 425 -12.66 25.52 23.56
C GLU C 425 -13.97 25.24 24.30
N ASP C 426 -13.90 25.16 25.63
CA ASP C 426 -15.10 24.94 26.46
C ASP C 426 -15.82 26.25 26.74
N VAL C 427 -16.43 26.80 25.69
CA VAL C 427 -17.15 28.06 25.78
C VAL C 427 -18.61 27.86 26.16
N THR C 428 -19.26 28.98 26.48
CA THR C 428 -20.66 29.01 26.91
C THR C 428 -21.34 30.05 26.03
N GLU C 429 -21.63 29.63 24.80
CA GLU C 429 -22.11 30.56 23.77
C GLU C 429 -23.48 30.18 23.22
N CYS C 430 -23.71 28.88 23.02
CA CYS C 430 -24.99 28.34 22.56
C CYS C 430 -25.66 27.57 23.70
N LEU C 431 -26.98 27.67 23.76
CA LEU C 431 -27.80 26.98 24.75
C LEU C 431 -27.95 25.50 24.37
N GLY C 432 -28.20 24.66 25.37
CA GLY C 432 -28.55 23.25 25.14
C GLY C 432 -27.36 22.33 25.14
N GLY C 433 -27.52 21.17 24.51
CA GLY C 433 -26.55 20.08 24.58
C GLY C 433 -26.74 19.26 25.83
N ALA C 434 -25.78 18.39 26.12
CA ALA C 434 -25.79 17.53 27.32
C ALA C 434 -25.45 18.32 28.59
N GLU C 435 -24.52 19.27 28.47
CA GLU C 435 -24.20 20.22 29.56
C GLU C 435 -25.34 21.20 29.90
N ASP C 436 -26.42 21.20 29.11
CA ASP C 436 -27.71 21.84 29.46
C ASP C 436 -27.62 23.37 29.68
N ILE C 437 -26.91 24.04 28.79
CA ILE C 437 -26.54 25.46 28.96
C ILE C 437 -27.80 26.32 28.87
N THR C 438 -27.93 27.31 29.76
CA THR C 438 -29.11 28.18 29.86
C THR C 438 -28.66 29.63 29.83
N ASP C 439 -29.64 30.54 29.80
CA ASP C 439 -29.38 31.99 29.81
C ASP C 439 -28.27 32.40 30.80
N VAL C 440 -28.37 31.93 32.05
CA VAL C 440 -27.45 32.29 33.14
C VAL C 440 -25.99 31.78 32.95
N ASP C 441 -25.78 30.71 32.18
CA ASP C 441 -24.44 30.16 31.89
C ASP C 441 -23.59 30.98 30.88
N LEU C 442 -24.27 31.72 29.99
CA LEU C 442 -23.61 32.38 28.86
C LEU C 442 -22.47 33.35 29.19
N PRO C 443 -22.58 34.15 30.28
CA PRO C 443 -21.41 35.01 30.59
C PRO C 443 -20.20 34.34 31.28
N GLY C 444 -20.23 33.01 31.46
CA GLY C 444 -19.07 32.29 32.02
C GLY C 444 -17.81 32.36 31.16
N ARG C 445 -17.90 31.77 29.96
CA ARG C 445 -16.83 31.81 28.96
C ARG C 445 -17.45 32.14 27.60
N TYR C 446 -17.78 33.41 27.41
CA TYR C 446 -18.25 33.92 26.11
C TYR C 446 -17.07 34.65 25.45
N GLU C 447 -16.47 34.01 24.45
CA GLU C 447 -15.18 34.43 23.88
C GLU C 447 -15.20 34.83 22.39
N SER C 448 -16.31 34.64 21.69
CA SER C 448 -16.39 34.87 20.24
C SER C 448 -16.31 36.35 19.92
N ALA C 449 -15.47 36.70 18.94
CA ALA C 449 -15.48 38.05 18.38
C ALA C 449 -16.81 38.40 17.70
N CYS C 450 -17.57 37.40 17.25
CA CYS C 450 -18.84 37.60 16.55
C CYS C 450 -19.94 36.59 17.02
N ASP C 451 -20.34 35.61 16.21
CA ASP C 451 -21.52 34.80 16.52
C ASP C 451 -21.25 33.71 17.56
N PRO C 452 -22.33 33.24 18.22
CA PRO C 452 -22.26 32.13 19.19
C PRO C 452 -21.92 30.78 18.55
N ARG C 453 -20.78 30.23 18.92
CA ARG C 453 -20.27 28.99 18.38
C ARG C 453 -20.69 27.80 19.23
N LEU C 454 -20.78 26.63 18.61
CA LEU C 454 -20.88 25.40 19.36
C LEU C 454 -19.53 25.23 20.07
N ASN C 455 -19.56 24.77 21.31
CA ASN C 455 -18.32 24.41 22.00
C ASN C 455 -17.86 22.97 21.63
N THR C 456 -16.75 22.52 22.20
CA THR C 456 -16.19 21.20 21.89
C THR C 456 -17.18 20.05 22.04
N GLN C 457 -17.93 20.07 23.14
CA GLN C 457 -18.88 18.98 23.50
C GLN C 457 -20.07 18.96 22.56
N GLN C 458 -20.64 20.15 22.36
CA GLN C 458 -21.77 20.35 21.46
C GLN C 458 -21.41 20.00 20.01
N SER C 459 -20.19 20.36 19.60
CA SER C 459 -19.69 20.00 18.28
C SER C 459 -19.62 18.48 18.06
N LEU C 460 -19.09 17.77 19.06
CA LEU C 460 -19.00 16.30 19.01
C LEU C 460 -20.34 15.62 19.08
N GLU C 461 -21.21 16.19 19.91
CA GLU C 461 -22.58 15.67 20.00
C GLU C 461 -23.27 15.80 18.65
N LEU C 462 -23.16 17.00 18.07
CA LEU C 462 -23.70 17.23 16.73
C LEU C 462 -23.12 16.27 15.69
N ALA C 463 -21.83 15.98 15.72
CA ALA C 463 -21.30 15.03 14.72
C ALA C 463 -21.96 13.65 14.88
N PHE C 464 -22.11 13.16 16.10
CA PHE C 464 -22.82 11.88 16.34
C PHE C 464 -24.27 11.92 15.81
N LEU C 465 -24.98 13.02 16.06
CA LEU C 465 -26.36 13.13 15.63
C LEU C 465 -26.43 13.23 14.10
N VAL C 466 -25.54 14.01 13.47
CA VAL C 466 -25.55 14.06 11.99
C VAL C 466 -25.08 12.72 11.39
N ALA C 467 -24.28 11.96 12.14
CA ALA C 467 -23.95 10.59 11.76
C ALA C 467 -25.20 9.73 11.69
N GLU C 468 -26.07 9.85 12.68
CA GLU C 468 -27.34 9.12 12.67
C GLU C 468 -28.26 9.58 11.52
N MET C 469 -28.23 10.86 11.18
CA MET C 469 -29.05 11.35 10.07
C MET C 469 -28.59 10.70 8.76
N LEU C 470 -27.29 10.62 8.56
CA LEU C 470 -26.70 10.00 7.39
C LEU C 470 -27.01 8.51 7.30
N ARG C 471 -26.96 7.81 8.42
CA ARG C 471 -27.33 6.38 8.43
C ARG C 471 -28.81 6.18 8.24
N ASN C 472 -29.61 7.11 8.78
CA ASN C 472 -31.08 7.07 8.68
C ASN C 472 -31.62 5.68 9.06
N HIS D 6 -4.54 -7.71 44.97
CA HIS D 6 -5.48 -6.54 44.95
C HIS D 6 -5.01 -5.30 45.75
N HIS D 7 -3.69 -5.18 45.97
CA HIS D 7 -3.08 -3.91 46.44
C HIS D 7 -3.11 -2.89 45.29
N SER D 8 -3.00 -3.40 44.05
CA SER D 8 -3.13 -2.60 42.81
C SER D 8 -4.59 -2.24 42.45
N SER D 9 -5.55 -2.98 43.00
CA SER D 9 -6.99 -2.62 42.94
C SER D 9 -7.36 -1.44 43.86
N GLY D 10 -6.80 -1.41 45.08
CA GLY D 10 -7.00 -0.28 46.00
C GLY D 10 -6.39 1.01 45.48
N MET D 11 -5.10 0.94 45.16
CA MET D 11 -4.29 2.06 44.62
C MET D 11 -4.93 2.74 43.41
N SER D 12 -5.45 1.92 42.48
CA SER D 12 -6.01 2.36 41.20
C SER D 12 -7.26 3.21 41.35
N TRP D 13 -8.06 2.88 42.38
CA TRP D 13 -9.25 3.68 42.75
C TRP D 13 -8.89 5.03 43.41
N THR D 14 -7.93 5.06 44.35
CA THR D 14 -7.55 6.32 45.04
C THR D 14 -6.83 7.25 44.07
N VAL D 15 -5.94 6.67 43.27
CA VAL D 15 -5.19 7.43 42.27
C VAL D 15 -6.13 7.98 41.17
N ASP D 16 -7.21 7.24 40.86
CA ASP D 16 -8.30 7.76 39.98
C ASP D 16 -8.94 9.03 40.58
N ILE D 17 -9.62 8.89 41.71
CA ILE D 17 -10.21 10.05 42.43
C ILE D 17 -9.17 10.84 43.25
N LEU D 28 10.56 26.89 31.77
CA LEU D 28 10.64 27.18 33.21
C LEU D 28 10.94 25.97 34.12
N PRO D 29 10.34 24.78 33.83
CA PRO D 29 10.47 23.69 34.80
C PRO D 29 11.91 23.33 35.21
N GLU D 30 12.08 22.91 36.47
CA GLU D 30 13.34 22.35 37.02
C GLU D 30 14.62 23.19 36.70
N GLY D 31 15.72 22.53 36.31
CA GLY D 31 16.95 23.20 35.90
C GLY D 31 16.98 23.75 34.47
N MET D 32 15.88 23.59 33.73
CA MET D 32 15.66 24.25 32.43
C MET D 32 15.75 25.77 32.58
N GLN D 33 15.18 26.31 33.66
CA GLN D 33 15.32 27.73 33.95
C GLN D 33 16.74 28.06 34.38
N GLN D 34 17.43 27.13 35.06
CA GLN D 34 18.88 27.32 35.33
C GLN D 34 19.68 27.49 34.03
N GLN D 35 19.54 26.53 33.13
N GLN D 35 19.52 26.53 33.12
CA GLN D 35 20.37 26.50 31.92
CA GLN D 35 20.34 26.46 31.91
C GLN D 35 20.08 27.68 31.02
C GLN D 35 20.08 27.66 31.02
N PHE D 36 18.83 28.11 30.98
CA PHE D 36 18.45 29.28 30.21
C PHE D 36 19.10 30.59 30.65
N GLU D 37 19.04 30.91 31.93
CA GLU D 37 19.64 32.14 32.45
C GLU D 37 21.15 32.13 32.28
N ASP D 38 21.75 30.96 32.45
CA ASP D 38 23.17 30.76 32.15
C ASP D 38 23.44 31.09 30.69
N THR D 39 22.66 30.49 29.79
CA THR D 39 22.77 30.77 28.37
C THR D 39 22.53 32.25 28.00
N ILE D 40 21.49 32.85 28.55
CA ILE D 40 21.21 34.29 28.32
C ILE D 40 22.33 35.22 28.87
N SER D 41 23.04 34.77 29.90
CA SER D 41 24.17 35.54 30.50
C SER D 41 25.38 35.65 29.63
N ARG D 42 25.54 34.69 28.72
CA ARG D 42 26.81 34.52 28.02
C ARG D 42 26.99 35.58 26.94
N ASP D 43 28.25 35.77 26.55
CA ASP D 43 28.56 36.67 25.48
C ASP D 43 27.98 36.09 24.19
N ALA D 44 27.59 36.99 23.28
CA ALA D 44 26.93 36.59 22.04
C ALA D 44 27.55 37.38 20.93
N LYS D 45 28.42 36.73 20.15
CA LYS D 45 28.96 37.37 18.93
C LYS D 45 27.87 37.70 17.88
N GLN D 46 28.21 38.63 16.97
CA GLN D 46 27.42 38.93 15.76
C GLN D 46 26.00 39.46 15.93
N GLN D 47 25.77 40.25 16.98
CA GLN D 47 24.42 40.76 17.29
C GLN D 47 24.26 42.19 16.83
N PRO D 48 23.01 42.59 16.54
CA PRO D 48 22.74 43.97 16.21
C PRO D 48 22.71 44.84 17.46
N THR D 49 22.97 46.14 17.29
CA THR D 49 22.78 47.16 18.31
C THR D 49 21.43 47.85 18.11
N TRP D 50 20.46 47.46 18.93
CA TRP D 50 19.15 48.09 18.92
C TRP D 50 18.58 48.25 20.33
N ASP D 51 17.54 49.06 20.43
CA ASP D 51 16.90 49.35 21.71
C ASP D 51 16.36 48.08 22.41
N ARG D 52 16.85 47.87 23.63
CA ARG D 52 16.48 46.73 24.46
C ARG D 52 14.97 46.66 24.77
N ALA D 53 14.37 47.83 25.01
CA ALA D 53 12.93 47.90 25.23
C ALA D 53 12.16 47.49 23.97
N GLN D 54 12.54 48.04 22.82
CA GLN D 54 11.88 47.68 21.56
C GLN D 54 12.05 46.18 21.31
N ALA D 55 13.29 45.70 21.44
CA ALA D 55 13.57 44.30 21.18
C ALA D 55 12.69 43.38 22.03
N GLU D 56 12.54 43.72 23.32
CA GLU D 56 11.75 42.90 24.24
C GLU D 56 10.28 42.86 23.85
N ASN D 57 9.75 44.01 23.45
CA ASN D 57 8.35 44.10 23.06
C ASN D 57 8.05 43.23 21.86
N VAL D 58 9.00 43.17 20.92
CA VAL D 58 8.89 42.30 19.74
C VAL D 58 8.95 40.81 20.10
N ARG D 59 9.85 40.45 21.02
CA ARG D 59 9.93 39.09 21.55
C ARG D 59 8.65 38.62 22.20
N LYS D 60 7.94 39.52 22.87
CA LYS D 60 6.67 39.17 23.51
C LYS D 60 5.59 38.89 22.46
N ILE D 61 5.65 39.61 21.34
CA ILE D 61 4.73 39.39 20.22
C ILE D 61 4.99 37.99 19.66
N LEU D 62 6.24 37.77 19.22
CA LEU D 62 6.69 36.49 18.64
C LEU D 62 6.57 35.27 19.58
N GLU D 63 6.50 35.48 20.90
CA GLU D 63 6.32 34.35 21.85
C GLU D 63 4.93 33.68 21.81
N SER D 64 3.91 34.36 21.30
CA SER D 64 2.53 33.81 21.22
C SER D 64 2.01 33.47 19.83
N VAL D 65 2.80 33.75 18.80
CA VAL D 65 2.44 33.41 17.40
C VAL D 65 2.65 31.92 17.12
N PRO D 66 2.02 31.41 16.06
CA PRO D 66 2.23 30.01 15.69
C PRO D 66 3.70 29.72 15.32
N PRO D 67 4.26 28.58 15.78
CA PRO D 67 5.64 28.35 15.41
C PRO D 67 5.74 28.03 13.89
N ILE D 68 6.97 28.01 13.38
CA ILE D 68 7.21 27.71 11.97
C ILE D 68 7.10 26.21 11.67
N VAL D 69 7.45 25.36 12.65
CA VAL D 69 7.28 23.92 12.59
C VAL D 69 6.75 23.46 13.94
N VAL D 70 6.11 22.28 13.97
CA VAL D 70 5.68 21.69 15.23
C VAL D 70 6.67 20.63 15.70
N ALA D 71 6.73 20.42 17.03
CA ALA D 71 7.65 19.52 17.67
C ALA D 71 7.60 18.12 17.10
N PRO D 72 6.39 17.55 16.88
CA PRO D 72 6.42 16.18 16.34
C PRO D 72 7.20 16.05 14.98
N GLU D 73 7.17 17.08 14.14
CA GLU D 73 7.98 17.09 12.90
C GLU D 73 9.47 16.98 13.23
N VAL D 74 9.87 17.71 14.27
CA VAL D 74 11.26 17.72 14.73
C VAL D 74 11.65 16.33 15.30
N LEU D 75 10.73 15.64 15.98
CA LEU D 75 11.02 14.27 16.50
C LEU D 75 11.16 13.28 15.33
N GLU D 76 10.43 13.51 14.25
CA GLU D 76 10.54 12.67 13.06
C GLU D 76 11.87 12.89 12.32
N LEU D 77 12.24 14.16 12.11
CA LEU D 77 13.54 14.48 11.55
C LEU D 77 14.65 13.76 12.34
N LYS D 78 14.62 13.89 13.66
CA LYS D 78 15.55 13.20 14.57
C LYS D 78 15.69 11.73 14.30
N GLN D 79 14.61 11.04 13.93
CA GLN D 79 14.72 9.61 13.59
C GLN D 79 15.41 9.49 12.25
N LYS D 80 15.06 10.33 11.25
CA LYS D 80 15.77 10.32 9.94
C LYS D 80 17.27 10.66 10.07
N LEU D 81 17.61 11.62 10.93
CA LEU D 81 19.01 11.99 11.11
C LEU D 81 19.76 10.89 11.80
N ALA D 82 19.11 10.18 12.71
CA ALA D 82 19.72 8.99 13.24
C ALA D 82 20.05 8.00 12.12
N ASP D 83 19.16 7.82 11.14
CA ASP D 83 19.47 6.89 10.02
C ASP D 83 20.67 7.35 9.17
N VAL D 84 20.79 8.67 8.97
CA VAL D 84 21.91 9.20 8.26
C VAL D 84 23.14 8.83 9.03
N ALA D 85 23.19 9.21 10.30
CA ALA D 85 24.36 8.91 11.14
C ALA D 85 24.73 7.44 11.18
N ASN D 86 23.75 6.56 11.31
CA ASN D 86 24.00 5.11 11.36
C ASN D 86 24.34 4.46 10.01
N GLY D 87 24.50 5.25 8.95
CA GLY D 87 24.94 4.73 7.66
C GLY D 87 23.83 4.33 6.73
N LYS D 88 22.60 4.70 7.07
CA LYS D 88 21.43 4.19 6.38
C LYS D 88 20.71 5.25 5.56
N ALA D 89 21.24 6.47 5.54
CA ALA D 89 20.63 7.57 4.77
C ALA D 89 21.63 8.67 4.51
N PHE D 90 21.29 9.58 3.60
CA PHE D 90 22.15 10.70 3.22
C PHE D 90 21.42 12.03 3.46
N LEU D 91 22.15 13.08 3.87
CA LEU D 91 21.57 14.42 4.05
C LEU D 91 21.92 15.43 2.97
N LEU D 92 20.88 15.98 2.31
CA LEU D 92 21.05 17.02 1.33
C LEU D 92 20.49 18.31 1.91
N GLN D 93 21.34 19.29 2.08
CA GLN D 93 20.95 20.57 2.66
C GLN D 93 21.39 21.65 1.74
N GLY D 94 20.56 22.67 1.56
CA GLY D 94 20.94 23.78 0.71
C GLY D 94 19.83 24.68 0.27
N GLY D 95 20.21 25.71 -0.47
CA GLY D 95 19.34 26.83 -0.78
C GLY D 95 20.13 28.13 -0.80
N ASP D 96 19.43 29.24 -0.72
CA ASP D 96 20.04 30.57 -0.79
C ASP D 96 21.03 30.72 0.32
N CYS D 97 22.11 31.43 0.07
CA CYS D 97 23.02 31.86 1.13
C CYS D 97 22.25 32.71 2.13
N ALA D 98 21.46 33.62 1.60
CA ALA D 98 20.65 34.50 2.40
C ALA D 98 19.34 34.78 1.69
N GLU D 99 18.22 34.49 2.34
CA GLU D 99 16.90 34.84 1.84
C GLU D 99 16.78 36.33 2.00
N THR D 100 15.92 36.93 1.17
CA THR D 100 15.52 38.33 1.30
C THR D 100 14.01 38.37 1.22
N PHE D 101 13.38 39.39 1.80
CA PHE D 101 11.90 39.52 1.74
C PHE D 101 11.44 39.88 0.32
N GLU D 102 12.26 40.63 -0.40
CA GLU D 102 11.99 40.98 -1.80
C GLU D 102 11.98 39.73 -2.67
N SER D 103 12.90 38.79 -2.42
CA SER D 103 12.96 37.52 -3.16
C SER D 103 12.12 36.36 -2.59
N ASN D 104 11.41 36.57 -1.48
CA ASN D 104 10.58 35.54 -0.85
C ASN D 104 9.23 35.43 -1.53
N THR D 105 9.29 34.94 -2.77
CA THR D 105 8.19 34.93 -3.72
C THR D 105 7.91 33.50 -4.19
N GLU D 106 6.69 33.29 -4.63
CA GLU D 106 6.29 31.95 -5.06
C GLU D 106 7.25 31.40 -6.13
N PRO D 107 7.46 32.12 -7.23
CA PRO D 107 8.33 31.56 -8.27
C PRO D 107 9.74 31.21 -7.79
N HIS D 108 10.32 32.05 -6.94
CA HIS D 108 11.67 31.79 -6.41
C HIS D 108 11.76 30.60 -5.42
N ILE D 109 10.84 30.53 -4.46
CA ILE D 109 10.78 29.44 -3.50
C ILE D 109 10.56 28.14 -4.28
N ARG D 110 9.71 28.21 -5.30
CA ARG D 110 9.40 27.05 -6.13
C ARG D 110 10.65 26.64 -6.90
N ALA D 111 11.43 27.62 -7.37
CA ALA D 111 12.63 27.31 -8.15
C ALA D 111 13.63 26.55 -7.30
N ASN D 112 13.81 26.98 -6.05
CA ASN D 112 14.72 26.30 -5.14
C ASN D 112 14.21 24.96 -4.65
N VAL D 113 12.90 24.83 -4.46
CA VAL D 113 12.33 23.58 -4.00
C VAL D 113 12.47 22.50 -5.06
N LYS D 114 12.14 22.85 -6.29
CA LYS D 114 12.33 21.98 -7.41
C LYS D 114 13.75 21.56 -7.56
N THR D 115 14.67 22.50 -7.41
CA THR D 115 16.09 22.23 -7.62
C THR D 115 16.59 21.23 -6.59
N LEU D 116 16.24 21.46 -5.34
CA LEU D 116 16.63 20.54 -4.28
C LEU D 116 15.99 19.15 -4.49
N LEU D 117 14.74 19.13 -4.94
CA LEU D 117 14.03 17.86 -5.12
C LEU D 117 14.64 17.10 -6.30
N GLN D 118 14.98 17.83 -7.36
CA GLN D 118 15.68 17.26 -8.48
C GLN D 118 17.03 16.64 -8.13
N MET D 119 17.82 17.38 -7.34
CA MET D 119 19.16 16.93 -6.88
C MET D 119 18.98 15.66 -6.04
N ALA D 120 17.95 15.66 -5.21
CA ALA D 120 17.69 14.53 -4.32
C ALA D 120 17.34 13.18 -5.00
N VAL D 121 16.76 13.21 -6.19
CA VAL D 121 16.37 11.95 -6.88
C VAL D 121 17.63 11.28 -7.38
N VAL D 122 18.52 12.08 -7.96
CA VAL D 122 19.80 11.63 -8.45
C VAL D 122 20.63 11.10 -7.31
N LEU D 123 20.72 11.84 -6.23
CA LEU D 123 21.47 11.40 -5.07
C LEU D 123 20.87 10.15 -4.43
N THR D 124 19.54 10.03 -4.36
CA THR D 124 18.92 8.82 -3.84
C THR D 124 19.37 7.61 -4.65
N TYR D 125 19.32 7.74 -6.00
CA TYR D 125 19.74 6.66 -6.86
C TYR D 125 21.20 6.28 -6.61
N GLY D 126 22.10 7.28 -6.53
CA GLY D 126 23.51 6.99 -6.26
C GLY D 126 23.85 6.53 -4.84
N ALA D 127 23.14 7.05 -3.86
CA ALA D 127 23.37 6.62 -2.48
C ALA D 127 22.80 5.23 -2.20
N SER D 128 21.85 4.75 -3.01
CA SER D 128 21.04 3.56 -2.63
C SER D 128 20.46 3.64 -1.20
N THR D 129 20.14 4.86 -0.76
CA THR D 129 19.55 5.12 0.55
C THR D 129 18.62 6.31 0.40
N PRO D 130 17.65 6.46 1.31
CA PRO D 130 16.86 7.71 1.36
C PRO D 130 17.74 8.95 1.47
N VAL D 131 17.25 10.06 0.96
CA VAL D 131 17.92 11.33 1.13
C VAL D 131 16.95 12.21 1.88
N ILE D 132 17.46 12.83 2.95
CA ILE D 132 16.71 13.77 3.76
C ILE D 132 17.01 15.14 3.16
N LYS D 133 15.92 15.85 2.92
CA LYS D 133 15.88 17.06 2.12
C LYS D 133 15.66 18.20 3.09
N MET D 134 16.72 18.98 3.29
CA MET D 134 16.71 20.09 4.23
C MET D 134 17.01 21.39 3.48
N ALA D 135 16.06 22.29 3.42
CA ALA D 135 16.28 23.53 2.72
C ALA D 135 16.84 24.61 3.66
N ARG D 136 17.77 25.44 3.18
CA ARG D 136 18.03 26.76 3.78
C ARG D 136 16.87 27.63 3.40
N ILE D 137 15.92 27.75 4.31
CA ILE D 137 14.74 28.49 3.99
C ILE D 137 13.93 28.77 5.23
N ALA D 138 12.99 29.71 5.09
CA ALA D 138 12.06 30.09 6.12
C ALA D 138 12.73 30.52 7.43
N GLY D 139 13.78 31.32 7.29
CA GLY D 139 14.46 31.88 8.46
C GLY D 139 15.87 32.40 8.25
N GLN D 140 16.46 32.13 7.09
CA GLN D 140 17.87 32.41 6.86
C GLN D 140 18.06 33.92 6.50
N TYR D 141 17.81 34.77 7.49
CA TYR D 141 17.75 36.22 7.28
C TYR D 141 18.79 36.99 8.07
N ALA D 142 19.68 36.28 8.75
CA ALA D 142 20.76 36.87 9.54
C ALA D 142 22.09 36.36 9.00
N LYS D 143 22.99 37.27 8.66
CA LYS D 143 24.34 36.90 8.21
C LYS D 143 25.38 37.54 9.11
N PRO D 144 26.49 36.83 9.37
CA PRO D 144 27.56 37.40 10.18
C PRO D 144 28.49 38.26 9.31
N ARG D 145 29.10 39.27 9.94
CA ARG D 145 30.04 40.17 9.26
C ARG D 145 31.31 40.39 10.04
N SER D 146 32.41 40.60 9.31
CA SER D 146 33.74 40.80 9.89
C SER D 146 33.86 42.10 10.68
N SER D 147 33.28 43.16 10.15
CA SER D 147 33.24 44.44 10.84
C SER D 147 31.79 44.82 11.01
N ASP D 148 31.55 45.84 11.82
CA ASP D 148 30.21 46.38 12.01
C ASP D 148 29.86 47.46 10.96
N LEU D 149 30.88 48.17 10.46
CA LEU D 149 30.68 49.29 9.51
C LEU D 149 31.43 49.04 8.21
N ASP D 150 30.93 49.65 7.13
CA ASP D 150 31.53 49.62 5.78
C ASP D 150 32.79 50.51 5.74
N GLY D 151 33.36 50.68 4.55
CA GLY D 151 34.46 51.61 4.36
C GLY D 151 34.14 53.04 4.78
N ASN D 152 32.86 53.43 4.65
CA ASN D 152 32.40 54.81 4.86
C ASN D 152 31.74 55.09 6.24
N GLY D 153 31.91 54.19 7.21
CA GLY D 153 31.19 54.28 8.48
C GLY D 153 29.70 54.07 8.32
N LEU D 154 29.30 53.37 7.25
CA LEU D 154 27.91 53.01 7.04
C LEU D 154 27.76 51.63 7.66
N PRO D 155 26.77 51.43 8.54
CA PRO D 155 26.57 50.10 9.09
C PRO D 155 26.35 49.04 8.01
N ASN D 156 27.13 47.97 8.09
CA ASN D 156 26.99 46.82 7.17
C ASN D 156 25.60 46.20 7.20
N TYR D 157 25.15 45.74 6.03
CA TYR D 157 23.98 44.92 5.90
C TYR D 157 24.20 43.67 6.73
N ARG D 158 23.23 43.30 7.56
CA ARG D 158 23.37 42.12 8.44
C ARG D 158 22.28 41.07 8.18
N GLY D 159 21.70 41.11 6.97
CA GLY D 159 20.53 40.31 6.58
C GLY D 159 19.25 41.05 6.88
N ASP D 160 18.15 40.66 6.24
CA ASP D 160 16.87 41.41 6.32
C ASP D 160 16.15 41.38 7.65
N ILE D 161 16.62 40.56 8.58
CA ILE D 161 16.06 40.55 9.92
C ILE D 161 16.68 41.64 10.80
N VAL D 162 17.74 42.30 10.33
CA VAL D 162 18.41 43.35 11.07
C VAL D 162 18.24 44.69 10.38
N ASN D 163 18.67 44.77 9.12
CA ASN D 163 18.57 46.01 8.34
C ASN D 163 18.37 45.71 6.84
N GLY D 164 18.44 46.76 6.01
CA GLY D 164 18.22 46.66 4.58
C GLY D 164 19.49 46.66 3.75
N VAL D 165 19.35 46.23 2.52
CA VAL D 165 20.46 46.14 1.55
C VAL D 165 20.92 47.52 1.08
N GLU D 166 19.95 48.41 0.87
CA GLU D 166 20.22 49.74 0.37
C GLU D 166 21.30 50.46 1.20
N ALA D 167 22.24 51.08 0.52
CA ALA D 167 23.39 51.69 1.17
C ALA D 167 23.03 53.12 1.55
N THR D 168 22.05 53.25 2.45
CA THR D 168 21.73 54.51 3.07
C THR D 168 21.65 54.35 4.60
N PRO D 169 21.83 55.46 5.35
CA PRO D 169 21.78 55.32 6.81
C PRO D 169 20.42 54.89 7.39
N GLU D 170 19.33 55.29 6.73
CA GLU D 170 17.95 54.87 7.09
C GLU D 170 17.79 53.37 6.96
N ALA D 171 18.19 52.86 5.81
CA ALA D 171 18.02 51.46 5.46
C ALA D 171 18.89 50.60 6.33
N ARG D 172 20.11 51.06 6.61
CA ARG D 172 21.09 50.27 7.35
C ARG D 172 20.90 50.29 8.87
N ARG D 173 19.97 51.09 9.37
CA ARG D 173 19.66 51.12 10.80
C ARG D 173 19.14 49.74 11.24
N HIS D 174 19.59 49.29 12.40
CA HIS D 174 19.16 48.00 12.93
C HIS D 174 17.77 48.14 13.53
N ASP D 175 16.82 47.38 12.99
CA ASP D 175 15.41 47.57 13.31
C ASP D 175 14.75 46.29 13.90
N PRO D 176 14.49 46.27 15.23
CA PRO D 176 13.87 45.10 15.90
C PRO D 176 12.58 44.60 15.25
N ALA D 177 11.81 45.52 14.69
CA ALA D 177 10.57 45.18 14.00
C ALA D 177 10.77 44.27 12.79
N ARG D 178 11.99 44.20 12.27
CA ARG D 178 12.28 43.30 11.15
C ARG D 178 12.22 41.81 11.55
N MET D 179 12.23 41.53 12.86
CA MET D 179 12.00 40.20 13.40
C MET D 179 10.59 39.71 13.12
N ILE D 180 9.64 40.65 13.18
CA ILE D 180 8.25 40.38 12.88
C ILE D 180 8.05 40.15 11.38
N ARG D 181 8.67 40.99 10.54
CA ARG D 181 8.64 40.77 9.09
C ARG D 181 9.28 39.43 8.69
N ALA D 182 10.38 39.11 9.37
CA ALA D 182 11.05 37.86 9.14
C ALA D 182 10.17 36.65 9.50
N TYR D 183 9.42 36.75 10.60
CA TYR D 183 8.54 35.65 11.02
C TYR D 183 7.41 35.49 10.02
N ALA D 184 6.87 36.61 9.55
CA ALA D 184 5.81 36.58 8.54
C ALA D 184 6.28 35.92 7.25
N ASN D 185 7.44 36.34 6.76
CA ASN D 185 7.99 35.82 5.53
C ASN D 185 8.36 34.37 5.67
N ALA D 186 8.84 33.98 6.84
CA ALA D 186 9.25 32.61 7.05
C ALA D 186 8.06 31.62 7.05
N SER D 187 6.94 32.10 7.53
CA SER D 187 5.76 31.25 7.66
C SER D 187 5.01 31.23 6.33
N ALA D 188 5.00 32.33 5.61
CA ALA D 188 4.55 32.32 4.22
C ALA D 188 5.36 31.31 3.42
N ALA D 189 6.69 31.32 3.62
CA ALA D 189 7.57 30.46 2.90
C ALA D 189 7.40 28.97 3.27
N MET D 190 7.37 28.67 4.59
CA MET D 190 7.18 27.29 5.02
C MET D 190 5.81 26.79 4.57
N ASN D 191 4.80 27.67 4.61
CA ASN D 191 3.46 27.32 4.12
C ASN D 191 3.50 26.81 2.68
N LEU D 192 4.20 27.54 1.84
CA LEU D 192 4.30 27.19 0.42
C LEU D 192 5.15 25.97 0.19
N VAL D 193 6.25 25.83 0.91
CA VAL D 193 7.04 24.60 0.86
C VAL D 193 6.17 23.33 1.16
N ARG D 194 5.41 23.40 2.24
CA ARG D 194 4.44 22.33 2.57
C ARG D 194 3.41 22.08 1.43
N ALA D 195 2.78 23.14 0.93
CA ALA D 195 1.83 23.03 -0.20
C ALA D 195 2.40 22.45 -1.48
N LEU D 196 3.61 22.87 -1.87
CA LEU D 196 4.24 22.38 -3.08
C LEU D 196 4.57 20.90 -2.99
N THR D 197 5.21 20.52 -1.88
CA THR D 197 5.65 19.16 -1.69
C THR D 197 4.51 18.17 -1.49
N SER D 198 3.31 18.64 -1.09
CA SER D 198 2.14 17.77 -0.98
C SER D 198 1.17 17.78 -2.20
N SER D 199 1.35 18.69 -3.17
CA SER D 199 0.40 18.87 -4.25
C SER D 199 0.91 18.52 -5.65
N GLY D 200 2.15 18.00 -5.75
CA GLY D 200 2.65 17.47 -7.02
C GLY D 200 4.05 17.87 -7.45
N THR D 201 4.62 18.92 -6.85
CA THR D 201 5.98 19.35 -7.18
C THR D 201 7.04 18.34 -6.74
N ALA D 202 6.70 17.57 -5.70
CA ALA D 202 7.57 16.55 -5.21
C ALA D 202 7.24 15.19 -5.81
N ASP D 203 6.49 15.14 -6.92
CA ASP D 203 6.22 13.87 -7.64
C ASP D 203 7.49 13.33 -8.28
N LEU D 204 7.87 12.09 -7.94
CA LEU D 204 9.12 11.47 -8.42
C LEU D 204 9.24 11.47 -9.94
N TYR D 205 8.13 11.18 -10.62
CA TYR D 205 8.10 11.10 -12.07
C TYR D 205 8.15 12.48 -12.71
N ARG D 206 7.45 13.47 -12.16
CA ARG D 206 7.57 14.84 -12.70
C ARG D 206 9.02 15.34 -12.56
N LEU D 207 9.60 15.15 -11.38
CA LEU D 207 11.03 15.46 -11.10
C LEU D 207 12.03 14.84 -12.05
N SER D 208 11.83 13.57 -12.37
CA SER D 208 12.69 12.91 -13.35
C SER D 208 12.49 13.42 -14.78
N GLU D 209 11.26 13.79 -15.16
CA GLU D 209 11.06 14.51 -16.43
C GLU D 209 11.91 15.80 -16.46
N TRP D 210 11.94 16.58 -15.38
CA TRP D 210 12.81 17.79 -15.36
C TRP D 210 14.33 17.49 -15.42
N ASN D 211 14.75 16.37 -14.84
CA ASN D 211 16.14 15.97 -14.95
C ASN D 211 16.60 15.54 -16.33
N ARG D 212 15.73 14.88 -17.09
CA ARG D 212 16.00 14.51 -18.49
C ARG D 212 16.12 15.69 -19.42
N GLU D 213 15.32 16.72 -19.19
CA GLU D 213 15.44 18.01 -19.87
C GLU D 213 16.78 18.64 -19.55
N PHE D 214 17.18 18.58 -18.29
CA PHE D 214 18.49 19.08 -17.91
C PHE D 214 19.61 18.40 -18.72
N VAL D 215 19.56 17.08 -18.79
CA VAL D 215 20.56 16.30 -19.51
C VAL D 215 20.50 16.63 -21.01
N ALA D 216 19.30 16.54 -21.59
CA ALA D 216 19.09 16.81 -23.02
C ALA D 216 19.57 18.20 -23.45
N ASN D 217 19.39 19.22 -22.61
CA ASN D 217 19.79 20.57 -22.98
C ASN D 217 21.14 21.02 -22.50
N SER D 218 21.84 20.20 -21.72
CA SER D 218 23.14 20.63 -21.19
C SER D 218 24.27 20.55 -22.24
N PRO D 219 25.13 21.58 -22.31
CA PRO D 219 26.32 21.42 -23.11
C PRO D 219 27.22 20.31 -22.62
N ALA D 220 27.10 19.89 -21.35
CA ALA D 220 27.82 18.73 -20.82
C ALA D 220 26.94 17.52 -20.61
N GLY D 221 25.82 17.45 -21.30
CA GLY D 221 24.94 16.28 -21.13
C GLY D 221 25.58 14.91 -21.32
N ALA D 222 26.57 14.79 -22.19
CA ALA D 222 27.23 13.52 -22.44
C ALA D 222 27.97 12.96 -21.22
N ARG D 223 28.44 13.85 -20.36
CA ARG D 223 28.94 13.50 -19.03
C ARG D 223 27.89 12.78 -18.15
N TYR D 224 26.61 13.08 -18.30
CA TYR D 224 25.55 12.53 -17.42
C TYR D 224 24.60 11.52 -18.06
N GLU D 225 24.51 11.47 -19.38
CA GLU D 225 23.52 10.64 -20.05
C GLU D 225 23.44 9.20 -19.61
N ALA D 226 24.58 8.59 -19.28
CA ALA D 226 24.63 7.15 -18.93
C ALA D 226 24.07 6.90 -17.52
N LEU D 227 24.54 7.66 -16.54
CA LEU D 227 23.91 7.61 -15.21
C LEU D 227 22.40 7.90 -15.30
N ALA D 228 22.04 8.85 -16.16
CA ALA D 228 20.66 9.26 -16.32
C ALA D 228 19.76 8.19 -16.96
N ARG D 229 20.30 7.47 -17.92
CA ARG D 229 19.57 6.37 -18.58
C ARG D 229 19.34 5.26 -17.54
N GLU D 230 20.38 5.03 -16.74
CA GLU D 230 20.35 4.05 -15.65
C GLU D 230 19.22 4.33 -14.63
N ILE D 231 19.06 5.59 -14.24
CA ILE D 231 18.03 6.03 -13.32
C ILE D 231 16.64 5.87 -13.92
N ASP D 232 16.51 6.24 -15.18
CA ASP D 232 15.26 6.10 -15.89
C ASP D 232 14.84 4.60 -15.95
N SER D 233 15.79 3.71 -16.19
CA SER D 233 15.49 2.28 -16.25
C SER D 233 15.13 1.76 -14.87
N GLY D 234 15.74 2.33 -13.83
CA GLY D 234 15.33 2.06 -12.44
C GLY D 234 13.88 2.47 -12.13
N LEU D 235 13.46 3.63 -12.67
CA LEU D 235 12.07 4.13 -12.51
C LEU D 235 11.04 3.36 -13.29
N ARG D 236 11.32 3.08 -14.55
CA ARG D 236 10.43 2.22 -15.33
C ARG D 236 10.30 0.82 -14.72
N PHE D 237 11.37 0.35 -14.12
CA PHE D 237 11.39 -0.96 -13.43
C PHE D 237 10.44 -1.04 -12.24
N MET D 238 10.47 0.00 -11.41
CA MET D 238 9.57 0.19 -10.27
C MET D 238 8.15 -0.01 -10.69
N GLU D 239 7.75 0.72 -11.72
CA GLU D 239 6.42 0.62 -12.28
C GLU D 239 6.17 -0.74 -12.94
N ALA D 240 7.16 -1.28 -13.63
CA ALA D 240 7.05 -2.62 -14.23
C ALA D 240 6.79 -3.70 -13.18
N CYS D 241 7.31 -3.52 -11.97
CA CYS D 241 7.12 -4.47 -10.88
C CYS D 241 5.77 -4.29 -10.15
N GLY D 242 4.89 -3.42 -10.65
CA GLY D 242 3.55 -3.25 -10.10
C GLY D 242 3.52 -2.48 -8.80
N VAL D 243 4.40 -1.49 -8.69
CA VAL D 243 4.54 -0.65 -7.49
C VAL D 243 3.69 0.59 -7.69
N SER D 244 2.77 0.80 -6.76
CA SER D 244 1.75 1.86 -6.86
C SER D 244 2.29 3.27 -6.61
N ASP D 245 1.43 4.27 -6.77
CA ASP D 245 1.79 5.69 -6.65
C ASP D 245 2.22 6.06 -5.22
N GLU D 246 1.41 5.68 -4.25
CA GLU D 246 1.75 5.69 -2.80
C GLU D 246 2.77 6.78 -2.35
N SER D 247 3.98 6.37 -1.91
CA SER D 247 4.98 7.27 -1.34
C SER D 247 5.70 8.14 -2.38
N LEU D 248 5.48 7.85 -3.65
CA LEU D 248 6.24 8.44 -4.74
C LEU D 248 5.68 9.79 -5.24
N ARG D 249 4.50 10.19 -4.75
CA ARG D 249 3.80 11.39 -5.21
C ARG D 249 4.18 12.65 -4.40
N ALA D 250 4.70 12.46 -3.19
CA ALA D 250 5.08 13.58 -2.29
C ALA D 250 6.38 13.29 -1.59
N ALA D 251 6.90 14.29 -0.89
CA ALA D 251 8.08 14.14 -0.06
C ALA D 251 8.18 15.23 0.98
N ASP D 252 8.97 14.99 2.01
CA ASP D 252 9.18 15.94 3.08
C ASP D 252 10.43 16.77 2.83
N ILE D 253 10.25 18.09 2.84
CA ILE D 253 11.34 19.04 2.89
C ILE D 253 11.36 19.70 4.26
N TYR D 254 12.54 19.68 4.88
CA TYR D 254 12.75 20.24 6.19
C TYR D 254 13.40 21.62 6.05
N CYS D 255 12.94 22.62 6.79
CA CYS D 255 13.64 23.92 6.90
C CYS D 255 14.76 23.99 7.95
N SER D 256 15.72 24.86 7.63
CA SER D 256 16.86 25.13 8.49
C SER D 256 17.49 26.49 8.24
N HIS D 257 18.12 27.03 9.26
CA HIS D 257 18.91 28.26 9.15
C HIS D 257 19.98 28.33 10.24
N GLU D 258 20.89 29.28 10.11
CA GLU D 258 21.90 29.53 11.12
C GLU D 258 21.22 30.16 12.31
N ALA D 259 21.42 29.59 13.48
CA ALA D 259 20.86 30.13 14.70
C ALA D 259 21.80 31.26 15.10
N LEU D 260 21.35 32.50 14.92
CA LEU D 260 22.29 33.65 14.96
C LEU D 260 21.81 34.79 15.83
N LEU D 261 20.61 35.28 15.54
CA LEU D 261 20.08 36.48 16.20
C LEU D 261 19.41 36.00 17.45
N VAL D 262 19.93 36.43 18.61
CA VAL D 262 19.52 35.84 19.90
C VAL D 262 18.05 36.12 20.22
N ASP D 263 17.63 37.38 20.00
CA ASP D 263 16.27 37.82 20.26
C ASP D 263 15.18 37.06 19.48
N TYR D 264 15.48 36.69 18.24
CA TYR D 264 14.56 35.98 17.41
C TYR D 264 14.49 34.52 17.85
N GLU D 265 15.64 33.88 18.05
CA GLU D 265 15.65 32.44 18.39
C GLU D 265 15.08 32.15 19.81
N ARG D 266 15.21 33.11 20.73
CA ARG D 266 14.63 32.92 22.07
C ARG D 266 13.10 33.10 22.03
N SER D 267 12.65 34.07 21.23
CA SER D 267 11.24 34.33 21.08
C SER D 267 10.45 33.13 20.48
N MET D 268 11.16 32.22 19.79
CA MET D 268 10.57 31.04 19.16
C MET D 268 10.79 29.77 19.92
N LEU D 269 11.32 29.85 21.15
CA LEU D 269 11.39 28.70 22.04
C LEU D 269 9.98 28.29 22.44
N ARG D 270 9.72 26.98 22.38
CA ARG D 270 8.45 26.40 22.78
C ARG D 270 8.67 25.11 23.59
N LEU D 271 7.79 24.88 24.56
CA LEU D 271 7.71 23.64 25.29
C LEU D 271 6.87 22.69 24.52
N ALA D 272 7.25 21.42 24.55
CA ALA D 272 6.53 20.36 23.84
C ALA D 272 6.52 19.16 24.73
N THR D 273 5.37 18.55 24.88
CA THR D 273 5.25 17.30 25.62
C THR D 273 4.84 16.14 24.68
N ASP D 274 5.55 15.02 24.76
CA ASP D 274 5.44 13.90 23.82
C ASP D 274 4.48 12.78 24.29
N GLU D 275 4.48 11.65 23.52
CA GLU D 275 3.72 10.40 23.81
C GLU D 275 3.71 9.93 25.28
N GLU D 276 4.91 9.85 25.86
CA GLU D 276 5.12 9.45 27.27
C GLU D 276 4.56 10.44 28.29
N GLY D 277 4.71 11.73 27.95
CA GLY D 277 4.59 12.84 28.90
C GLY D 277 5.89 13.60 29.14
N ASN D 278 6.96 13.26 28.38
CA ASN D 278 8.28 13.91 28.50
C ASN D 278 8.29 15.33 27.98
N GLU D 279 8.87 16.25 28.76
CA GLU D 279 8.77 17.68 28.44
C GLU D 279 10.12 18.26 27.93
N GLU D 280 10.16 18.74 26.67
CA GLU D 280 11.38 19.26 26.02
C GLU D 280 11.26 20.72 25.54
N LEU D 281 12.40 21.39 25.39
CA LEU D 281 12.45 22.78 24.92
C LEU D 281 12.99 22.75 23.51
N TYR D 282 12.23 23.37 22.62
CA TYR D 282 12.48 23.33 21.18
C TYR D 282 12.61 24.75 20.73
N ASP D 283 13.52 25.01 19.78
CA ASP D 283 13.47 26.25 19.03
C ASP D 283 12.67 25.99 17.75
N LEU D 284 11.44 26.50 17.70
CA LEU D 284 10.49 26.11 16.70
C LEU D 284 10.36 27.16 15.54
N SER D 285 11.40 27.99 15.39
CA SER D 285 11.64 28.76 14.15
C SER D 285 12.12 27.92 12.98
N ALA D 286 12.58 26.70 13.22
CA ALA D 286 13.03 25.77 12.14
C ALA D 286 13.13 24.32 12.64
N HIS D 287 13.17 23.34 11.72
CA HIS D 287 13.40 21.97 12.16
C HIS D 287 14.81 21.84 12.65
N GLN D 288 15.79 22.26 11.85
CA GLN D 288 17.20 22.11 12.21
C GLN D 288 17.82 23.47 12.23
N LEU D 289 18.75 23.66 13.16
CA LEU D 289 19.47 24.92 13.32
C LEU D 289 20.97 24.66 13.31
N TRP D 290 21.76 25.62 12.86
CA TRP D 290 23.21 25.43 12.95
C TRP D 290 23.94 26.63 13.53
N ILE D 291 25.17 26.36 13.96
CA ILE D 291 26.02 27.33 14.56
C ILE D 291 27.15 27.59 13.58
N GLY D 292 27.35 28.88 13.29
CA GLY D 292 28.33 29.35 12.37
C GLY D 292 29.75 29.28 12.88
N GLU D 293 30.67 29.30 11.90
CA GLU D 293 32.09 29.38 12.14
C GLU D 293 32.46 30.57 13.04
N ARG D 294 31.86 31.72 12.81
CA ARG D 294 32.18 32.93 13.56
C ARG D 294 31.41 33.08 14.88
N THR D 295 30.58 32.10 15.23
CA THR D 295 29.75 32.23 16.43
C THR D 295 29.82 31.03 17.35
N ARG D 296 30.90 30.27 17.29
CA ARG D 296 30.94 28.96 17.90
C ARG D 296 31.89 28.85 19.07
N GLY D 297 32.05 29.95 19.79
CA GLY D 297 32.88 29.91 21.00
C GLY D 297 32.22 29.02 22.03
N MET D 298 33.00 28.12 22.63
CA MET D 298 32.41 27.13 23.59
C MET D 298 31.77 27.80 24.81
N ASP D 299 32.25 28.99 25.16
CA ASP D 299 31.73 29.73 26.28
C ASP D 299 30.62 30.72 25.92
N ASP D 300 30.23 30.80 24.65
CA ASP D 300 29.30 31.83 24.19
C ASP D 300 27.86 31.34 24.03
N PHE D 301 26.95 32.28 23.74
CA PHE D 301 25.50 32.03 23.65
C PHE D 301 25.10 30.86 22.73
N HIS D 302 25.67 30.84 21.52
CA HIS D 302 25.13 30.04 20.43
C HIS D 302 25.34 28.59 20.74
N VAL D 303 26.59 28.21 20.97
CA VAL D 303 26.88 26.82 21.33
C VAL D 303 26.09 26.37 22.57
N ASN D 304 25.89 27.26 23.54
CA ASN D 304 25.18 26.91 24.77
C ASN D 304 23.69 26.87 24.60
N PHE D 305 23.21 27.64 23.65
CA PHE D 305 21.79 27.62 23.30
C PHE D 305 21.40 26.32 22.58
N ALA D 306 22.17 25.97 21.56
CA ALA D 306 21.99 24.69 20.86
C ALA D 306 22.05 23.46 21.80
N SER D 307 22.87 23.58 22.86
CA SER D 307 23.07 22.54 23.86
C SER D 307 21.90 22.37 24.80
N MET D 308 20.95 23.32 24.82
CA MET D 308 19.80 23.19 25.65
C MET D 308 18.48 23.13 24.92
N ILE D 309 18.47 23.12 23.58
CA ILE D 309 17.24 22.94 22.78
C ILE D 309 17.26 21.52 22.20
N SER D 310 16.10 20.98 21.89
CA SER D 310 16.00 19.57 21.49
C SER D 310 16.15 19.35 20.01
N ASN D 311 16.09 20.44 19.23
CA ASN D 311 16.27 20.39 17.78
C ASN D 311 17.56 19.70 17.35
N PRO D 312 17.52 18.95 16.23
CA PRO D 312 18.82 18.52 15.72
C PRO D 312 19.68 19.75 15.43
N ILE D 313 21.00 19.63 15.56
CA ILE D 313 21.93 20.77 15.51
C ILE D 313 23.07 20.50 14.53
N GLY D 314 23.52 21.55 13.84
CA GLY D 314 24.74 21.48 13.02
C GLY D 314 25.76 22.47 13.54
N ILE D 315 27.05 22.22 13.28
CA ILE D 315 28.12 23.15 13.67
C ILE D 315 29.16 23.15 12.54
N LYS D 316 29.56 24.34 12.12
CA LYS D 316 30.50 24.54 11.04
C LYS D 316 31.87 24.50 11.62
N ILE D 317 32.75 23.74 11.02
CA ILE D 317 34.12 23.69 11.51
C ILE D 317 34.99 24.03 10.30
N GLY D 318 35.95 24.95 10.51
CA GLY D 318 36.88 25.42 9.51
C GLY D 318 38.14 24.62 9.67
N PRO D 319 39.22 25.04 8.98
CA PRO D 319 40.50 24.29 8.89
C PRO D 319 41.48 24.59 9.98
N GLY D 320 41.10 25.42 10.94
CA GLY D 320 41.84 25.54 12.15
C GLY D 320 41.37 24.65 13.26
N ILE D 321 40.33 23.86 13.01
CA ILE D 321 39.76 23.00 14.02
C ILE D 321 40.78 21.96 14.34
N THR D 322 40.85 21.57 15.61
CA THR D 322 41.71 20.48 16.04
C THR D 322 40.76 19.37 16.39
N PRO D 323 41.19 18.12 16.36
CA PRO D 323 40.38 17.00 16.87
C PRO D 323 39.89 17.11 18.35
N GLU D 324 40.74 17.67 19.24
CA GLU D 324 40.37 17.88 20.66
C GLU D 324 39.18 18.80 20.71
N GLU D 325 39.26 19.91 19.98
CA GLU D 325 38.11 20.82 19.91
C GLU D 325 36.85 20.15 19.36
N ALA D 326 36.99 19.24 18.36
CA ALA D 326 35.85 18.53 17.77
C ALA D 326 35.10 17.63 18.75
N VAL D 327 35.87 16.87 19.49
CA VAL D 327 35.39 16.04 20.63
C VAL D 327 34.68 16.85 21.72
N ALA D 328 35.22 18.04 22.03
CA ALA D 328 34.66 18.89 23.05
C ALA D 328 33.30 19.40 22.60
N TYR D 329 33.18 19.84 21.33
CA TYR D 329 31.83 20.22 20.79
C TYR D 329 30.87 19.01 20.83
N ALA D 330 31.35 17.85 20.37
CA ALA D 330 30.51 16.67 20.35
C ALA D 330 29.96 16.42 21.75
N ASP D 331 30.82 16.53 22.76
CA ASP D 331 30.40 16.34 24.16
C ASP D 331 29.37 17.40 24.64
N LYS D 332 29.59 18.68 24.32
CA LYS D 332 28.67 19.76 24.67
C LYS D 332 27.32 19.62 23.94
N LEU D 333 27.34 19.25 22.67
CA LEU D 333 26.14 19.27 21.87
C LEU D 333 25.39 17.93 21.75
N ASP D 334 26.09 16.81 21.87
CA ASP D 334 25.45 15.48 21.89
C ASP D 334 25.74 14.72 23.22
N PRO D 335 25.45 15.32 24.38
CA PRO D 335 25.83 14.74 25.66
C PRO D 335 25.19 13.41 26.05
N ASN D 336 24.06 13.05 25.43
CA ASN D 336 23.35 11.80 25.67
C ASN D 336 23.56 10.74 24.60
N PHE D 337 24.62 10.92 23.79
CA PHE D 337 25.01 9.96 22.78
C PHE D 337 23.84 9.54 21.87
N GLU D 338 23.22 10.54 21.24
CA GLU D 338 22.09 10.30 20.30
C GLU D 338 22.53 10.44 18.84
N PRO D 339 22.55 9.31 18.05
CA PRO D 339 22.91 9.42 16.65
C PRO D 339 22.12 10.46 15.88
N GLY D 340 22.84 11.36 15.20
CA GLY D 340 22.23 12.37 14.36
C GLY D 340 21.69 13.59 15.06
N ARG D 341 21.71 13.61 16.39
CA ARG D 341 21.51 14.85 17.13
C ARG D 341 22.40 16.01 16.60
N LEU D 342 23.69 15.70 16.39
CA LEU D 342 24.72 16.64 15.92
C LEU D 342 25.28 16.28 14.54
N THR D 343 25.29 17.30 13.67
CA THR D 343 25.92 17.21 12.37
C THR D 343 27.17 18.09 12.43
N ILE D 344 28.32 17.52 12.08
CA ILE D 344 29.57 18.30 12.02
C ILE D 344 29.78 18.68 10.55
N VAL D 345 29.80 19.99 10.30
CA VAL D 345 29.83 20.49 8.93
C VAL D 345 31.26 20.97 8.59
N ALA D 346 32.00 20.12 7.89
CA ALA D 346 33.34 20.45 7.51
C ALA D 346 33.32 21.39 6.31
N ARG D 347 33.78 22.61 6.51
CA ARG D 347 34.06 23.60 5.43
C ARG D 347 35.53 24.07 5.52
N MET D 348 36.39 23.29 4.88
CA MET D 348 37.82 23.44 5.06
C MET D 348 38.63 24.05 3.93
N GLY D 349 38.04 24.18 2.74
CA GLY D 349 38.81 24.47 1.51
C GLY D 349 39.17 23.14 0.84
N HIS D 350 39.27 23.14 -0.50
CA HIS D 350 39.51 21.90 -1.25
C HIS D 350 40.93 21.37 -0.99
N ASP D 351 41.84 22.29 -0.65
CA ASP D 351 43.26 21.94 -0.37
C ASP D 351 43.55 21.55 1.07
N LYS D 352 42.61 21.76 2.00
CA LYS D 352 42.78 21.39 3.42
C LYS D 352 42.00 20.15 3.82
N VAL D 353 40.95 19.81 3.06
CA VAL D 353 40.00 18.78 3.48
C VAL D 353 40.71 17.45 3.70
N ARG D 354 41.55 17.05 2.75
CA ARG D 354 42.28 15.78 2.91
C ARG D 354 43.25 15.76 4.11
N SER D 355 43.72 16.94 4.52
CA SER D 355 44.68 17.07 5.58
C SER D 355 44.07 17.12 6.99
N VAL D 356 43.04 17.94 7.15
CA VAL D 356 42.48 18.21 8.46
C VAL D 356 41.42 17.20 8.91
N LEU D 357 40.57 16.74 8.02
CA LEU D 357 39.39 16.00 8.47
C LEU D 357 39.69 14.60 9.04
N PRO D 358 40.57 13.79 8.43
CA PRO D 358 40.82 12.47 8.97
C PRO D 358 40.88 12.41 10.51
N GLY D 359 41.73 13.25 11.11
CA GLY D 359 42.01 13.22 12.55
C GLY D 359 40.81 13.72 13.32
N VAL D 360 40.03 14.60 12.71
CA VAL D 360 38.80 15.09 13.37
C VAL D 360 37.86 13.89 13.54
N ILE D 361 37.62 13.19 12.41
CA ILE D 361 36.69 12.05 12.33
C ILE D 361 37.11 10.94 13.31
N GLN D 362 38.40 10.61 13.34
CA GLN D 362 38.97 9.57 14.17
C GLN D 362 38.74 9.78 15.68
N ALA D 363 38.99 11.02 16.15
CA ALA D 363 38.84 11.35 17.56
C ALA D 363 37.37 11.33 17.94
N VAL D 364 36.54 11.89 17.06
CA VAL D 364 35.11 11.95 17.27
C VAL D 364 34.53 10.52 17.24
N GLU D 365 34.83 9.74 16.21
CA GLU D 365 34.38 8.34 16.18
C GLU D 365 34.83 7.57 17.43
N ALA D 366 36.10 7.73 17.83
CA ALA D 366 36.64 7.00 19.01
C ALA D 366 35.95 7.38 20.34
N SER D 367 35.48 8.62 20.43
CA SER D 367 34.81 9.11 21.62
C SER D 367 33.37 8.62 21.76
N GLY D 368 32.87 7.82 20.81
CA GLY D 368 31.55 7.19 20.94
C GLY D 368 30.32 7.99 20.50
N HIS D 369 30.54 9.23 20.04
CA HIS D 369 29.50 10.02 19.37
C HIS D 369 29.32 9.51 17.94
N LYS D 370 28.07 9.36 17.51
CA LYS D 370 27.74 9.08 16.09
C LYS D 370 27.07 10.32 15.50
N VAL D 371 27.92 11.23 15.04
CA VAL D 371 27.46 12.47 14.45
C VAL D 371 27.16 12.19 12.98
N ILE D 372 26.45 13.09 12.30
CA ILE D 372 26.44 13.12 10.83
C ILE D 372 27.65 13.91 10.36
N TRP D 373 28.45 13.33 9.48
CA TRP D 373 29.55 14.06 8.86
C TRP D 373 29.03 14.65 7.55
N GLN D 374 29.06 15.97 7.45
CA GLN D 374 28.52 16.70 6.30
C GLN D 374 29.59 17.57 5.65
N SER D 375 29.67 17.56 4.32
CA SER D 375 30.55 18.49 3.60
C SER D 375 29.86 19.79 3.21
N ASP D 376 30.44 20.92 3.61
CA ASP D 376 30.07 22.25 3.06
C ASP D 376 31.22 22.72 2.19
N PRO D 377 31.18 22.41 0.89
CA PRO D 377 32.26 22.83 -0.01
C PRO D 377 32.20 24.29 -0.50
N MET D 378 31.44 25.17 0.14
CA MET D 378 31.26 26.53 -0.39
C MET D 378 32.07 27.54 0.41
N HIS D 379 31.91 27.56 1.73
CA HIS D 379 32.43 28.69 2.53
C HIS D 379 33.96 28.73 2.74
N GLY D 380 34.65 27.61 2.49
CA GLY D 380 36.12 27.60 2.45
C GLY D 380 36.78 27.75 1.08
N ASN D 381 35.97 28.07 0.06
CA ASN D 381 36.45 28.12 -1.33
C ASN D 381 36.00 29.39 -2.03
N THR D 382 35.87 30.46 -1.24
CA THR D 382 35.39 31.75 -1.75
C THR D 382 36.62 32.62 -2.02
N PHE D 383 36.65 33.25 -3.20
CA PHE D 383 37.69 34.24 -3.52
C PHE D 383 37.09 35.49 -4.19
N THR D 384 37.86 36.56 -4.23
CA THR D 384 37.42 37.82 -4.85
C THR D 384 38.20 38.00 -6.16
N ALA D 385 37.46 37.95 -7.27
CA ALA D 385 37.99 37.96 -8.63
C ALA D 385 38.46 39.36 -9.03
N SER D 386 39.15 39.46 -10.18
CA SER D 386 39.69 40.75 -10.72
C SER D 386 38.67 41.88 -10.74
N ASN D 387 37.49 41.59 -11.30
CA ASN D 387 36.41 42.57 -11.38
C ASN D 387 35.67 42.90 -10.06
N GLY D 388 36.17 42.42 -8.91
CA GLY D 388 35.58 42.74 -7.60
C GLY D 388 34.32 41.97 -7.22
N TYR D 389 34.13 40.78 -7.80
CA TYR D 389 33.01 39.92 -7.45
C TYR D 389 33.49 38.78 -6.59
N LYS D 390 32.79 38.56 -5.48
CA LYS D 390 32.99 37.38 -4.65
C LYS D 390 32.53 36.22 -5.53
N THR D 391 33.35 35.18 -5.69
CA THR D 391 32.94 34.00 -6.48
C THR D 391 33.58 32.72 -5.93
N ARG D 392 33.19 31.58 -6.49
CA ARG D 392 33.75 30.25 -6.13
C ARG D 392 33.84 29.45 -7.40
N HIS D 393 34.89 28.67 -7.55
CA HIS D 393 35.05 27.87 -8.73
C HIS D 393 34.41 26.49 -8.53
N PHE D 394 33.54 26.14 -9.47
CA PHE D 394 32.99 24.80 -9.57
C PHE D 394 33.95 23.63 -9.25
N ASP D 395 35.09 23.55 -9.92
CA ASP D 395 36.13 22.52 -9.65
C ASP D 395 36.65 22.46 -8.19
N LYS D 396 36.72 23.61 -7.51
CA LYS D 396 37.18 23.68 -6.13
C LYS D 396 36.08 23.15 -5.19
N VAL D 397 34.84 23.48 -5.54
CA VAL D 397 33.68 23.03 -4.83
C VAL D 397 33.59 21.51 -4.95
N ILE D 398 33.74 20.98 -6.17
CA ILE D 398 33.64 19.53 -6.41
C ILE D 398 34.76 18.81 -5.71
N ASP D 399 35.96 19.39 -5.77
CA ASP D 399 37.14 18.75 -5.18
C ASP D 399 37.14 18.66 -3.64
N GLU D 400 36.59 19.64 -2.95
CA GLU D 400 36.33 19.49 -1.50
C GLU D 400 35.42 18.29 -1.22
N VAL D 401 34.28 18.23 -1.88
CA VAL D 401 33.35 17.11 -1.69
C VAL D 401 34.11 15.80 -1.95
N GLN D 402 34.81 15.74 -3.08
CA GLN D 402 35.55 14.53 -3.52
C GLN D 402 36.59 14.11 -2.47
N GLY D 403 37.28 15.11 -1.90
CA GLY D 403 38.24 14.90 -0.79
C GLY D 403 37.61 14.41 0.49
N PHE D 404 36.47 14.99 0.82
CA PHE D 404 35.60 14.51 1.89
C PHE D 404 35.32 13.00 1.69
N PHE D 405 34.84 12.60 0.51
CA PHE D 405 34.55 11.18 0.29
C PHE D 405 35.78 10.29 0.39
N GLU D 406 36.91 10.77 -0.14
CA GLU D 406 38.17 10.00 -0.07
C GLU D 406 38.56 9.72 1.38
N VAL D 407 38.46 10.74 2.23
CA VAL D 407 38.73 10.59 3.68
C VAL D 407 37.84 9.50 4.30
N HIS D 408 36.53 9.62 4.13
CA HIS D 408 35.58 8.60 4.59
C HIS D 408 35.84 7.18 4.10
N ARG D 409 36.22 7.01 2.84
CA ARG D 409 36.57 5.67 2.29
CA ARG D 409 36.52 5.66 2.34
C ARG D 409 37.85 5.15 2.93
N ALA D 410 38.80 6.04 3.17
CA ALA D 410 40.05 5.64 3.81
C ALA D 410 39.76 5.20 5.25
N LEU D 411 38.94 5.96 6.00
CA LEU D 411 38.68 5.63 7.42
C LEU D 411 37.61 4.56 7.66
N GLY D 412 36.77 4.26 6.66
CA GLY D 412 35.63 3.33 6.84
C GLY D 412 34.38 3.99 7.45
N THR D 413 34.34 5.32 7.45
CA THR D 413 33.24 6.04 8.08
C THR D 413 32.24 6.44 7.01
N HIS D 414 31.11 6.99 7.45
CA HIS D 414 30.01 7.29 6.55
C HIS D 414 30.03 8.76 6.08
N PRO D 415 30.11 8.97 4.75
CA PRO D 415 29.91 10.34 4.23
C PRO D 415 28.43 10.67 4.36
N GLY D 416 28.13 11.50 5.35
CA GLY D 416 26.74 11.68 5.77
C GLY D 416 25.88 12.61 4.94
N GLY D 417 26.45 13.58 4.28
CA GLY D 417 25.64 14.56 3.59
C GLY D 417 26.41 15.70 3.00
N ILE D 418 25.74 16.58 2.29
CA ILE D 418 26.32 17.82 1.80
C ILE D 418 25.45 19.00 2.17
N HIS D 419 26.08 20.16 2.21
CA HIS D 419 25.41 21.44 2.47
C HIS D 419 25.89 22.42 1.40
N ILE D 420 25.02 22.76 0.45
CA ILE D 420 25.43 23.64 -0.63
C ILE D 420 24.56 24.90 -0.80
N GLU D 421 25.15 25.98 -1.27
CA GLU D 421 24.37 27.19 -1.57
C GLU D 421 24.07 27.24 -3.07
N PHE D 422 22.79 27.18 -3.42
CA PHE D 422 22.37 27.17 -4.80
C PHE D 422 21.05 27.92 -4.92
N THR D 423 20.69 28.23 -6.16
CA THR D 423 19.31 28.64 -6.47
C THR D 423 18.82 27.98 -7.74
N GLY D 424 17.52 27.77 -7.84
CA GLY D 424 16.93 27.32 -9.07
C GLY D 424 16.83 28.37 -10.17
N GLU D 425 17.52 29.50 -10.00
CA GLU D 425 17.63 30.57 -10.99
C GLU D 425 18.94 30.45 -11.80
N ASP D 426 18.91 30.97 -13.03
CA ASP D 426 20.06 30.92 -13.94
C ASP D 426 20.93 32.15 -13.75
N VAL D 427 21.67 32.11 -12.64
CA VAL D 427 22.56 33.19 -12.25
C VAL D 427 24.00 32.90 -12.71
N THR D 428 24.84 33.93 -12.59
CA THR D 428 26.24 33.86 -12.99
C THR D 428 27.08 34.28 -11.77
N GLU D 429 27.17 33.38 -10.80
CA GLU D 429 27.72 33.71 -9.50
C GLU D 429 29.02 32.94 -9.21
N CYS D 430 29.00 31.65 -9.52
CA CYS D 430 30.15 30.77 -9.42
C CYS D 430 30.69 30.44 -10.82
N LEU D 431 32.01 30.37 -10.91
CA LEU D 431 32.71 30.06 -12.13
C LEU D 431 32.66 28.55 -12.44
N GLY D 432 32.81 28.20 -13.72
CA GLY D 432 33.02 26.83 -14.15
C GLY D 432 31.70 26.09 -14.35
N GLY D 433 31.79 24.77 -14.33
CA GLY D 433 30.68 23.90 -14.74
C GLY D 433 30.63 23.81 -16.26
N ALA D 434 29.55 23.22 -16.77
CA ALA D 434 29.37 22.96 -18.21
C ALA D 434 29.32 24.25 -19.04
N GLU D 435 28.64 25.29 -18.53
CA GLU D 435 28.53 26.58 -19.22
C GLU D 435 29.86 27.37 -19.28
N ASP D 436 30.88 26.93 -18.53
CA ASP D 436 32.25 27.49 -18.60
C ASP D 436 32.31 28.96 -18.11
N ILE D 437 31.53 29.27 -17.08
CA ILE D 437 31.37 30.63 -16.56
C ILE D 437 32.73 31.18 -16.11
N THR D 438 33.09 32.35 -16.63
CA THR D 438 34.40 32.99 -16.37
C THR D 438 34.20 34.34 -15.69
N ASP D 439 35.31 34.97 -15.30
CA ASP D 439 35.32 36.32 -14.67
C ASP D 439 34.34 37.31 -15.31
N VAL D 440 34.43 37.49 -16.63
CA VAL D 440 33.57 38.47 -17.36
C VAL D 440 32.06 38.15 -17.43
N ASP D 441 31.68 36.89 -17.19
CA ASP D 441 30.27 36.48 -17.15
C ASP D 441 29.54 36.83 -15.85
N LEU D 442 30.31 37.06 -14.78
CA LEU D 442 29.76 37.25 -13.44
C LEU D 442 28.78 38.41 -13.31
N PRO D 443 29.05 39.58 -13.96
CA PRO D 443 28.08 40.68 -13.83
C PRO D 443 26.78 40.56 -14.68
N GLY D 444 26.63 39.52 -15.49
CA GLY D 444 25.41 39.34 -16.28
C GLY D 444 24.16 39.23 -15.43
N ARG D 445 24.19 38.29 -14.48
CA ARG D 445 23.05 38.00 -13.60
C ARG D 445 23.52 37.51 -12.22
N TYR D 446 24.03 38.44 -11.43
CA TYR D 446 24.51 38.20 -10.07
C TYR D 446 23.47 38.82 -9.13
N GLU D 447 22.67 37.96 -8.48
CA GLU D 447 21.48 38.36 -7.71
C GLU D 447 21.54 38.05 -6.22
N SER D 448 22.55 37.32 -5.77
CA SER D 448 22.67 36.93 -4.35
C SER D 448 22.91 38.14 -3.48
N ALA D 449 22.19 38.22 -2.37
CA ALA D 449 22.42 39.28 -1.36
C ALA D 449 23.63 39.01 -0.48
N CYS D 450 24.26 37.84 -0.65
CA CYS D 450 25.46 37.49 0.10
C CYS D 450 26.41 36.63 -0.76
N ASP D 451 26.62 35.36 -0.43
CA ASP D 451 27.64 34.57 -1.11
C ASP D 451 27.19 34.10 -2.51
N PRO D 452 28.16 33.79 -3.39
CA PRO D 452 27.85 33.22 -4.73
C PRO D 452 27.32 31.78 -4.67
N ARG D 453 26.13 31.62 -5.24
CA ARG D 453 25.43 30.36 -5.27
C ARG D 453 25.67 29.62 -6.59
N LEU D 454 25.64 28.29 -6.53
CA LEU D 454 25.57 27.48 -7.73
C LEU D 454 24.24 27.80 -8.40
N ASN D 455 24.23 27.87 -9.73
CA ASN D 455 22.96 28.02 -10.45
C ASN D 455 22.31 26.64 -10.68
N THR D 456 21.13 26.63 -11.30
CA THR D 456 20.35 25.41 -11.53
C THR D 456 21.18 24.31 -12.20
N GLN D 457 21.95 24.73 -13.19
CA GLN D 457 22.68 23.85 -14.05
C GLN D 457 23.83 23.27 -13.29
N GLN D 458 24.54 24.15 -12.57
CA GLN D 458 25.64 23.74 -11.69
C GLN D 458 25.16 22.85 -10.53
N SER D 459 23.95 23.11 -10.03
CA SER D 459 23.40 22.28 -8.97
C SER D 459 23.14 20.85 -9.41
N LEU D 460 22.53 20.73 -10.59
CA LEU D 460 22.21 19.42 -11.16
C LEU D 460 23.49 18.67 -11.55
N GLU D 461 24.44 19.38 -12.15
CA GLU D 461 25.74 18.76 -12.42
C GLU D 461 26.36 18.19 -11.14
N LEU D 462 26.42 19.01 -10.10
CA LEU D 462 26.92 18.56 -8.78
C LEU D 462 26.19 17.33 -8.23
N ALA D 463 24.85 17.31 -8.34
CA ALA D 463 24.12 16.12 -7.88
C ALA D 463 24.55 14.86 -8.65
N PHE D 464 24.70 14.95 -9.96
CA PHE D 464 25.21 13.80 -10.73
C PHE D 464 26.64 13.40 -10.30
N LEU D 465 27.52 14.37 -10.11
CA LEU D 465 28.87 14.07 -9.72
C LEU D 465 28.90 13.47 -8.31
N VAL D 466 28.14 14.04 -7.37
CA VAL D 466 28.11 13.49 -5.99
C VAL D 466 27.42 12.12 -5.99
N ALA D 467 26.49 11.88 -6.94
CA ALA D 467 25.91 10.56 -7.13
C ALA D 467 26.97 9.53 -7.41
N GLU D 468 27.94 9.89 -8.24
CA GLU D 468 29.02 8.98 -8.59
C GLU D 468 29.99 8.80 -7.45
N MET D 469 30.15 9.83 -6.64
CA MET D 469 30.98 9.70 -5.44
C MET D 469 30.41 8.64 -4.51
N LEU D 470 29.09 8.67 -4.33
CA LEU D 470 28.36 7.70 -3.51
C LEU D 470 28.48 6.30 -4.10
N ARG D 471 28.28 6.20 -5.40
CA ARG D 471 28.41 4.90 -6.10
C ARG D 471 29.83 4.39 -6.02
N ASN D 472 30.80 5.30 -6.14
CA ASN D 472 32.21 4.94 -6.19
C ASN D 472 32.52 3.78 -7.17
N ASP E 7 -48.21 27.95 22.37
CA ASP E 7 -47.15 28.62 23.20
C ASP E 7 -47.31 28.33 24.73
N PRO E 8 -48.30 28.91 25.45
CA PRO E 8 -48.66 28.34 26.78
C PRO E 8 -49.63 27.12 26.78
N LEU E 9 -50.45 27.00 25.73
CA LEU E 9 -51.46 25.93 25.57
C LEU E 9 -50.85 24.63 25.08
N SER E 10 -49.98 24.73 24.07
CA SER E 10 -49.13 23.61 23.60
C SER E 10 -48.07 23.16 24.61
N ASP E 11 -47.67 24.06 25.53
CA ASP E 11 -46.77 23.72 26.66
C ASP E 11 -47.41 22.77 27.66
N ALA E 12 -48.54 23.22 28.21
CA ALA E 12 -49.29 22.48 29.24
C ALA E 12 -49.65 21.08 28.78
N GLU E 13 -50.11 20.96 27.54
CA GLU E 13 -50.49 19.67 26.98
C GLU E 13 -49.33 18.69 26.89
N ILE E 14 -48.16 19.21 26.48
CA ILE E 14 -46.94 18.40 26.36
C ILE E 14 -46.47 17.94 27.74
N GLN E 15 -46.64 18.77 28.78
CA GLN E 15 -46.34 18.30 30.13
C GLN E 15 -47.23 17.10 30.56
N LYS E 16 -48.51 17.10 30.19
CA LYS E 16 -49.45 15.98 30.45
C LYS E 16 -49.10 14.73 29.63
N TYR E 17 -48.77 14.93 28.36
CA TYR E 17 -48.42 13.84 27.49
C TYR E 17 -47.14 13.15 27.97
N ARG E 18 -46.22 13.95 28.51
CA ARG E 18 -44.95 13.44 29.02
C ARG E 18 -45.13 12.61 30.28
N GLU E 19 -45.90 13.12 31.25
N GLU E 19 -45.88 13.14 31.24
CA GLU E 19 -46.19 12.35 32.44
CA GLU E 19 -46.28 12.43 32.44
C GLU E 19 -46.98 11.09 32.06
C GLU E 19 -46.98 11.11 32.06
N GLU E 20 -47.76 11.15 30.98
CA GLU E 20 -48.40 9.97 30.45
C GLU E 20 -47.41 9.00 29.78
N ILE E 21 -46.45 9.54 29.02
CA ILE E 21 -45.30 8.71 28.56
C ILE E 21 -44.55 8.06 29.76
N ASN E 22 -44.24 8.83 30.79
CA ASN E 22 -43.62 8.28 32.02
C ASN E 22 -44.32 7.09 32.63
N ARG E 23 -45.64 7.13 32.73
CA ARG E 23 -46.37 5.98 33.26
C ARG E 23 -46.32 4.76 32.36
N LEU E 24 -46.25 5.00 31.05
CA LEU E 24 -46.12 3.90 30.12
C LEU E 24 -44.73 3.31 30.21
N ASP E 25 -43.74 4.14 30.54
CA ASP E 25 -42.36 3.70 30.74
C ASP E 25 -42.18 2.90 32.00
N ARG E 26 -42.81 3.37 33.07
CA ARG E 26 -42.92 2.62 34.37
C ARG E 26 -43.48 1.23 34.12
N GLU E 27 -44.58 1.17 33.39
CA GLU E 27 -45.18 -0.10 33.01
C GLU E 27 -44.26 -1.02 32.18
N ILE E 28 -43.64 -0.48 31.12
CA ILE E 28 -42.69 -1.27 30.27
C ILE E 28 -41.49 -1.74 31.12
N LEU E 29 -40.88 -0.83 31.88
CA LEU E 29 -39.78 -1.16 32.76
C LEU E 29 -40.15 -2.30 33.74
N ASP E 30 -41.29 -2.13 34.44
CA ASP E 30 -41.77 -3.12 35.39
C ASP E 30 -42.08 -4.45 34.71
N ALA E 31 -42.60 -4.42 33.50
CA ALA E 31 -42.84 -5.66 32.76
C ALA E 31 -41.51 -6.36 32.45
N VAL E 32 -40.56 -5.59 31.90
CA VAL E 32 -39.24 -6.11 31.53
C VAL E 32 -38.57 -6.78 32.75
N LYS E 33 -38.63 -6.13 33.90
CA LYS E 33 -38.00 -6.68 35.12
C LYS E 33 -38.59 -8.06 35.54
N ARG E 34 -39.91 -8.21 35.47
CA ARG E 34 -40.48 -9.50 35.85
C ARG E 34 -40.23 -10.57 34.77
N ARG E 35 -40.37 -10.21 33.50
CA ARG E 35 -39.91 -11.06 32.39
C ARG E 35 -38.50 -11.65 32.62
N THR E 36 -37.56 -10.79 32.99
CA THR E 36 -36.16 -11.16 33.16
C THR E 36 -35.94 -12.09 34.34
N LYS E 37 -36.63 -11.87 35.47
CA LYS E 37 -36.70 -12.89 36.55
C LYS E 37 -37.12 -14.24 35.99
N ILE E 38 -38.21 -14.26 35.25
CA ILE E 38 -38.79 -15.52 34.81
C ILE E 38 -37.83 -16.22 33.85
N SER E 39 -37.21 -15.45 32.96
CA SER E 39 -36.29 -16.01 32.00
C SER E 39 -35.15 -16.66 32.74
N GLN E 40 -34.52 -15.92 33.64
CA GLN E 40 -33.40 -16.45 34.43
C GLN E 40 -33.84 -17.76 35.12
N THR E 41 -34.99 -17.72 35.78
CA THR E 41 -35.53 -18.87 36.52
C THR E 41 -35.68 -20.07 35.59
N ILE E 42 -36.17 -19.87 34.37
CA ILE E 42 -36.23 -20.95 33.37
C ILE E 42 -34.81 -21.47 33.07
N GLY E 43 -33.86 -20.55 32.97
CA GLY E 43 -32.48 -20.87 32.68
C GLY E 43 -31.83 -21.76 33.71
N LYS E 44 -32.03 -21.38 34.98
CA LYS E 44 -31.52 -22.14 36.13
C LYS E 44 -32.11 -23.56 36.16
N THR E 45 -33.43 -23.63 36.09
CA THR E 45 -34.17 -24.90 35.99
C THR E 45 -33.61 -25.84 34.92
N ARG E 46 -33.50 -25.35 33.69
CA ARG E 46 -33.02 -26.18 32.59
C ARG E 46 -31.55 -26.59 32.77
N MET E 47 -30.70 -25.68 33.26
CA MET E 47 -29.27 -25.96 33.40
C MET E 47 -28.94 -26.80 34.62
N SER E 48 -29.70 -26.62 35.70
CA SER E 48 -29.59 -27.45 36.89
C SER E 48 -29.97 -28.92 36.62
N SER E 49 -30.79 -29.18 35.60
CA SER E 49 -31.08 -30.56 35.15
C SER E 49 -30.34 -30.99 33.86
N GLY E 50 -29.14 -30.42 33.62
CA GLY E 50 -28.27 -30.86 32.51
C GLY E 50 -28.71 -30.51 31.09
N GLY E 51 -29.38 -29.37 30.95
CA GLY E 51 -29.83 -28.87 29.65
C GLY E 51 -29.07 -27.60 29.32
N THR E 52 -29.31 -27.07 28.13
CA THR E 52 -28.48 -25.98 27.61
C THR E 52 -28.89 -24.62 28.19
N ARG E 53 -27.97 -23.67 28.20
CA ARG E 53 -28.28 -22.29 28.58
C ARG E 53 -29.33 -21.69 27.62
N LEU E 54 -29.13 -21.86 26.32
CA LEU E 54 -29.96 -21.24 25.29
C LEU E 54 -30.74 -22.27 24.48
N VAL E 55 -31.92 -21.86 24.00
CA VAL E 55 -32.71 -22.66 23.08
C VAL E 55 -32.97 -21.75 21.88
N HIS E 56 -32.43 -22.14 20.72
CA HIS E 56 -32.31 -21.25 19.57
C HIS E 56 -33.66 -21.03 18.90
N THR E 57 -34.31 -22.12 18.51
CA THR E 57 -35.67 -22.11 17.97
C THR E 57 -36.63 -21.21 18.74
N ARG E 58 -36.54 -21.24 20.06
CA ARG E 58 -37.37 -20.46 20.93
C ARG E 58 -37.01 -18.99 20.81
N GLU E 59 -35.72 -18.67 20.81
CA GLU E 59 -35.27 -17.26 20.64
C GLU E 59 -35.66 -16.68 19.28
N VAL E 60 -35.40 -17.46 18.24
CA VAL E 60 -35.77 -17.09 16.88
C VAL E 60 -37.27 -16.77 16.75
N ALA E 61 -38.13 -17.57 17.40
CA ALA E 61 -39.59 -17.39 17.28
C ALA E 61 -40.05 -16.10 17.92
N ILE E 62 -39.58 -15.82 19.14
CA ILE E 62 -39.86 -14.54 19.81
C ILE E 62 -39.43 -13.35 18.94
N ILE E 63 -38.16 -13.35 18.51
CA ILE E 63 -37.62 -12.30 17.62
C ILE E 63 -38.53 -12.12 16.41
N ASN E 64 -38.94 -13.23 15.83
CA ASN E 64 -39.84 -13.15 14.67
C ASN E 64 -41.27 -12.65 15.01
N GLN E 65 -41.79 -13.01 16.20
CA GLN E 65 -43.05 -12.48 16.69
C GLN E 65 -42.95 -10.95 16.82
N PHE E 66 -41.89 -10.49 17.48
CA PHE E 66 -41.67 -9.07 17.74
C PHE E 66 -41.63 -8.23 16.48
N ARG E 67 -40.95 -8.75 15.45
CA ARG E 67 -40.91 -8.07 14.14
C ARG E 67 -42.28 -8.07 13.46
N GLU E 68 -43.02 -9.18 13.56
CA GLU E 68 -44.37 -9.22 12.97
C GLU E 68 -45.30 -8.20 13.64
N GLU E 69 -45.08 -7.90 14.92
CA GLU E 69 -45.93 -6.98 15.67
C GLU E 69 -45.55 -5.49 15.55
N ILE E 70 -44.26 -5.15 15.73
CA ILE E 70 -43.84 -3.74 15.64
C ILE E 70 -42.91 -3.41 14.45
N GLY E 71 -42.60 -4.40 13.61
CA GLY E 71 -41.75 -4.16 12.44
C GLY E 71 -40.27 -3.89 12.74
N GLU E 72 -39.74 -2.85 12.13
CA GLU E 72 -38.30 -2.48 12.12
C GLU E 72 -37.57 -2.84 13.41
N GLU E 73 -38.02 -2.26 14.52
CA GLU E 73 -37.35 -2.40 15.80
C GLU E 73 -37.65 -3.70 16.53
N GLY E 74 -38.55 -4.53 16.01
CA GLY E 74 -38.88 -5.83 16.60
C GLY E 74 -37.68 -6.58 17.13
N PRO E 75 -36.79 -7.03 16.25
CA PRO E 75 -35.61 -7.81 16.68
C PRO E 75 -34.73 -7.14 17.76
N ALA E 76 -34.49 -5.84 17.67
CA ALA E 76 -33.66 -5.16 18.66
C ALA E 76 -34.27 -5.17 20.04
N LEU E 77 -35.59 -4.98 20.12
CA LEU E 77 -36.30 -5.09 21.39
C LEU E 77 -36.23 -6.51 21.97
N ALA E 78 -36.55 -7.51 21.13
CA ALA E 78 -36.44 -8.91 21.57
C ALA E 78 -35.01 -9.24 22.02
N GLY E 79 -34.02 -8.81 21.23
CA GLY E 79 -32.61 -8.93 21.61
C GLY E 79 -32.29 -8.40 22.99
N ILE E 80 -32.80 -7.21 23.32
CA ILE E 80 -32.56 -6.64 24.63
C ILE E 80 -33.07 -7.56 25.70
N LEU E 81 -34.29 -8.07 25.52
CA LEU E 81 -34.95 -8.92 26.50
C LEU E 81 -34.20 -10.26 26.62
N LEU E 82 -33.74 -10.81 25.50
CA LEU E 82 -33.00 -12.08 25.54
C LEU E 82 -31.68 -11.93 26.27
N ARG E 83 -30.94 -10.89 25.95
CA ARG E 83 -29.68 -10.61 26.65
C ARG E 83 -29.92 -10.35 28.14
N MET E 84 -31.04 -9.71 28.48
CA MET E 84 -31.45 -9.55 29.89
C MET E 84 -31.79 -10.90 30.53
N GLY E 85 -32.54 -11.73 29.81
CA GLY E 85 -32.96 -13.01 30.33
C GLY E 85 -31.80 -13.97 30.57
N ARG E 86 -31.13 -14.34 29.49
CA ARG E 86 -30.15 -15.44 29.52
C ARG E 86 -28.72 -14.95 29.50
N GLY E 87 -28.50 -13.63 29.53
CA GLY E 87 -27.15 -13.05 29.49
C GLY E 87 -26.59 -12.80 28.10
N LYS E 88 -25.60 -11.91 28.02
CA LYS E 88 -24.78 -11.78 26.82
C LYS E 88 -24.15 -13.14 26.49
N LEU E 89 -24.01 -13.44 25.22
CA LEU E 89 -23.26 -14.64 24.82
C LEU E 89 -21.78 -14.49 25.19
N GLY E 90 -21.11 -15.64 25.32
CA GLY E 90 -19.71 -15.71 25.70
C GLY E 90 -19.44 -15.57 27.19
N PRO F 8 -39.13 -34.32 31.96
CA PRO F 8 -39.50 -34.54 33.35
C PRO F 8 -40.62 -33.59 33.84
N LEU F 9 -40.83 -33.56 35.15
CA LEU F 9 -41.68 -32.55 35.81
C LEU F 9 -41.23 -31.11 35.53
N SER F 10 -39.91 -30.89 35.46
CA SER F 10 -39.34 -29.54 35.19
C SER F 10 -39.62 -28.98 33.79
N ASP F 11 -39.98 -29.84 32.83
CA ASP F 11 -40.40 -29.41 31.49
C ASP F 11 -41.80 -28.77 31.53
N ALA F 12 -42.70 -29.36 32.32
CA ALA F 12 -44.05 -28.82 32.51
C ALA F 12 -44.06 -27.45 33.15
N GLU F 13 -43.14 -27.23 34.10
CA GLU F 13 -42.96 -25.92 34.72
C GLU F 13 -42.46 -24.88 33.72
N ILE F 14 -41.46 -25.26 32.92
CA ILE F 14 -40.89 -24.37 31.91
C ILE F 14 -41.97 -23.90 30.94
N GLN F 15 -42.85 -24.80 30.51
CA GLN F 15 -43.95 -24.44 29.61
C GLN F 15 -44.89 -23.35 30.18
N LYS F 16 -45.14 -23.36 31.49
CA LYS F 16 -46.01 -22.35 32.11
C LYS F 16 -45.25 -21.11 32.57
N TYR F 17 -43.93 -21.21 32.69
CA TYR F 17 -43.07 -20.03 32.80
C TYR F 17 -42.97 -19.29 31.45
N ARG F 18 -42.87 -20.02 30.34
CA ARG F 18 -42.90 -19.41 28.98
C ARG F 18 -44.24 -18.79 28.61
N GLU F 19 -45.30 -19.45 29.07
CA GLU F 19 -46.66 -18.96 28.93
C GLU F 19 -46.77 -17.57 29.56
N GLU F 20 -46.12 -17.37 30.70
CA GLU F 20 -46.09 -16.07 31.41
C GLU F 20 -45.19 -15.02 30.72
N ILE F 21 -44.07 -15.46 30.15
CA ILE F 21 -43.22 -14.57 29.30
C ILE F 21 -44.03 -14.04 28.13
N ASN F 22 -44.73 -14.94 27.45
CA ASN F 22 -45.56 -14.54 26.32
C ASN F 22 -46.53 -13.43 26.72
N ARG F 23 -47.25 -13.62 27.81
CA ARG F 23 -48.21 -12.60 28.30
C ARG F 23 -47.53 -11.25 28.61
N LEU F 24 -46.34 -11.34 29.20
CA LEU F 24 -45.50 -10.16 29.41
C LEU F 24 -44.99 -9.53 28.11
N ASP F 25 -44.68 -10.36 27.13
CA ASP F 25 -44.30 -9.85 25.81
C ASP F 25 -45.44 -9.09 25.13
N ARG F 26 -46.66 -9.64 25.16
N ARG F 26 -46.66 -9.64 25.16
CA ARG F 26 -47.86 -8.91 24.74
CA ARG F 26 -47.84 -8.91 24.71
C ARG F 26 -48.02 -7.56 25.45
C ARG F 26 -48.06 -7.57 25.45
N GLU F 27 -47.77 -7.53 26.76
CA GLU F 27 -47.90 -6.30 27.54
C GLU F 27 -46.87 -5.20 27.15
N ILE F 28 -45.59 -5.59 27.12
CA ILE F 28 -44.50 -4.73 26.63
C ILE F 28 -44.87 -4.20 25.25
N LEU F 29 -45.21 -5.10 24.33
CA LEU F 29 -45.57 -4.75 22.94
C LEU F 29 -46.82 -3.89 22.80
N ASP F 30 -47.87 -4.18 23.57
CA ASP F 30 -49.05 -3.33 23.60
C ASP F 30 -48.67 -1.94 24.11
N ALA F 31 -47.92 -1.85 25.19
CA ALA F 31 -47.51 -0.54 25.77
C ALA F 31 -46.55 0.26 24.89
N VAL F 32 -45.63 -0.45 24.19
CA VAL F 32 -44.71 0.22 23.24
C VAL F 32 -45.49 0.89 22.12
N LYS F 33 -46.46 0.17 21.56
CA LYS F 33 -47.38 0.75 20.55
C LYS F 33 -48.07 2.03 21.02
N ARG F 34 -48.71 1.94 22.18
CA ARG F 34 -49.42 3.04 22.79
C ARG F 34 -48.48 4.24 23.02
N ARG F 35 -47.33 3.96 23.63
CA ARG F 35 -46.27 4.97 23.85
C ARG F 35 -45.86 5.66 22.56
N THR F 36 -45.67 4.85 21.53
CA THR F 36 -45.30 5.34 20.21
C THR F 36 -46.35 6.33 19.65
N LYS F 37 -47.64 5.98 19.75
CA LYS F 37 -48.75 6.90 19.34
C LYS F 37 -48.64 8.25 20.05
N ILE F 38 -48.37 8.24 21.35
CA ILE F 38 -48.31 9.49 22.17
C ILE F 38 -47.09 10.34 21.88
N SER F 39 -45.91 9.76 21.86
CA SER F 39 -44.72 10.47 21.40
C SER F 39 -44.91 11.10 20.03
N GLN F 40 -45.44 10.35 19.06
CA GLN F 40 -45.73 10.89 17.72
C GLN F 40 -46.65 12.09 17.76
N THR F 41 -47.67 12.06 18.63
CA THR F 41 -48.61 13.22 18.79
C THR F 41 -47.93 14.46 19.36
N ILE F 42 -47.12 14.29 20.40
CA ILE F 42 -46.31 15.40 20.93
C ILE F 42 -45.44 16.05 19.84
N GLY F 43 -44.78 15.19 19.06
CA GLY F 43 -44.09 15.61 17.86
C GLY F 43 -44.93 16.51 16.95
N LYS F 44 -46.13 16.06 16.60
CA LYS F 44 -47.04 16.83 15.70
C LYS F 44 -47.57 18.14 16.31
N THR F 45 -47.81 18.12 17.61
CA THR F 45 -48.20 19.30 18.34
C THR F 45 -47.10 20.37 18.55
N ARG F 46 -45.87 19.96 18.81
CA ARG F 46 -44.76 20.90 18.85
C ARG F 46 -44.45 21.40 17.42
N MET F 47 -44.50 20.50 16.43
CA MET F 47 -44.14 20.90 15.05
C MET F 47 -45.20 21.80 14.40
N SER F 48 -46.49 21.53 14.59
CA SER F 48 -47.53 22.39 14.03
C SER F 48 -47.49 23.84 14.55
N SER F 49 -46.78 24.10 15.67
CA SER F 49 -46.56 25.48 16.18
C SER F 49 -45.11 26.02 16.06
N GLY F 50 -44.40 25.55 15.04
CA GLY F 50 -43.06 26.06 14.69
C GLY F 50 -41.97 25.58 15.62
N GLY F 51 -42.11 24.35 16.14
CA GLY F 51 -41.14 23.76 17.06
C GLY F 51 -40.29 22.67 16.40
N THR F 52 -39.34 22.14 17.16
CA THR F 52 -38.36 21.22 16.63
C THR F 52 -38.91 19.81 16.69
N ARG F 53 -38.46 18.94 15.79
CA ARG F 53 -38.84 17.53 15.91
C ARG F 53 -38.34 16.88 17.21
N LEU F 54 -37.12 17.21 17.61
CA LEU F 54 -36.42 16.50 18.71
C LEU F 54 -36.12 17.48 19.80
N VAL F 55 -36.15 16.99 21.04
CA VAL F 55 -35.82 17.78 22.23
C VAL F 55 -34.73 17.03 22.98
N HIS F 56 -33.48 17.36 22.67
CA HIS F 56 -32.30 16.71 23.23
C HIS F 56 -32.30 16.43 24.74
N THR F 57 -32.65 17.39 25.59
CA THR F 57 -32.53 17.17 27.05
C THR F 57 -33.53 16.16 27.55
N ARG F 58 -34.72 16.21 26.98
CA ARG F 58 -35.76 15.22 27.27
C ARG F 58 -35.33 13.80 26.83
N GLU F 59 -34.72 13.68 25.66
CA GLU F 59 -34.18 12.41 25.21
C GLU F 59 -33.08 11.84 26.12
N VAL F 60 -32.13 12.67 26.49
CA VAL F 60 -31.05 12.22 27.33
C VAL F 60 -31.63 11.79 28.68
N ALA F 61 -32.55 12.59 29.22
CA ALA F 61 -33.10 12.31 30.56
C ALA F 61 -33.70 10.90 30.67
N ILE F 62 -34.42 10.47 29.63
CA ILE F 62 -35.11 9.19 29.60
C ILE F 62 -34.13 8.06 29.48
N ILE F 63 -33.16 8.28 28.59
CA ILE F 63 -32.05 7.33 28.36
C ILE F 63 -31.29 7.09 29.66
N ASN F 64 -30.88 8.17 30.31
CA ASN F 64 -30.18 8.07 31.59
C ASN F 64 -30.98 7.45 32.72
N GLN F 65 -32.28 7.70 32.73
CA GLN F 65 -33.15 7.13 33.76
C GLN F 65 -33.38 5.63 33.51
N PHE F 66 -33.52 5.23 32.24
CA PHE F 66 -33.57 3.80 31.86
C PHE F 66 -32.32 3.02 32.31
N ARG F 67 -31.16 3.66 32.23
CA ARG F 67 -29.91 3.06 32.72
C ARG F 67 -29.89 2.93 34.25
N GLU F 68 -30.27 4.00 34.94
CA GLU F 68 -30.56 4.01 36.39
C GLU F 68 -31.48 2.88 36.77
N GLU F 69 -32.49 2.60 35.95
CA GLU F 69 -33.46 1.52 36.23
C GLU F 69 -33.04 0.06 35.90
N ILE F 70 -32.57 -0.21 34.68
CA ILE F 70 -32.20 -1.60 34.33
C ILE F 70 -30.72 -1.86 34.03
N GLY F 71 -29.88 -0.83 34.07
CA GLY F 71 -28.45 -0.97 33.81
C GLY F 71 -28.03 -0.87 32.34
N GLU F 72 -27.10 -1.75 31.97
CA GLU F 72 -26.44 -1.81 30.69
C GLU F 72 -27.34 -1.62 29.44
N GLU F 73 -28.48 -2.31 29.41
CA GLU F 73 -29.38 -2.29 28.29
C GLU F 73 -30.33 -1.11 28.29
N GLY F 74 -30.37 -0.37 29.37
CA GLY F 74 -31.25 0.79 29.47
C GLY F 74 -31.22 1.71 28.26
N PRO F 75 -30.00 2.20 27.88
CA PRO F 75 -29.93 3.11 26.75
C PRO F 75 -30.46 2.51 25.46
N ALA F 76 -30.18 1.24 25.22
CA ALA F 76 -30.65 0.61 24.01
C ALA F 76 -32.16 0.49 24.07
N LEU F 77 -32.71 0.12 25.23
CA LEU F 77 -34.15 -0.02 25.32
C LEU F 77 -34.82 1.34 25.03
N ALA F 78 -34.28 2.40 25.64
CA ALA F 78 -34.76 3.76 25.45
C ALA F 78 -34.59 4.21 24.00
N GLY F 79 -33.44 3.87 23.39
CA GLY F 79 -33.17 4.19 21.98
C GLY F 79 -34.24 3.65 21.04
N ILE F 80 -34.70 2.43 21.31
CA ILE F 80 -35.78 1.87 20.53
C ILE F 80 -37.06 2.72 20.67
N LEU F 81 -37.42 3.08 21.90
CA LEU F 81 -38.66 3.81 22.13
C LEU F 81 -38.56 5.18 21.54
N LEU F 82 -37.37 5.74 21.61
CA LEU F 82 -37.13 7.05 21.02
C LEU F 82 -37.22 6.97 19.48
N ARG F 83 -36.60 5.96 18.87
CA ARG F 83 -36.68 5.80 17.43
C ARG F 83 -38.09 5.55 16.92
N MET F 84 -38.88 4.74 17.63
CA MET F 84 -40.27 4.46 17.21
C MET F 84 -41.14 5.69 17.29
N GLY F 85 -40.88 6.49 18.33
CA GLY F 85 -41.71 7.63 18.71
C GLY F 85 -41.45 8.91 17.95
N ARG F 86 -40.20 9.29 17.74
CA ARG F 86 -39.86 10.46 16.91
C ARG F 86 -39.25 10.12 15.54
N GLY F 87 -39.09 8.84 15.26
CA GLY F 87 -38.62 8.36 13.96
C GLY F 87 -37.11 8.20 14.06
N LYS F 88 -36.48 7.55 13.06
CA LYS F 88 -35.01 7.56 12.96
C LYS F 88 -34.60 8.94 12.50
N LEU F 89 -33.44 9.40 12.94
CA LEU F 89 -32.93 10.70 12.52
C LEU F 89 -32.66 10.70 11.01
N GLY F 90 -32.53 11.90 10.44
CA GLY F 90 -32.40 12.04 9.00
C GLY F 90 -33.75 11.82 8.32
N PRO G 8 52.88 28.36 -12.65
CA PRO G 8 53.71 28.61 -13.83
C PRO G 8 54.43 27.36 -14.41
N LEU G 9 55.25 26.69 -13.58
CA LEU G 9 56.04 25.50 -14.00
C LEU G 9 55.17 24.26 -14.23
N SER G 10 54.24 23.99 -13.29
CA SER G 10 53.22 22.93 -13.38
C SER G 10 52.23 23.12 -14.52
N ASP G 11 51.90 24.38 -14.82
CA ASP G 11 51.02 24.75 -15.94
C ASP G 11 51.57 24.38 -17.33
N ALA G 12 52.82 24.77 -17.59
CA ALA G 12 53.50 24.42 -18.84
C ALA G 12 53.66 22.91 -18.97
N GLU G 13 54.11 22.27 -17.88
CA GLU G 13 54.22 20.81 -17.79
C GLU G 13 52.92 20.07 -18.16
N ILE G 14 51.77 20.59 -17.71
CA ILE G 14 50.47 19.94 -17.92
C ILE G 14 50.03 20.07 -19.38
N GLN G 15 50.23 21.25 -19.97
CA GLN G 15 49.97 21.42 -21.41
C GLN G 15 50.66 20.40 -22.36
N LYS G 16 51.91 20.04 -22.07
CA LYS G 16 52.64 19.01 -22.83
C LYS G 16 52.07 17.63 -22.55
N TYR G 17 51.80 17.39 -21.27
CA TYR G 17 51.12 16.14 -20.87
C TYR G 17 49.76 15.96 -21.53
N ARG G 18 49.01 17.04 -21.67
CA ARG G 18 47.69 16.95 -22.32
C ARG G 18 47.79 16.66 -23.82
N GLU G 19 48.70 17.33 -24.52
CA GLU G 19 48.86 17.06 -25.95
C GLU G 19 49.47 15.64 -26.18
N GLU G 20 50.20 15.13 -25.19
CA GLU G 20 50.64 13.76 -25.22
C GLU G 20 49.44 12.81 -24.98
N ILE G 21 48.56 13.17 -24.03
CA ILE G 21 47.28 12.49 -23.95
C ILE G 21 46.48 12.60 -25.25
N ASN G 22 46.40 13.77 -25.86
CA ASN G 22 45.70 13.88 -27.15
C ASN G 22 46.21 12.93 -28.23
N ARG G 23 47.54 12.84 -28.40
CA ARG G 23 48.10 11.92 -29.39
C ARG G 23 47.80 10.44 -29.12
N LEU G 24 47.78 10.07 -27.85
CA LEU G 24 47.38 8.73 -27.49
C LEU G 24 45.91 8.52 -27.79
N ASP G 25 45.08 9.54 -27.58
CA ASP G 25 43.64 9.43 -27.87
C ASP G 25 43.38 9.27 -29.34
N ARG G 26 44.06 10.08 -30.11
CA ARG G 26 44.18 9.91 -31.59
C ARG G 26 44.53 8.47 -31.96
N GLU G 27 45.59 7.93 -31.41
CA GLU G 27 45.92 6.54 -31.70
C GLU G 27 44.79 5.56 -31.35
N ILE G 28 44.24 5.70 -30.14
CA ILE G 28 43.14 4.82 -29.66
C ILE G 28 41.91 4.90 -30.63
N LEU G 29 41.49 6.14 -30.88
CA LEU G 29 40.39 6.44 -31.79
C LEU G 29 40.60 5.87 -33.21
N ASP G 30 41.83 5.99 -33.75
CA ASP G 30 42.13 5.45 -35.07
C ASP G 30 42.13 3.96 -35.03
N ALA G 31 42.68 3.38 -33.98
CA ALA G 31 42.70 1.94 -33.84
C ALA G 31 41.25 1.42 -33.74
N VAL G 32 40.46 1.97 -32.79
CA VAL G 32 39.06 1.57 -32.62
C VAL G 32 38.35 1.64 -33.97
N LYS G 33 38.54 2.74 -34.70
CA LYS G 33 37.83 2.92 -36.00
C LYS G 33 38.17 1.83 -37.03
N ARG G 34 39.44 1.42 -37.09
CA ARG G 34 39.81 0.36 -38.05
C ARG G 34 39.33 -1.03 -37.58
N ARG G 35 39.41 -1.24 -36.26
CA ARG G 35 38.88 -2.45 -35.63
C ARG G 35 37.41 -2.70 -35.95
N THR G 36 36.61 -1.66 -35.73
CA THR G 36 35.20 -1.70 -35.99
C THR G 36 34.97 -2.09 -37.44
N LYS G 37 35.75 -1.50 -38.33
CA LYS G 37 35.63 -1.75 -39.77
C LYS G 37 35.88 -3.23 -40.06
N ILE G 38 36.92 -3.80 -39.47
CA ILE G 38 37.21 -5.22 -39.67
C ILE G 38 36.09 -6.10 -39.11
N SER G 39 35.62 -5.76 -37.90
CA SER G 39 34.55 -6.51 -37.23
C SER G 39 33.32 -6.52 -38.10
N GLN G 40 32.94 -5.39 -38.66
CA GLN G 40 31.79 -5.34 -39.57
C GLN G 40 31.95 -6.33 -40.75
N THR G 41 33.13 -6.33 -41.34
CA THR G 41 33.43 -7.17 -42.49
C THR G 41 33.31 -8.63 -42.15
N ILE G 42 33.82 -9.04 -40.99
CA ILE G 42 33.69 -10.43 -40.53
C ILE G 42 32.23 -10.81 -40.47
N GLY G 43 31.43 -9.90 -39.92
CA GLY G 43 30.00 -10.08 -39.75
C GLY G 43 29.28 -10.24 -41.07
N LYS G 44 29.56 -9.31 -41.99
CA LYS G 44 29.00 -9.32 -43.37
C LYS G 44 29.33 -10.63 -44.10
N THR G 45 30.59 -11.03 -44.04
CA THR G 45 31.03 -12.30 -44.60
C THR G 45 30.23 -13.49 -44.03
N ARG G 46 30.28 -13.68 -42.70
CA ARG G 46 29.59 -14.79 -42.03
C ARG G 46 28.09 -14.85 -42.32
N MET G 47 27.41 -13.70 -42.26
CA MET G 47 25.96 -13.68 -42.49
C MET G 47 25.58 -13.91 -43.96
N SER G 48 26.37 -13.35 -44.89
CA SER G 48 26.19 -13.63 -46.31
C SER G 48 26.34 -15.13 -46.57
N SER G 49 27.26 -15.76 -45.82
CA SER G 49 27.49 -17.19 -45.85
C SER G 49 26.46 -18.03 -45.04
N GLY G 50 25.33 -17.46 -44.63
CA GLY G 50 24.27 -18.18 -43.87
C GLY G 50 24.43 -18.39 -42.35
N GLY G 51 25.52 -17.88 -41.76
CA GLY G 51 25.78 -18.01 -40.32
C GLY G 51 25.22 -16.87 -39.47
N THR G 52 25.55 -16.88 -38.18
CA THR G 52 24.93 -16.01 -37.19
C THR G 52 25.59 -14.64 -37.15
N ARG G 53 24.86 -13.63 -36.67
CA ARG G 53 25.41 -12.25 -36.48
C ARG G 53 26.46 -12.23 -35.35
N LEU G 54 26.12 -12.84 -34.21
CA LEU G 54 27.00 -12.88 -33.02
C LEU G 54 27.60 -14.26 -32.82
N VAL G 55 28.85 -14.30 -32.36
CA VAL G 55 29.49 -15.53 -31.91
C VAL G 55 29.88 -15.35 -30.45
N HIS G 56 29.14 -16.02 -29.56
CA HIS G 56 29.18 -15.80 -28.11
C HIS G 56 30.51 -16.11 -27.47
N THR G 57 31.00 -17.30 -27.74
CA THR G 57 32.31 -17.77 -27.27
C THR G 57 33.46 -16.81 -27.56
N ARG G 58 33.46 -16.28 -28.78
CA ARG G 58 34.47 -15.33 -29.21
C ARG G 58 34.36 -14.05 -28.42
N GLU G 59 33.14 -13.52 -28.28
CA GLU G 59 32.89 -12.29 -27.50
C GLU G 59 33.30 -12.43 -26.05
N VAL G 60 32.89 -13.53 -25.42
CA VAL G 60 33.27 -13.82 -24.02
C VAL G 60 34.79 -13.89 -23.84
N ALA G 61 35.50 -14.43 -24.82
CA ALA G 61 36.97 -14.51 -24.74
C ALA G 61 37.63 -13.13 -24.75
N ILE G 62 37.22 -12.28 -25.69
CA ILE G 62 37.73 -10.92 -25.78
C ILE G 62 37.46 -10.16 -24.47
N ILE G 63 36.22 -10.21 -23.99
CA ILE G 63 35.81 -9.61 -22.73
C ILE G 63 36.74 -10.06 -21.61
N ASN G 64 36.89 -11.36 -21.49
CA ASN G 64 37.71 -11.92 -20.44
C ASN G 64 39.20 -11.56 -20.59
N GLN G 65 39.68 -11.44 -21.83
CA GLN G 65 41.05 -11.01 -22.09
C GLN G 65 41.26 -9.58 -21.55
N PHE G 66 40.34 -8.69 -21.88
CA PHE G 66 40.43 -7.28 -21.51
C PHE G 66 40.46 -7.07 -20.01
N ARG G 67 39.67 -7.86 -19.30
CA ARG G 67 39.67 -7.93 -17.83
C ARG G 67 41.05 -8.34 -17.30
N GLU G 68 41.68 -9.38 -17.85
CA GLU G 68 43.06 -9.78 -17.46
C GLU G 68 44.01 -8.60 -17.62
N GLU G 69 43.95 -7.92 -18.76
CA GLU G 69 44.92 -6.88 -19.11
C GLU G 69 44.75 -5.61 -18.30
N ILE G 70 43.55 -5.03 -18.28
CA ILE G 70 43.34 -3.76 -17.59
C ILE G 70 42.46 -3.85 -16.35
N GLY G 71 41.99 -5.05 -16.00
CA GLY G 71 41.19 -5.23 -14.79
C GLY G 71 39.77 -4.68 -14.92
N GLU G 72 39.37 -3.90 -13.93
CA GLU G 72 37.97 -3.51 -13.72
C GLU G 72 37.19 -2.98 -14.93
N GLU G 73 37.77 -2.04 -15.67
CA GLU G 73 37.12 -1.44 -16.85
C GLU G 73 37.27 -2.27 -18.13
N GLY G 74 37.97 -3.39 -18.06
CA GLY G 74 38.14 -4.30 -19.19
C GLY G 74 36.89 -4.70 -19.92
N PRO G 75 35.87 -5.24 -19.20
CA PRO G 75 34.64 -5.63 -19.89
C PRO G 75 33.87 -4.45 -20.49
N ALA G 76 33.87 -3.32 -19.80
CA ALA G 76 33.27 -2.11 -20.34
C ALA G 76 33.91 -1.74 -21.68
N LEU G 77 35.23 -1.77 -21.76
CA LEU G 77 35.93 -1.40 -22.99
C LEU G 77 35.64 -2.39 -24.11
N ALA G 78 35.80 -3.69 -23.81
CA ALA G 78 35.43 -4.74 -24.78
C ALA G 78 34.00 -4.55 -25.28
N GLY G 79 33.06 -4.37 -24.37
CA GLY G 79 31.65 -4.18 -24.74
C GLY G 79 31.37 -3.00 -25.66
N ILE G 80 32.11 -1.90 -25.50
CA ILE G 80 32.06 -0.79 -26.45
C ILE G 80 32.49 -1.21 -27.86
N LEU G 81 33.57 -1.98 -27.94
CA LEU G 81 34.10 -2.42 -29.22
C LEU G 81 33.17 -3.42 -29.89
N LEU G 82 32.55 -4.30 -29.09
CA LEU G 82 31.64 -5.28 -29.62
C LEU G 82 30.39 -4.62 -30.20
N ARG G 83 29.79 -3.71 -29.41
CA ARG G 83 28.63 -2.94 -29.87
C ARG G 83 28.95 -2.15 -31.14
N MET G 84 30.16 -1.60 -31.21
CA MET G 84 30.62 -0.87 -32.41
C MET G 84 30.74 -1.78 -33.63
N GLY G 85 31.34 -2.94 -33.40
CA GLY G 85 31.58 -3.88 -34.47
C GLY G 85 30.41 -4.70 -35.00
N ARG G 86 29.53 -5.17 -34.11
CA ARG G 86 28.34 -5.97 -34.50
C ARG G 86 26.99 -5.37 -34.11
N GLY G 87 26.99 -4.12 -33.66
CA GLY G 87 25.74 -3.42 -33.35
C GLY G 87 25.26 -3.72 -31.94
N LYS G 88 24.36 -2.88 -31.45
CA LYS G 88 23.64 -3.20 -30.21
C LYS G 88 22.79 -4.42 -30.47
N LEU G 89 22.58 -5.24 -29.46
CA LEU G 89 21.60 -6.31 -29.59
C LEU G 89 20.20 -5.69 -29.78
N GLY G 90 19.33 -6.46 -30.41
CA GLY G 90 17.95 -6.08 -30.64
C GLY G 90 17.79 -5.41 -31.98
N PRO H 8 33.35 -23.28 -45.19
CA PRO H 8 33.67 -22.74 -46.51
C PRO H 8 35.11 -22.20 -46.62
N LEU H 9 35.35 -21.26 -47.55
CA LEU H 9 36.61 -20.51 -47.63
C LEU H 9 36.62 -19.31 -46.66
N SER H 10 35.42 -18.80 -46.33
CA SER H 10 35.22 -17.70 -45.38
C SER H 10 35.82 -17.89 -43.98
N ASP H 11 36.08 -19.13 -43.57
CA ASP H 11 36.71 -19.41 -42.27
C ASP H 11 38.17 -19.00 -42.21
N ALA H 12 38.88 -19.14 -43.34
CA ALA H 12 40.27 -18.71 -43.48
C ALA H 12 40.39 -17.19 -43.46
N GLU H 13 39.45 -16.50 -44.12
CA GLU H 13 39.39 -15.04 -44.12
C GLU H 13 39.04 -14.48 -42.74
N ILE H 14 38.06 -15.08 -42.07
CA ILE H 14 37.63 -14.65 -40.74
C ILE H 14 38.75 -14.82 -39.72
N GLN H 15 39.42 -15.96 -39.74
CA GLN H 15 40.58 -16.24 -38.85
C GLN H 15 41.75 -15.26 -39.03
N LYS H 16 41.88 -14.71 -40.24
CA LYS H 16 42.92 -13.75 -40.55
C LYS H 16 42.49 -12.32 -40.17
N TYR H 17 41.21 -12.03 -40.33
CA TYR H 17 40.62 -10.79 -39.82
C TYR H 17 40.63 -10.74 -38.27
N ARG H 18 40.38 -11.87 -37.63
CA ARG H 18 40.42 -11.95 -36.18
C ARG H 18 41.80 -11.73 -35.58
N GLU H 19 42.84 -12.24 -36.25
CA GLU H 19 44.22 -12.02 -35.79
C GLU H 19 44.57 -10.51 -35.88
N GLU H 20 44.02 -9.83 -36.90
CA GLU H 20 44.13 -8.35 -36.98
C GLU H 20 43.42 -7.62 -35.84
N ILE H 21 42.22 -8.08 -35.49
CA ILE H 21 41.48 -7.52 -34.37
C ILE H 21 42.29 -7.71 -33.10
N ASN H 22 42.92 -8.89 -32.97
CA ASN H 22 43.77 -9.18 -31.81
C ASN H 22 44.93 -8.22 -31.72
N ARG H 23 45.58 -7.96 -32.84
CA ARG H 23 46.71 -7.02 -32.88
C ARG H 23 46.22 -5.61 -32.52
N LEU H 24 45.05 -5.21 -33.03
CA LEU H 24 44.45 -3.93 -32.68
C LEU H 24 44.02 -3.83 -31.20
N ASP H 25 43.50 -4.92 -30.64
CA ASP H 25 43.08 -4.93 -29.23
C ASP H 25 44.29 -4.78 -28.31
N ARG H 26 45.36 -5.50 -28.60
CA ARG H 26 46.67 -5.23 -28.00
C ARG H 26 47.15 -3.77 -28.11
N GLU H 27 46.98 -3.12 -29.27
CA GLU H 27 47.41 -1.72 -29.46
C GLU H 27 46.61 -0.76 -28.57
N ILE H 28 45.29 -0.88 -28.65
CA ILE H 28 44.30 -0.17 -27.83
C ILE H 28 44.66 -0.31 -26.35
N LEU H 29 44.81 -1.55 -25.90
CA LEU H 29 45.17 -1.84 -24.52
C LEU H 29 46.51 -1.27 -24.08
N ASP H 30 47.60 -1.54 -24.82
CA ASP H 30 48.90 -0.90 -24.53
C ASP H 30 48.76 0.59 -24.48
N ALA H 31 48.05 1.22 -25.41
CA ALA H 31 47.91 2.71 -25.41
C ALA H 31 47.01 3.26 -24.31
N VAL H 32 45.97 2.49 -23.95
CA VAL H 32 45.11 2.80 -22.79
C VAL H 32 45.93 2.78 -21.54
N LYS H 33 46.71 1.75 -21.35
CA LYS H 33 47.66 1.68 -20.21
C LYS H 33 48.59 2.88 -20.12
N ARG H 34 49.21 3.24 -21.23
CA ARG H 34 50.14 4.36 -21.26
C ARG H 34 49.45 5.68 -20.93
N ARG H 35 48.29 5.88 -21.54
CA ARG H 35 47.46 7.07 -21.30
C ARG H 35 47.08 7.18 -19.83
N THR H 36 46.76 6.05 -19.25
CA THR H 36 46.36 6.00 -17.84
C THR H 36 47.52 6.49 -16.96
N LYS H 37 48.74 5.93 -17.17
CA LYS H 37 49.98 6.37 -16.50
C LYS H 37 50.15 7.89 -16.55
N ILE H 38 50.01 8.48 -17.73
CA ILE H 38 50.19 9.94 -17.92
C ILE H 38 49.09 10.80 -17.26
N SER H 39 47.83 10.45 -17.44
CA SER H 39 46.73 11.07 -16.70
C SER H 39 46.95 11.07 -15.18
N GLN H 40 47.43 9.96 -14.59
CA GLN H 40 47.66 9.91 -13.12
C GLN H 40 48.77 10.84 -12.67
N THR H 41 49.86 10.90 -13.46
CA THR H 41 50.97 11.85 -13.24
C THR H 41 50.47 13.30 -13.20
N ILE H 42 49.64 13.69 -14.16
CA ILE H 42 49.07 15.05 -14.18
C ILE H 42 48.29 15.36 -12.89
N GLY H 43 47.47 14.39 -12.48
CA GLY H 43 46.79 14.46 -11.20
C GLY H 43 47.72 14.57 -9.98
N LYS H 44 48.80 13.78 -9.94
CA LYS H 44 49.80 13.87 -8.84
C LYS H 44 50.56 15.20 -8.88
N THR H 45 50.85 15.70 -10.07
CA THR H 45 51.53 16.96 -10.22
C THR H 45 50.62 18.13 -9.81
N ARG H 46 49.42 18.20 -10.36
CA ARG H 46 48.41 19.19 -9.95
C ARG H 46 48.06 19.15 -8.43
N MET H 47 47.92 17.97 -7.84
CA MET H 47 47.58 17.86 -6.40
C MET H 47 48.77 18.14 -5.47
N SER H 48 50.00 17.91 -5.94
CA SER H 48 51.18 18.28 -5.16
C SER H 48 51.37 19.80 -5.12
N SER H 49 50.74 20.51 -6.07
CA SER H 49 50.74 21.97 -6.10
C SER H 49 49.53 22.63 -5.42
N GLY H 50 48.68 21.85 -4.75
CA GLY H 50 47.47 22.40 -4.12
C GLY H 50 46.28 22.61 -5.04
N GLY H 51 46.27 21.94 -6.19
CA GLY H 51 45.13 21.92 -7.11
C GLY H 51 44.14 20.75 -6.89
N THR H 52 43.12 20.73 -7.72
CA THR H 52 42.00 19.79 -7.63
C THR H 52 42.37 18.44 -8.25
N ARG H 53 41.77 17.36 -7.79
CA ARG H 53 41.95 16.07 -8.52
C ARG H 53 41.41 16.10 -9.96
N LEU H 54 40.23 16.65 -10.14
CA LEU H 54 39.53 16.70 -11.43
C LEU H 54 39.50 18.12 -11.97
N VAL H 55 39.46 18.22 -13.32
CA VAL H 55 39.18 19.46 -14.06
C VAL H 55 38.00 19.23 -15.01
N HIS H 56 36.83 19.74 -14.63
CA HIS H 56 35.55 19.48 -15.31
C HIS H 56 35.49 19.87 -16.78
N THR H 57 35.92 21.08 -17.12
CA THR H 57 35.92 21.51 -18.54
C THR H 57 36.84 20.69 -19.40
N ARG H 58 37.92 20.19 -18.83
CA ARG H 58 38.83 19.30 -19.59
C ARG H 58 38.20 17.92 -19.82
N GLU H 59 37.48 17.40 -18.83
CA GLU H 59 36.76 16.13 -19.01
C GLU H 59 35.64 16.25 -20.06
N VAL H 60 34.83 17.27 -19.93
CA VAL H 60 33.70 17.46 -20.85
C VAL H 60 34.22 17.61 -22.28
N ALA H 61 35.32 18.34 -22.45
CA ALA H 61 35.87 18.54 -23.79
C ALA H 61 36.28 17.21 -24.43
N ILE H 62 36.98 16.37 -23.67
CA ILE H 62 37.43 15.07 -24.17
C ILE H 62 36.24 14.17 -24.50
N ILE H 63 35.25 14.19 -23.61
CA ILE H 63 34.01 13.49 -23.80
C ILE H 63 33.23 13.90 -25.05
N ASN H 64 33.04 15.20 -25.25
CA ASN H 64 32.38 15.67 -26.47
C ASN H 64 33.23 15.43 -27.72
N GLN H 65 34.54 15.61 -27.58
CA GLN H 65 35.48 15.28 -28.66
C GLN H 65 35.31 13.81 -29.12
N PHE H 66 35.32 12.86 -28.20
CA PHE H 66 35.11 11.43 -28.55
C PHE H 66 33.75 11.16 -29.27
N ARG H 67 32.68 11.83 -28.84
CA ARG H 67 31.35 11.70 -29.49
C ARG H 67 31.37 12.18 -30.93
N GLU H 68 31.94 13.36 -31.19
CA GLU H 68 32.16 13.86 -32.54
C GLU H 68 32.92 12.87 -33.37
N GLU H 69 33.91 12.22 -32.79
CA GLU H 69 34.69 11.21 -33.52
C GLU H 69 33.97 9.86 -33.83
N ILE H 70 33.41 9.17 -32.82
CA ILE H 70 32.85 7.84 -33.04
C ILE H 70 31.33 7.68 -32.82
N GLY H 71 30.63 8.76 -32.46
CA GLY H 71 29.19 8.73 -32.25
C GLY H 71 28.73 8.37 -30.84
N GLU H 72 27.59 7.72 -30.79
CA GLU H 72 26.94 7.15 -29.63
C GLU H 72 27.85 6.65 -28.47
N GLU H 73 28.92 5.89 -28.79
CA GLU H 73 29.77 5.26 -27.77
C GLU H 73 30.91 6.17 -27.31
N GLY H 74 31.11 7.28 -27.96
CA GLY H 74 32.22 8.16 -27.59
C GLY H 74 32.28 8.54 -26.13
N PRO H 75 31.15 9.02 -25.55
CA PRO H 75 31.18 9.39 -24.13
C PRO H 75 31.54 8.20 -23.23
N ALA H 76 31.01 7.03 -23.58
CA ALA H 76 31.32 5.84 -22.83
C ALA H 76 32.80 5.49 -22.93
N LEU H 77 33.34 5.48 -24.14
CA LEU H 77 34.78 5.22 -24.31
C LEU H 77 35.64 6.18 -23.47
N ALA H 78 35.37 7.47 -23.63
CA ALA H 78 36.03 8.54 -22.86
C ALA H 78 35.89 8.33 -21.36
N GLY H 79 34.70 7.92 -20.94
CA GLY H 79 34.43 7.68 -19.53
C GLY H 79 35.32 6.61 -18.92
N ILE H 80 35.58 5.54 -19.68
CA ILE H 80 36.54 4.53 -19.25
C ILE H 80 37.94 5.11 -19.04
N LEU H 81 38.36 6.02 -19.90
CA LEU H 81 39.72 6.55 -19.86
C LEU H 81 39.86 7.50 -18.73
N LEU H 82 38.81 8.27 -18.50
CA LEU H 82 38.79 9.23 -17.42
C LEU H 82 38.80 8.48 -16.07
N ARG H 83 37.95 7.47 -15.92
CA ARG H 83 37.94 6.65 -14.71
C ARG H 83 39.23 5.89 -14.44
N MET H 84 39.86 5.35 -15.47
CA MET H 84 41.15 4.64 -15.28
C MET H 84 42.23 5.64 -14.90
N GLY H 85 42.18 6.80 -15.54
CA GLY H 85 43.17 7.87 -15.36
C GLY H 85 43.13 8.70 -14.08
N ARG H 86 41.95 9.14 -13.66
CA ARG H 86 41.81 9.93 -12.41
C ARG H 86 41.07 9.23 -11.28
N GLY H 87 40.60 8.01 -11.56
CA GLY H 87 40.05 7.11 -10.56
C GLY H 87 38.56 7.24 -10.64
N LYS H 88 37.81 6.29 -10.06
CA LYS H 88 36.37 6.51 -9.83
C LYS H 88 36.22 7.68 -8.89
N LEU H 89 35.16 8.47 -9.07
CA LEU H 89 34.83 9.51 -8.12
C LEU H 89 34.47 8.91 -6.75
N GLY H 90 34.53 9.75 -5.72
CA GLY H 90 34.32 9.30 -4.34
C GLY H 90 35.55 8.59 -3.79
C1 GOL I . -1.09 -49.28 -29.74
O1 GOL I . -0.31 -49.77 -28.64
C2 GOL I . -0.59 -49.79 -31.08
O2 GOL I . -0.11 -48.73 -31.88
C3 GOL I . -1.72 -50.51 -31.81
O3 GOL I . -1.42 -50.76 -33.20
C1 GOL J . 0.70 -3.16 -42.35
O1 GOL J . 1.29 -4.30 -41.69
C2 GOL J . 1.42 -2.85 -43.67
O2 GOL J . 0.50 -2.86 -44.77
C3 GOL J . 2.12 -1.49 -43.59
O3 GOL J . 2.39 -1.02 -44.91
C1 PEG K . 0.56 -18.43 -8.77
O1 PEG K . 1.75 -18.92 -9.42
C2 PEG K . -0.70 -19.00 -9.41
O2 PEG K . -0.55 -19.07 -10.83
C3 PEG K . -1.09 -17.92 -11.49
C4 PEG K . -2.54 -18.24 -11.82
O4 PEG K . -3.46 -17.37 -11.16
C1 PEG L . 3.60 -9.70 -14.18
O1 PEG L . 4.25 -10.80 -13.56
C2 PEG L . 2.45 -9.21 -13.29
O2 PEG L . 1.27 -8.96 -14.08
C3 PEG L . 1.44 -7.91 -15.04
C4 PEG L . 1.21 -6.54 -14.41
O4 PEG L . 0.22 -5.87 -15.18
C1 PGE M . 18.62 6.19 -34.31
O1 PGE M . 17.47 6.51 -33.51
C2 PGE M . 18.72 4.69 -34.59
O2 PGE M . 17.43 4.10 -34.75
C3 PGE M . 16.69 4.48 -35.92
C4 PGE M . 15.38 5.19 -35.52
O4 PGE M . 15.77 4.60 -38.90
C6 PGE M . 15.76 6.04 -38.78
C5 PGE M . 14.99 6.53 -37.53
O3 PGE M . 14.56 5.46 -36.67
MN MN N . 10.40 -29.53 -27.85
P PO4 O . 6.62 -27.54 -32.79
O1 PO4 O . 7.33 -27.75 -31.47
O2 PO4 O . 7.36 -28.30 -33.85
O3 PO4 O . 6.60 -26.08 -33.20
O4 PO4 O . 5.18 -27.99 -32.73
P PO4 P . 10.69 -37.89 -34.87
O1 PO4 P . 11.01 -38.82 -33.72
O2 PO4 P . 11.78 -37.97 -35.90
O3 PO4 P . 10.58 -36.47 -34.35
O4 PO4 P . 9.38 -38.31 -35.47
N TRP Q . 5.03 -9.48 -8.70
CA TRP Q . 5.74 -8.43 -9.51
C TRP Q . 5.62 -8.72 -10.99
O TRP Q . 5.71 -7.81 -11.84
CB TRP Q . 7.23 -8.31 -9.10
CG TRP Q . 7.93 -9.65 -9.01
CD1 TRP Q . 8.00 -10.47 -7.90
CD2 TRP Q . 8.62 -10.33 -10.06
NE1 TRP Q . 8.70 -11.62 -8.22
CE2 TRP Q . 9.10 -11.55 -9.53
CE3 TRP Q . 8.90 -10.01 -11.40
CZ2 TRP Q . 9.83 -12.46 -10.30
CZ3 TRP Q . 9.62 -10.92 -12.16
CH2 TRP Q . 10.08 -12.13 -11.61
OXT TRP Q . 5.41 -9.87 -11.38
C1 GOL R . -15.37 -25.82 -13.22
O1 GOL R . -14.85 -26.42 -12.03
C2 GOL R . -15.47 -24.31 -13.00
O2 GOL R . -16.58 -23.82 -13.75
C3 GOL R . -14.17 -23.63 -13.47
O3 GOL R . -13.87 -22.41 -12.81
C1 GOL S . -5.13 -15.18 6.21
O1 GOL S . -4.97 -14.27 5.12
C2 GOL S . -4.05 -14.95 7.28
O2 GOL S . -3.59 -16.21 7.81
C3 GOL S . -4.60 -14.09 8.41
O3 GOL S . -3.54 -13.52 9.21
C1 GOL T . 9.40 -28.59 0.82
O1 GOL T . 9.68 -27.63 1.84
C2 GOL T . 10.56 -29.57 0.57
O2 GOL T . 11.55 -29.58 1.61
C3 GOL T . 10.00 -30.98 0.38
O3 GOL T . 11.08 -31.91 0.24
C1 GOL U . -17.10 -16.93 -7.69
O1 GOL U . -15.84 -16.25 -7.89
C2 GOL U . -16.87 -18.32 -7.07
O2 GOL U . -15.78 -18.26 -6.17
C3 GOL U . -18.08 -18.85 -6.31
O3 GOL U . -19.08 -19.40 -7.18
C1 GOL V . 12.72 -21.54 24.17
O1 GOL V . 12.03 -21.91 22.95
C2 GOL V . 12.10 -20.30 24.84
O2 GOL V . 10.67 -20.37 24.80
C3 GOL V . 12.47 -20.18 26.32
O3 GOL V . 13.83 -19.76 26.51
C1 GOL W . -13.73 -60.88 6.56
O1 GOL W . -14.61 -60.87 5.44
C2 GOL W . -12.27 -60.64 6.18
O2 GOL W . -12.08 -59.39 5.49
C3 GOL W . -11.42 -60.62 7.45
O3 GOL W . -10.04 -60.83 7.12
C1 GOL X . 10.04 -30.53 16.94
O1 GOL X . 10.35 -31.90 16.66
C2 GOL X . 9.74 -30.43 18.43
O2 GOL X . 10.96 -30.72 19.13
C3 GOL X . 9.23 -29.06 18.89
O3 GOL X . 9.79 -28.00 18.11
C1 GOL Y . -9.12 -57.41 7.94
O1 GOL Y . -9.06 -56.67 9.17
C2 GOL Y . -8.42 -56.67 6.80
O2 GOL Y . -7.17 -57.32 6.50
C3 GOL Y . -9.27 -56.62 5.54
O3 GOL Y . -8.48 -56.31 4.38
C1 GOL Z . -2.08 -53.23 13.34
O1 GOL Z . -1.81 -53.67 12.00
C2 GOL Z . -3.60 -53.19 13.55
O2 GOL Z . -4.15 -54.50 13.37
C3 GOL Z . -3.95 -52.67 14.94
O3 GOL Z . -4.05 -51.25 14.93
C1 GOL AA . -17.86 -44.69 16.48
O1 GOL AA . -17.35 -44.60 17.81
C2 GOL AA . -17.51 -46.05 15.88
O2 GOL AA . -17.40 -45.94 14.46
C3 GOL AA . -18.57 -47.10 16.19
O3 GOL AA . -18.43 -48.14 15.21
C1 PEG BA . -3.82 -20.17 -0.09
O1 PEG BA . -5.09 -20.38 0.53
C2 PEG BA . -2.79 -21.14 0.47
O2 PEG BA . -2.82 -21.03 1.91
C3 PEG BA . -1.67 -21.57 2.55
C4 PEG BA . -0.57 -20.52 2.59
O4 PEG BA . 0.67 -21.13 2.98
O1 PG4 CA . -13.91 -10.42 38.74
C1 PG4 CA . -15.17 -10.57 38.06
C2 PG4 CA . -15.68 -9.26 37.47
O2 PG4 CA . -14.83 -8.85 36.39
C3 PG4 CA . -15.46 -8.09 35.35
C4 PG4 CA . -16.21 -8.97 34.35
O3 PG4 CA . -17.58 -8.56 34.21
C5 PG4 CA . -17.86 -7.52 33.26
C6 PG4 CA . -17.70 -6.12 33.87
O4 PG4 CA . -16.35 -5.66 33.75
C7 PG4 CA . -16.12 -4.38 34.33
C8 PG4 CA . -14.81 -3.78 33.78
O5 PG4 CA . -14.34 -2.67 34.56
MN MN DA . -16.03 -36.49 12.79
P PO4 EA . -12.23 -37.32 17.99
O1 PO4 EA . -10.89 -37.98 17.88
O2 PO4 EA . -12.05 -36.07 18.81
O3 PO4 EA . -13.21 -38.24 18.66
O4 PO4 EA . -12.78 -36.95 16.63
N TRP FA . -6.61 -11.26 3.87
CA TRP FA . -7.25 -10.53 5.03
C TRP FA . -7.31 -11.40 6.29
O TRP FA . -7.11 -12.60 6.20
CB TRP FA . -8.66 -10.03 4.65
CG TRP FA . -9.54 -11.10 4.08
CD1 TRP FA . -9.71 -11.42 2.77
CD2 TRP FA . -10.33 -12.03 4.84
NE1 TRP FA . -10.57 -12.48 2.65
CE2 TRP FA . -10.96 -12.89 3.90
CE3 TRP FA . -10.57 -12.23 6.20
CZ2 TRP FA . -11.82 -13.91 4.30
CZ3 TRP FA . -11.42 -13.25 6.59
CH2 TRP FA . -12.04 -14.09 5.64
OXT TRP FA . -7.58 -10.93 7.40
C1 GOL GA . -37.33 29.23 -12.99
O1 GOL GA . -38.13 30.04 -13.89
C2 GOL GA . -38.16 28.02 -12.54
O2 GOL GA . -37.33 26.90 -12.23
C3 GOL GA . -39.07 28.36 -11.36
O3 GOL GA . -39.95 27.26 -11.13
C1 GOL HA . -31.29 36.56 -11.55
O1 GOL HA . -31.11 37.80 -12.25
C2 GOL HA . -31.38 36.70 -10.01
O2 GOL HA . -32.74 36.71 -9.63
C3 GOL HA . -30.69 35.51 -9.30
O3 GOL HA . -30.13 35.72 -8.01
C1 GOL IA . -24.82 43.26 12.54
O1 GOL IA . -25.04 41.93 12.08
C2 GOL IA . -25.66 43.53 13.77
O2 GOL IA . -27.03 43.76 13.42
C3 GOL IA . -25.09 44.73 14.52
O3 GOL IA . -24.84 45.82 13.61
C1 GOL JA . -15.00 23.90 -21.13
O1 GOL JA . -16.40 23.77 -20.81
C2 GOL JA . -14.25 24.35 -19.88
O2 GOL JA . -12.87 23.98 -20.02
C3 GOL JA . -14.39 25.85 -19.59
O3 GOL JA . -14.32 26.70 -20.75
C1 GOL KA . -14.84 29.85 -15.13
O1 GOL KA . -15.37 30.84 -14.25
C2 GOL KA . -15.02 28.44 -14.55
O2 GOL KA . -16.33 28.30 -14.02
C3 GOL KA . -14.78 27.38 -15.64
O3 GOL KA . -13.91 27.79 -16.73
C1 GOL LA . 2.80 49.49 7.96
O1 GOL LA . 3.10 50.85 7.63
C2 GOL LA . 2.67 49.38 9.47
O2 GOL LA . 1.78 50.40 9.94
C3 GOL LA . 2.15 48.02 9.93
O3 GOL LA . 2.36 47.01 8.94
C1 GOL MA . -3.48 23.46 -26.74
O1 GOL MA . -3.50 22.78 -28.01
C2 GOL MA . -2.45 22.72 -25.90
O2 GOL MA . -2.11 23.51 -24.74
C3 GOL MA . -3.00 21.32 -25.60
O3 GOL MA . -2.60 20.83 -24.31
C1 GOL NA . -17.13 4.13 24.65
O1 GOL NA . -16.61 3.80 23.34
C2 GOL NA . -16.00 4.61 25.59
O2 GOL NA . -15.95 6.04 25.62
C3 GOL NA . -16.13 4.10 27.04
O3 GOL NA . -16.96 5.00 27.84
C1 GOL OA . 1.51 37.08 12.95
O1 GOL OA . 1.92 36.55 11.67
C2 GOL OA . 2.12 38.45 13.15
O2 GOL OA . 3.53 38.36 12.93
C3 GOL OA . 1.50 39.43 12.17
O3 GOL OA . 2.18 40.69 12.15
C1 GOL PA . -15.23 55.81 9.07
O1 GOL PA . -15.71 54.89 8.10
C2 GOL PA . -13.71 55.77 9.17
O2 GOL PA . -13.25 54.46 9.53
C3 GOL PA . -13.04 56.18 7.86
O3 GOL PA . -11.64 55.84 7.91
C1 GOL QA . -26.41 49.03 15.54
O1 GOL QA . -25.46 49.07 14.45
C2 GOL QA . -25.74 48.85 16.92
O2 GOL QA . -24.33 48.64 16.77
C3 GOL QA . -26.05 50.05 17.84
O3 GOL QA . -25.25 50.09 19.04
C1 GOL RA . -15.40 6.50 19.17
O1 GOL RA . -14.90 6.33 20.49
C2 GOL RA . -14.25 6.30 18.20
O2 GOL RA . -13.96 4.89 18.05
C3 GOL RA . -14.58 6.90 16.85
O3 GOL RA . -14.15 8.26 16.76
C1 GOL SA . -11.05 32.21 21.81
O1 GOL SA . -11.94 31.10 22.10
C2 GOL SA . -10.01 32.44 22.93
O2 GOL SA . -9.44 33.77 22.86
C3 GOL SA . -8.86 31.41 22.87
O3 GOL SA . -8.72 30.78 24.14
C1 GOL TA . 2.85 26.12 -30.32
O1 GOL TA . 1.72 26.83 -29.82
C2 GOL TA . 2.79 26.13 -31.84
O2 GOL TA . 4.15 26.29 -32.34
C3 GOL TA . 2.12 24.84 -32.33
O3 GOL TA . 1.56 24.98 -33.63
C1 GOL UA . -9.58 16.44 22.32
O1 GOL UA . -8.47 16.00 23.13
C2 GOL UA . -10.57 17.39 23.03
O2 GOL UA . -11.25 18.15 22.03
C3 GOL UA . -9.90 18.32 24.06
O3 GOL UA . -10.87 19.14 24.72
C1 GOL VA . -22.81 42.93 27.19
O1 GOL VA . -24.04 43.42 26.64
C2 GOL VA . -21.82 42.56 26.09
O2 GOL VA . -20.63 42.02 26.68
C3 GOL VA . -22.43 41.55 25.12
O3 GOL VA . -22.81 42.19 23.88
C1 GOL WA . -1.01 13.44 -0.57
O1 GOL WA . 0.19 14.22 -0.77
C2 GOL WA . -2.15 14.28 0.02
O2 GOL WA . -1.66 15.01 1.16
C3 GOL WA . -2.74 15.27 -0.99
O3 GOL WA . -3.75 14.65 -1.80
C1 GOL XA . 2.83 25.25 -18.94
O1 GOL XA . 2.95 25.50 -20.36
C2 GOL XA . 3.43 26.36 -18.04
O2 GOL XA . 3.76 27.56 -18.76
C3 GOL XA . 4.69 25.91 -17.29
O3 GOL XA . 5.55 25.17 -18.15
C1 GOL YA . -11.56 11.35 32.61
O1 GOL YA . -11.24 10.27 33.49
C2 GOL YA . -10.31 11.98 31.95
O2 GOL YA . -10.19 11.60 30.56
C3 GOL YA . -10.35 13.49 32.02
O3 GOL YA . -9.81 13.94 33.27
C1 GOL ZA . -12.75 14.53 34.81
O1 GOL ZA . -14.17 14.26 34.78
C2 GOL ZA . -12.47 15.83 35.60
O2 GOL ZA . -12.65 15.59 36.99
C3 GOL ZA . -13.38 16.99 35.22
O3 GOL ZA . -13.43 17.14 33.81
C1 PEG AB . -12.65 11.04 -2.52
O1 PEG AB . -14.00 11.55 -2.41
C2 PEG AB . -11.81 11.03 -1.23
O2 PEG AB . -11.40 12.31 -0.72
C3 PEG AB . -10.33 12.30 0.28
C4 PEG AB . -10.55 13.33 1.40
O4 PEG AB . -9.74 14.53 1.32
C1 PEG BB . -42.18 41.11 -6.33
O1 PEG BB . -41.16 40.60 -7.20
C2 PEG BB . -43.56 41.20 -6.99
O2 PEG BB . -43.50 42.15 -8.07
C3 PEG BB . -44.39 41.95 -9.17
C4 PEG BB . -43.91 40.78 -10.03
O4 PEG BB . -44.99 39.85 -10.16
C1 PEG CB . 6.47 26.28 -22.28
O1 PEG CB . 6.86 26.18 -20.90
C2 PEG CB . 6.61 27.73 -22.77
O2 PEG CB . 5.65 28.58 -22.12
C3 PEG CB . 5.48 29.89 -22.67
C4 PEG CB . 4.09 30.36 -22.37
O4 PEG CB . 3.79 30.05 -20.99
C1 PGE DB . 7.04 47.30 5.35
O1 PGE DB . 7.41 48.68 5.28
C2 PGE DB . 5.56 47.18 5.00
O2 PGE DB . 5.29 45.93 4.34
C3 PGE DB . 5.44 44.70 5.09
C4 PGE DB . 4.70 44.68 6.43
O4 PGE DB . 3.56 42.14 10.26
C6 PGE DB . 3.69 42.01 8.84
C5 PGE DB . 3.92 43.39 8.26
O3 PGE DB . 4.57 43.35 6.97
C1 PGE EB . 4.60 21.63 19.68
O1 PGE EB . 4.05 22.42 18.63
C2 PGE EB . 3.91 21.95 21.01
O2 PGE EB . 3.80 23.37 21.22
C3 PGE EB . 2.78 23.66 22.18
C4 PGE EB . 3.08 24.98 22.89
O4 PGE EB . 3.38 23.35 27.15
C6 PGE EB . 2.45 24.09 26.36
C5 PGE EB . 3.20 24.92 25.33
O3 PGE EB . 2.40 24.97 24.14
C1 PGE FB . 0.15 28.33 -8.86
O1 PGE FB . 0.36 28.51 -7.46
C2 PGE FB . 0.30 29.67 -9.57
O2 PGE FB . 1.68 30.06 -9.60
C3 PGE FB . 2.09 30.96 -10.67
C4 PGE FB . 1.94 32.44 -10.28
O4 PGE FB . -0.30 35.79 -11.15
C6 PGE FB . 1.06 35.36 -10.92
C5 PGE FB . 1.41 34.21 -11.86
O3 PGE FB . 2.40 33.30 -11.34
C1 PGE GB . 1.69 45.34 14.65
O1 PGE GB . 1.74 45.66 16.04
C2 PGE GB . 2.31 43.96 14.40
O2 PGE GB . 2.12 43.05 15.50
C3 PGE GB . 0.82 42.44 15.63
C4 PGE GB . 0.67 41.28 14.65
O4 PGE GB . -0.59 37.15 16.68
C6 PGE GB . -1.15 38.33 16.10
C5 PGE GB . -0.18 39.51 16.04
O3 PGE GB . -0.40 40.35 14.89
C1 PGE HB . 18.83 22.89 -41.68
O1 PGE HB . 19.31 23.64 -40.55
C2 PGE HB . 18.57 21.43 -41.28
O2 PGE HB . 17.53 20.87 -42.10
C3 PGE HB . 17.99 20.47 -43.38
C4 PGE HB . 16.95 19.62 -44.13
O4 PGE HB . 19.72 19.97 -45.73
C6 PGE HB . 18.99 18.81 -46.12
C5 PGE HB . 18.59 17.91 -44.94
O3 PGE HB . 17.31 18.24 -44.39
O1 PG4 IB . -14.63 13.36 -15.02
C1 PG4 IB . -14.34 12.29 -14.08
C2 PG4 IB . -15.55 11.95 -13.22
O2 PG4 IB . -15.61 12.71 -11.99
C3 PG4 IB . -15.79 14.13 -12.13
C4 PG4 IB . -14.51 14.89 -11.76
O3 PG4 IB . -14.03 15.76 -12.78
C5 PG4 IB . -13.95 17.15 -12.42
C6 PG4 IB . -15.30 17.84 -12.55
O4 PG4 IB . -16.23 17.07 -13.34
C7 PG4 IB . -16.03 17.04 -14.76
C8 PG4 IB . -17.33 17.45 -15.44
O5 PG4 IB . -17.41 18.88 -15.49
MN MN JB . -21.03 33.74 11.91
P PO4 KB . -24.44 34.67 6.45
O1 PO4 KB . -23.34 34.28 7.40
O2 PO4 KB . -25.17 33.42 6.07
O3 PO4 KB . -25.34 35.69 7.08
O4 PO4 KB . -23.88 35.29 5.19
N TRP LB . -7.37 9.89 5.15
CA TRP LB . -8.70 9.21 5.25
C TRP LB . -9.86 10.18 5.00
O TRP LB . -10.96 9.83 4.53
CB TRP LB . -8.83 8.55 6.62
CG TRP LB . -8.63 9.53 7.71
CD1 TRP LB . -7.43 9.89 8.30
CD2 TRP LB . -9.63 10.34 8.31
NE1 TRP LB . -7.65 10.87 9.23
CE2 TRP LB . -8.99 11.17 9.25
CE3 TRP LB . -11.02 10.45 8.12
CZ2 TRP LB . -9.70 12.08 10.03
CZ3 TRP LB . -11.71 11.36 8.89
CH2 TRP LB . -11.06 12.16 9.84
OXT TRP LB . -9.69 11.38 5.29
C1 GOL MB . 43.14 14.13 20.71
O1 GOL MB . 43.50 12.86 20.15
C2 GOL MB . 41.74 14.07 21.35
O2 GOL MB . 41.19 12.76 21.15
C3 GOL MB . 41.75 14.36 22.85
O3 GOL MB . 40.51 15.02 23.21
C1 GOL NB . 34.42 31.45 17.65
O1 GOL NB . 33.49 31.68 16.57
C2 GOL NB . 34.66 32.74 18.44
O2 GOL NB . 33.40 33.41 18.64
C3 GOL NB . 35.42 32.40 19.75
O3 GOL NB . 35.30 33.38 20.78
C1 GOL OB . 33.18 42.29 5.45
O1 GOL OB . 32.63 42.61 6.73
C2 GOL OB . 33.23 40.77 5.28
O2 GOL OB . 31.96 40.20 5.52
C3 GOL OB . 33.72 40.40 3.89
O3 GOL OB . 35.05 39.88 3.98
C1 GOL PB . 34.30 47.39 4.16
O1 GOL PB . 33.93 48.04 2.92
C2 GOL PB . 33.56 46.05 4.36
O2 GOL PB . 32.33 45.99 3.61
C3 GOL PB . 33.23 45.78 5.82
O3 GOL PB . 34.33 45.29 6.58
C1 GOL QB . 6.33 12.71 16.02
O1 GOL QB . 7.13 11.73 15.34
C2 GOL QB . 5.29 12.11 17.00
O2 GOL QB . 5.23 12.92 18.19
C3 GOL QB . 3.91 11.94 16.33
O3 GOL QB . 2.84 12.75 16.87
C1 GOL RB . 19.80 16.33 23.89
O1 GOL RB . 19.66 14.98 24.36
C2 GOL RB . 19.71 17.27 25.10
O2 GOL RB . 20.95 17.27 25.81
C3 GOL RB . 19.38 18.67 24.64
O3 GOL RB . 19.68 19.61 25.68
C1 GOL SB . 30.98 42.03 14.56
O1 GOL SB . 32.37 41.93 14.18
C2 GOL SB . 30.72 41.89 16.08
O2 GOL SB . 30.98 40.57 16.59
C3 GOL SB . 29.27 42.29 16.42
O3 GOL SB . 29.21 42.94 17.70
C1 GOL TB . 17.22 35.99 -6.01
O1 GOL TB . 17.93 35.39 -7.13
C2 GOL TB . 18.03 35.93 -4.69
O2 GOL TB . 18.30 37.26 -4.17
C3 GOL TB . 17.32 35.06 -3.62
O3 GOL TB . 17.56 35.46 -2.25
C1 GOL UB . 22.70 50.46 14.87
O1 GOL UB . 21.60 50.77 13.99
C2 GOL UB . 24.05 50.82 14.25
O2 GOL UB . 24.40 52.17 14.59
C3 GOL UB . 25.17 49.94 14.76
O3 GOL UB . 26.36 50.15 13.98
C1 GOL VB . 1.79 5.71 43.76
O1 GOL VB . 2.97 5.10 44.25
C2 GOL VB . 0.58 5.17 44.51
O2 GOL VB . 0.92 5.05 45.89
C3 GOL VB . -0.63 6.09 44.31
O3 GOL VB . -1.85 5.44 44.70
C1 GOL WB . 9.12 9.66 6.05
O1 GOL WB . 8.91 8.37 6.63
C2 GOL WB . 9.12 10.83 7.09
O2 GOL WB . 8.79 10.35 8.40
C3 GOL WB . 10.42 11.67 7.13
O3 GOL WB . 10.24 12.96 6.55
C1 GOL XB . 42.63 10.31 16.71
O1 GOL XB . 41.94 9.15 17.21
C2 GOL XB . 44.00 9.97 16.16
O2 GOL XB . 43.92 9.12 15.00
C3 GOL XB . 44.75 11.25 15.80
O3 GOL XB . 46.16 11.07 16.10
C1 GOL YB . 12.81 10.54 3.52
O1 GOL YB . 12.71 9.60 4.59
C2 GOL YB . 11.88 11.75 3.77
O2 GOL YB . 12.51 12.60 4.74
C3 GOL YB . 11.61 12.49 2.44
O3 GOL YB . 10.31 12.32 1.90
C1 PEG ZB . 1.49 21.84 -11.45
O1 PEG ZB . 1.24 23.25 -11.51
C2 PEG ZB . 1.97 21.47 -10.03
O2 PEG ZB . 3.10 20.60 -9.97
C3 PEG ZB . 4.27 20.89 -10.76
C4 PEG ZB . 4.77 22.33 -10.73
O4 PEG ZB . 5.22 22.69 -9.41
C1 PEG AC . -0.08 10.62 40.12
O1 PEG AC . 0.90 11.35 39.38
C2 PEG AC . 0.18 9.13 39.85
O2 PEG AC . 1.51 8.76 40.21
C3 PEG AC . 1.65 8.43 41.60
C4 PEG AC . 3.07 8.70 42.13
O4 PEG AC . 3.11 9.74 43.12
C1 PEG BC . 5.11 11.91 34.11
O1 PEG BC . 5.63 12.68 35.20
C2 PEG BC . 6.25 11.28 33.32
O2 PEG BC . 5.81 10.03 32.80
C3 PEG BC . 6.41 8.88 33.44
C4 PEG BC . 5.83 7.60 32.85
O4 PEG BC . 5.37 7.78 31.50
C1 PEG CC . 17.30 9.97 -19.97
O1 PEG CC . 16.83 8.73 -20.53
C2 PEG CC . 18.68 10.33 -20.52
O2 PEG CC . 18.67 11.62 -21.14
C3 PEG CC . 18.12 11.61 -22.47
C4 PEG CC . 17.86 13.03 -22.95
O4 PEG CC . 18.93 13.46 -23.82
C1 PEG DC . 19.10 7.41 21.25
O1 PEG DC . 20.42 7.48 21.79
C2 PEG DC . 19.19 7.18 19.75
O2 PEG DC . 17.89 6.91 19.22
C3 PEG DC . 17.74 7.34 17.85
C4 PEG DC . 16.89 6.33 17.08
O4 PEG DC . 15.56 6.85 16.96
C1 PEG EC . 46.11 13.12 23.73
O1 PEG EC . 45.20 14.22 23.54
C2 PEG EC . 46.05 12.14 22.56
O2 PEG EC . 45.74 10.82 23.03
C3 PEG EC . 44.36 10.60 23.39
C4 PEG EC . 43.54 10.04 22.22
O4 PEG EC . 43.82 8.65 22.03
C1 PGE FC . -16.29 6.06 46.31
O1 PGE FC . -16.70 7.00 47.30
C2 PGE FC . -15.20 5.16 46.87
O2 PGE FC . -15.63 3.79 46.84
C3 PGE FC . -15.04 2.95 47.84
C4 PGE FC . -15.94 2.94 49.06
O4 PGE FC . -16.64 -0.48 48.27
C6 PGE FC . -17.77 0.22 48.83
C5 PGE FC . -17.35 1.16 49.95
O3 PGE FC . -16.03 1.62 49.64
C1 PGE GC . -11.37 -10.19 47.25
O1 PGE GC . -12.41 -11.12 47.55
C2 PGE GC . -10.23 -10.80 46.43
O2 PGE GC . -9.58 -11.87 47.15
C3 PGE GC . -8.97 -12.89 46.34
C4 PGE GC . -7.76 -12.38 45.51
O4 PGE GC . -5.16 -13.17 49.35
C6 PGE GC . -5.85 -13.62 48.18
C5 PGE GC . -5.99 -12.50 47.16
O3 PGE GC . -6.55 -13.01 45.94
O1 PG4 HC . 5.30 13.35 6.48
C1 PG4 HC . 5.54 12.27 7.40
C2 PG4 HC . 6.11 12.80 8.73
O2 PG4 HC . 7.29 13.60 8.58
C3 PG4 HC . 7.38 14.73 9.48
C4 PG4 HC . 8.24 15.85 8.89
O3 PG4 HC . 7.60 17.15 8.76
C5 PG4 HC . 7.21 17.56 7.44
C6 PG4 HC . 8.35 18.13 6.59
O4 PG4 HC . 8.05 19.43 6.07
C7 PG4 HC . 6.91 19.69 5.25
C8 PG4 HC . 6.74 18.78 4.03
O5 PG4 HC . 7.60 19.09 2.89
O1 PG4 IC . 36.70 29.22 14.69
C1 PG4 IC . 37.68 30.15 15.18
C2 PG4 IC . 37.81 31.29 14.19
O2 PG4 IC . 36.49 31.76 13.86
C3 PG4 IC . 36.41 33.14 13.48
C4 PG4 IC . 35.89 34.00 14.64
O3 PG4 IC . 35.69 35.37 14.22
C5 PG4 IC . 34.95 36.20 15.12
C6 PG4 IC . 35.87 36.81 16.18
O4 PG4 IC . 35.16 37.07 17.39
C7 PG4 IC . 35.87 37.90 18.32
C8 PG4 IC . 35.93 37.21 19.69
O5 PG4 IC . 37.28 37.03 20.14
O1 PG4 JC . -2.38 17.15 22.80
C1 PG4 JC . -2.82 17.66 21.53
C2 PG4 JC . -1.74 17.41 20.48
O2 PG4 JC . -2.38 17.02 19.26
C3 PG4 JC . -1.58 16.42 18.23
C4 PG4 JC . -1.12 14.99 18.55
O3 PG4 JC . 0.08 14.52 17.89
C5 PG4 JC . 1.26 15.35 17.94
C6 PG4 JC . 1.55 16.07 19.26
O4 PG4 JC . 1.41 15.22 20.39
C7 PG4 JC . 2.63 14.64 20.86
C8 PG4 JC . 2.26 13.41 21.68
O5 PG4 JC . 1.95 13.82 23.02
MN MN KC . 26.77 31.68 2.49
P PO4 LC . 30.04 29.73 7.76
O1 PO4 LC . 30.39 28.28 7.49
O2 PO4 LC . 31.27 30.59 7.55
O3 PO4 LC . 29.54 29.90 9.18
O4 PO4 LC . 29.00 30.16 6.74
P PO4 MC . 7.41 42.12 3.75
O1 PO4 MC . 8.53 42.68 4.57
O2 PO4 MC . 7.98 40.91 3.05
O3 PO4 MC . 6.25 41.72 4.66
O4 PO4 MC . 6.91 43.12 2.74
N TRP NC . 9.16 9.76 -0.86
CA TRP NC . 10.43 9.04 -1.24
C TRP NC . 11.66 9.74 -0.63
O TRP NC . 12.72 9.13 -0.35
CB TRP NC . 10.57 8.95 -2.78
CG TRP NC . 10.53 10.29 -3.39
CD1 TRP NC . 9.42 11.01 -3.76
CD2 TRP NC . 11.65 11.14 -3.61
NE1 TRP NC . 9.79 12.25 -4.22
CE2 TRP NC . 11.16 12.36 -4.14
CE3 TRP NC . 13.03 10.99 -3.44
CZ2 TRP NC . 12.00 13.41 -4.50
CZ3 TRP NC . 13.87 12.04 -3.79
CH2 TRP NC . 13.35 13.24 -4.31
OXT TRP NC . 11.57 10.96 -0.40
C1 GOL OC . -50.18 27.13 18.69
O1 GOL OC . -50.52 26.76 17.35
C2 GOL OC . -50.40 25.98 19.67
O2 GOL OC . -49.76 24.79 19.17
C3 GOL OC . -51.88 25.68 19.87
O3 GOL OC . -52.53 26.76 20.55
C1 GOL PC . -36.72 -4.85 41.47
O1 GOL PC . -36.17 -3.63 41.99
C2 GOL PC . -35.62 -5.87 41.11
O2 GOL PC . -36.18 -7.01 40.44
C3 GOL PC . -34.53 -5.27 40.21
O3 GOL PC . -35.11 -4.68 39.05
C1 GOL QC . -33.13 -9.09 43.98
O1 GOL QC . -34.14 -8.28 43.37
C2 GOL QC . -33.43 -10.56 43.71
O2 GOL QC . -33.82 -10.68 42.34
C3 GOL QC . -34.51 -11.13 44.64
O3 GOL QC . -34.57 -12.56 44.61
C1 GOL RC . -38.98 21.29 26.34
O1 GOL RC . -40.39 21.08 26.25
C2 GOL RC . -38.50 21.29 27.80
O2 GOL RC . -39.56 21.72 28.66
C3 GOL RC . -37.98 19.92 28.24
O3 GOL RC . -36.56 19.94 28.41
C1 PGE SC . -37.26 -6.67 45.04
O1 PGE SC . -36.47 -7.16 43.95
C2 PGE SC . -37.77 -7.87 45.83
O2 PGE SC . -36.91 -8.09 46.96
C3 PGE SC . -35.80 -8.97 46.71
C4 PGE SC . -34.72 -8.74 47.79
O4 PGE SC . -31.34 -9.85 48.29
C6 PGE SC . -32.08 -9.19 49.32
C5 PGE SC . -33.45 -9.85 49.48
O3 PGE SC . -34.12 -9.96 48.22
C1 PGE TC . -35.30 -4.70 48.15
O1 PGE TC . -34.41 -5.76 48.57
C2 PGE TC . -36.75 -4.97 48.59
O2 PGE TC . -36.93 -4.86 50.02
C3 PGE TC . -36.69 -6.05 50.80
C4 PGE TC . -36.05 -5.74 52.17
O4 PGE TC . -31.53 -6.10 51.58
C6 PGE TC . -32.32 -5.60 52.69
C5 PGE TC . -33.72 -6.22 52.68
O3 PGE TC . -34.67 -5.34 52.07
C1 PGE UC . -45.49 -6.16 35.95
O1 PGE UC . -46.49 -6.92 35.25
C2 PGE UC . -46.06 -5.63 37.28
O2 PGE UC . -45.07 -4.97 38.09
C3 PGE UC . -44.20 -5.82 38.87
C4 PGE UC . -44.89 -6.38 40.12
O4 PGE UC . -47.02 -10.49 41.63
C6 PGE UC . -46.58 -9.70 40.51
C5 PGE UC . -46.04 -8.34 40.94
O3 PGE UC . -45.20 -7.76 39.93
C1 TSA VC . -35.59 -17.15 27.00
C2 TSA VC . -35.90 -17.80 25.66
C3 TSA VC . -35.15 -18.80 25.17
C4 TSA VC . -33.93 -19.40 25.87
O5 TSA VC . -32.78 -19.33 25.04
C5 TSA VC . -33.69 -18.75 27.23
C6 TSA VC . -34.08 -17.25 27.22
O7 TSA VC . -34.39 -19.49 28.27
C8 TSA VC . -35.81 -19.28 28.44
C9 TSA VC . -36.31 -17.86 28.13
C10 TSA VC . -36.09 -15.73 27.04
O1 TSA VC . -35.53 -14.89 27.78
O2 TSA VC . -37.13 -15.44 26.39
C11 TSA VC . -36.58 -20.31 27.65
O3 TSA VC . -35.95 -21.30 27.23
O4 TSA VC . -37.80 -20.18 27.43
C1 GOL WC . -37.67 3.17 42.82
O1 GOL WC . -38.97 2.93 43.36
C2 GOL WC . -37.73 3.06 41.28
O2 GOL WC . -37.16 4.26 40.71
C3 GOL WC . -37.02 1.81 40.75
O3 GOL WC . -37.93 0.73 40.46
C1 GOL XC . -38.41 13.40 34.40
O1 GOL XC . -39.75 13.30 33.95
C2 GOL XC . -37.71 12.06 34.16
O2 GOL XC . -38.42 11.29 33.17
C3 GOL XC . -36.25 12.27 33.74
O3 GOL XC . -35.37 11.39 34.48
C1 GOL YC . -37.80 10.95 11.43
O1 GOL YC . -37.49 11.72 12.61
C2 GOL YC . -39.05 11.37 10.62
O2 GOL YC . -39.73 12.51 11.16
C3 GOL YC . -38.53 11.68 9.21
O3 GOL YC . -39.45 12.39 8.38
C1 GOL ZC . -32.73 9.99 43.60
O1 GOL ZC . -32.26 10.07 44.97
C2 GOL ZC . -31.73 9.09 42.84
O2 GOL ZC . -32.35 8.34 41.78
C3 GOL ZC . -30.61 9.92 42.23
O3 GOL ZC . -29.41 9.18 42.41
C1 GOL AD . -27.29 8.20 39.80
O1 GOL AD . -28.31 7.65 40.63
C2 GOL AD . -27.39 7.55 38.42
O2 GOL AD . -27.86 8.52 37.47
C3 GOL AD . -26.06 6.96 37.98
O3 GOL AD . -25.06 7.99 37.94
C1 GOL BD . -53.09 26.68 14.80
O1 GOL BD . -52.97 28.08 15.08
C2 GOL BD . -51.92 26.23 13.94
O2 GOL BD . -50.70 26.40 14.69
C3 GOL BD . -52.11 24.77 13.50
O3 GOL BD . -52.22 24.72 12.07
C1 PEG CD . -36.98 -0.32 47.43
O1 PEG CD . -36.26 0.90 47.13
C2 PEG CD . -37.65 -0.86 46.16
O2 PEG CD . -37.57 0.11 45.10
C3 PEG CD . -36.95 -0.31 43.88
C4 PEG CD . -35.45 -0.09 43.91
O4 PEG CD . -34.84 -1.10 43.09
C1 PGE DD . -27.73 -3.68 51.90
O1 PGE DD . -27.97 -4.54 53.02
C2 PGE DD . -28.86 -2.65 51.81
O2 PGE DD . -28.41 -1.34 52.20
C3 PGE DD . -27.68 -0.63 51.17
C4 PGE DD . -28.60 -0.04 50.08
O4 PGE DD . -28.68 -0.18 45.29
C6 PGE DD . -29.22 -0.60 46.56
C5 PGE DD . -28.78 0.34 47.69
O3 PGE DD . -28.11 -0.34 48.76
C1 PGE ED . -21.12 4.81 34.02
O1 PGE ED . -22.47 5.28 34.14
C2 PGE ED . -21.03 3.34 34.43
O2 PGE ED . -21.93 2.53 33.65
C3 PGE ED . -21.36 1.47 32.86
C4 PGE ED . -20.98 1.96 31.46
O4 PGE ED . -18.48 1.24 29.30
C6 PGE ED . -18.11 2.42 30.02
C5 PGE ED . -19.33 3.30 30.29
O3 PGE ED . -19.93 2.93 31.54
C1 TSA FD . -40.11 11.85 22.78
C2 TSA FD . -39.07 12.56 23.63
C3 TSA FD . -38.33 13.62 23.20
C4 TSA FD . -38.48 14.23 21.81
O5 TSA FD . -37.25 14.08 21.08
C5 TSA FD . -39.63 13.57 21.04
C6 TSA FD . -39.71 12.06 21.34
O7 TSA FD . -40.86 14.26 21.33
C8 TSA FD . -41.61 13.91 22.51
C9 TSA FD . -41.49 12.46 22.95
C10 TSA FD . -40.29 10.41 23.18
O1 TSA FD . -40.22 10.08 24.38
O2 TSA FD . -40.56 9.56 22.32
C11 TSA FD . -41.28 14.84 23.63
O3 TSA FD . -41.33 14.49 24.84
O4 TSA FD . -40.92 15.98 23.32
C1 GOL GD . 40.46 4.12 -40.58
O1 GOL GD . 39.93 2.78 -40.45
C2 GOL GD . 40.55 4.92 -39.25
O2 GOL GD . 41.45 4.30 -38.35
C3 GOL GD . 41.06 6.35 -39.49
O3 GOL GD . 40.68 7.21 -38.41
C1 GOL HD . 37.23 6.65 -40.92
O1 GOL HD . 36.53 7.89 -40.86
C2 GOL HD . 36.33 5.45 -40.52
O2 GOL HD . 35.34 5.80 -39.51
C3 GOL HD . 35.64 4.84 -41.76
O3 GOL HD . 34.88 5.76 -42.55
C1 GOL ID . 55.04 23.28 -6.56
O1 GOL ID . 55.07 21.99 -5.94
C2 GOL ID . 55.29 23.13 -8.07
O2 GOL ID . 54.20 22.42 -8.65
C3 GOL ID . 55.42 24.48 -8.78
O3 GOL ID . 56.62 24.45 -9.58
C1 GOL JD . 38.13 10.35 -47.73
O1 GOL JD . 38.36 11.67 -47.23
C2 GOL JD . 36.84 10.33 -48.55
O2 GOL JD . 37.15 10.15 -49.95
C3 GOL JD . 35.93 9.20 -48.07
O3 GOL JD . 34.81 8.90 -48.92
C1 GOL KD . 39.09 12.69 -37.64
O1 GOL KD . 39.13 11.78 -38.74
C2 GOL KD . 39.90 13.97 -37.93
O2 GOL KD . 39.71 14.46 -39.26
C3 GOL KD . 39.49 15.09 -36.97
O3 GOL KD . 39.77 14.73 -35.60
C1 GOL LD . 42.71 -13.48 -28.06
O1 GOL LD . 43.40 -12.24 -28.04
C2 GOL LD . 41.76 -13.55 -26.86
O2 GOL LD . 40.42 -13.55 -27.35
C3 GOL LD . 41.98 -14.80 -26.00
O3 GOL LD . 41.54 -14.55 -24.66
C1 PEG MD . 31.34 4.86 -36.48
O1 PEG MD . 30.06 4.47 -35.96
C2 PEG MD . 32.24 3.65 -36.83
O2 PEG MD . 31.71 2.93 -37.97
C3 PEG MD . 32.55 2.02 -38.73
C4 PEG MD . 33.89 2.62 -39.18
O4 PEG MD . 34.97 2.40 -38.24
C1 PEG ND . 43.02 -19.46 -20.33
O1 PEG ND . 43.68 -20.65 -19.83
C2 PEG ND . 44.02 -18.32 -20.54
O2 PEG ND . 45.29 -18.84 -20.97
C3 PEG ND . 46.43 -18.06 -20.64
C4 PEG ND . 46.93 -18.35 -19.21
O4 PEG ND . 48.35 -18.61 -19.17
C1 PEG OD . 42.32 6.74 -43.20
O1 PEG OD . 41.16 5.96 -42.86
C2 PEG OD . 42.82 6.32 -44.58
O2 PEG OD . 41.70 6.15 -45.47
C3 PEG OD . 41.22 4.83 -45.65
C4 PEG OD . 39.71 4.86 -45.85
O4 PEG OD . 39.39 4.38 -47.16
C1 PGE PD . 36.73 6.88 -45.78
O1 PGE PD . 36.91 6.28 -44.50
C2 PGE PD . 36.48 5.78 -46.82
O2 PGE PD . 35.17 5.21 -46.69
C3 PGE PD . 34.15 5.89 -47.43
C4 PGE PD . 34.10 5.39 -48.87
O4 PGE PD . 31.29 6.48 -48.68
C6 PGE PD . 31.26 6.41 -50.12
C5 PGE PD . 32.65 6.11 -50.69
O3 PGE PD . 33.69 6.44 -49.75
C1 TSA QD . 33.41 -9.50 -33.19
C2 TSA QD . 33.57 -10.73 -32.31
C3 TSA QD . 32.64 -11.69 -32.25
C4 TSA QD . 31.35 -11.70 -33.08
O5 TSA QD . 30.17 -11.79 -32.23
C5 TSA QD . 31.30 -10.48 -34.02
C6 TSA QD . 31.94 -9.22 -33.38
O7 TSA QD . 31.93 -10.77 -35.29
C8 TSA QD . 33.36 -10.80 -35.40
C9 TSA QD . 33.99 -9.69 -34.59
C10 TSA QD . 34.16 -8.31 -32.62
O1 TSA QD . 35.22 -8.54 -32.00
O2 TSA QD . 33.76 -7.13 -32.82
C11 TSA QD . 33.95 -12.17 -35.08
O3 TSA QD . 35.17 -12.33 -34.79
O4 TSA QD . 33.22 -13.17 -35.09
C1 GOL RD . 39.35 7.01 -6.23
O1 GOL RD . 38.07 6.61 -5.68
C2 GOL RD . 39.55 8.54 -6.30
O2 GOL RD . 39.67 9.01 -7.66
C3 GOL RD . 40.77 8.96 -5.51
O3 GOL RD . 41.95 8.49 -6.16
C1 GOL SD . 41.19 18.94 -26.89
O1 GOL SD . 41.27 17.51 -27.03
C2 GOL SD . 39.87 19.34 -26.24
O2 GOL SD . 39.88 20.76 -26.11
C3 GOL SD . 38.61 18.97 -27.04
O3 GOL SD . 38.82 19.04 -28.45
C1 GOL TD . 44.30 6.09 -10.12
O1 GOL TD . 43.10 5.30 -9.92
C2 GOL TD . 43.97 7.56 -9.88
O2 GOL TD . 45.00 8.48 -10.27
C3 GOL TD . 43.62 7.79 -8.42
O3 GOL TD . 44.79 7.88 -7.61
C1 GOL UD . 35.59 21.56 -36.63
O1 GOL UD . 35.09 22.55 -37.57
C2 GOL UD . 34.46 20.62 -36.13
O2 GOL UD . 34.94 19.47 -35.38
C3 GOL UD . 33.48 21.40 -35.25
O3 GOL UD . 32.16 21.05 -35.62
C1 GOL VD . 56.21 21.35 -3.11
O1 GOL VD . 57.36 21.73 -3.90
C2 GOL VD . 55.71 19.93 -3.46
O2 GOL VD . 56.23 19.50 -4.72
C3 GOL VD . 56.04 18.89 -2.38
O3 GOL VD . 54.82 18.46 -1.75
C1 TSA WD . 42.39 13.68 -17.20
C2 TSA WD . 41.50 14.83 -17.63
C3 TSA WD . 40.97 15.71 -16.74
C4 TSA WD . 41.20 15.65 -15.23
O5 TSA WD . 39.99 15.45 -14.50
C5 TSA WD . 42.19 14.56 -14.88
C6 TSA WD . 42.01 13.33 -15.79
O7 TSA WD . 43.51 15.11 -14.93
C8 TSA WD . 44.25 15.14 -16.17
C9 TSA WD . 43.85 14.09 -17.20
C10 TSA WD . 42.34 12.49 -18.15
O1 TSA WD . 42.52 11.35 -17.73
O2 TSA WD . 42.23 12.67 -19.37
C11 TSA WD . 44.19 16.50 -16.78
O3 TSA WD . 43.91 17.44 -16.02
O4 TSA WD . 44.42 16.68 -18.00
#